data_5V7J
#
_entry.id   5V7J
#
_cell.length_a   131.160
_cell.length_b   131.160
_cell.length_c   315.240
_cell.angle_alpha   90.00
_cell.angle_beta   90.00
_cell.angle_gamma   120.00
#
_symmetry.space_group_name_H-M   'P 63'
#
loop_
_entity.id
_entity.type
_entity.pdbx_description
1 polymer 'Envelope glycoprotein gp160'
2 polymer 'Envelope glycoprotein gp160'
3 polymer 'Antibody 3H+109L Fab light chain'
4 polymer 'Antibody 3H+109L Fab heavy chain'
5 polymer 'Antibody 35O22 Fab light chain'
6 polymer 'Antibody 35O22 Fab heavy chain'
7 branched alpha-D-mannopyranose-(1-3)-alpha-D-mannopyranose-(1-6)-[alpha-D-mannopyranose-(1-3)]beta-D-mannopyranose-(1-4)-2-acetamido-2-deoxy-beta-D-glucopyranose-(1-4)-2-acetamido-2-deoxy-beta-D-glucopyranose
8 branched alpha-D-mannopyranose-(1-3)-[alpha-D-mannopyranose-(1-6)]alpha-D-mannopyranose-(1-6)-[alpha-D-mannopyranose-(1-3)]beta-D-mannopyranose-(1-4)-2-acetamido-2-deoxy-beta-D-glucopyranose-(1-4)-2-acetamido-2-deoxy-beta-D-glucopyranose
9 branched alpha-D-mannopyranose-(1-2)-alpha-D-mannopyranose-(1-2)-alpha-D-mannopyranose-(1-3)-[alpha-D-mannopyranose-(1-6)]beta-D-mannopyranose-(1-4)-2-acetamido-2-deoxy-beta-D-glucopyranose-(1-4)-2-acetamido-2-deoxy-beta-D-glucopyranose
10 branched beta-D-mannopyranose-(1-4)-2-acetamido-2-deoxy-beta-D-glucopyranose-(1-4)-2-acetamido-2-deoxy-beta-D-glucopyranose
11 branched alpha-D-mannopyranose-(1-2)-alpha-D-mannopyranose-(1-2)-alpha-D-mannopyranose-(1-3)-[alpha-D-mannopyranose-(1-6)-alpha-D-mannopyranose-(1-6)]beta-D-mannopyranose-(1-4)-2-acetamido-2-deoxy-beta-D-glucopyranose-(1-4)-2-acetamido-2-deoxy-beta-D-glucopyranose
12 branched alpha-D-mannopyranose-(1-2)-alpha-D-mannopyranose-(1-3)-alpha-D-mannopyranose-(1-6)-beta-D-mannopyranose-(1-4)-2-acetamido-2-deoxy-beta-D-glucopyranose-(1-4)-2-acetamido-2-deoxy-beta-D-glucopyranose
13 branched alpha-D-mannopyranose-(1-2)-alpha-D-mannopyranose-(1-2)-alpha-D-mannopyranose-(1-3)-[alpha-D-mannopyranose-(1-2)-alpha-D-mannopyranose-(1-6)-[alpha-D-mannopyranose-(1-3)]alpha-D-mannopyranose-(1-6)]beta-D-mannopyranose-(1-4)-2-acetamido-2-deoxy-beta-D-glucopyranose-(1-4)-2-acetamido-2-deoxy-beta-D-glucopyranose
14 branched alpha-D-mannopyranose-(1-2)-alpha-D-mannopyranose-(1-3)-alpha-D-mannopyranose-(1-6)-[alpha-D-mannopyranose-(1-3)]beta-D-mannopyranose-(1-4)-2-acetamido-2-deoxy-beta-D-glucopyranose-(1-4)-2-acetamido-2-deoxy-beta-D-glucopyranose
15 branched 2-acetamido-2-deoxy-beta-D-glucopyranose-(1-4)-2-acetamido-2-deoxy-beta-D-glucopyranose
16 non-polymer 2-acetamido-2-deoxy-beta-D-glucopyranose
#
loop_
_entity_poly.entity_id
_entity_poly.type
_entity_poly.pdbx_seq_one_letter_code
_entity_poly.pdbx_strand_id
1 'polypeptide(L)'
;ENLWVTVYYGVPVWKDAETTLFCASDAKAYETEKHNVWATHACVPTDPNPQEIHLENVTEEFNMWKNNMVEQMHTDIISL
WDQSLKPCVKLTPLCVTLQCTNVTNNITDDMRGELKNCSFNMTTELRDKKQKVYSLFYRLDVVQINENQGNRSNNSNKEY
RLINCNTAAITQACPKVSFEPIPIHYCAPAGFAILKCKDKKFNGTGPCPSVSTVQCTHGIKPVVSTQLLLNGSLAEEEVM
IRSENIANNAKNILVQFNTPVQINCTRPNNNTRKSIRIGPGQAFYATGDIIGDIRQAHCNVSKATWNETLGKVVKQLRKH
FGNNTIIRFANSAGGDLEVTTHSFNCGGEFFYCNTSGLFNSTWISNTSVQGSNSTGSNDSITLPCRIKQIINMWQRIGQA
MYAPPIQGVIRCVSNITGLILTRDGGSTNSATETFRPGGGDMRDNWRSELYKYKVVKIEPLGVAPTRCKRRVVGRRRRRR
;
G
2 'polypeptide(L)'
;AVGIGAVFLGFLGAAGSTMGAASMTLTVQARNLLSGIVQQQSNLLRAPEAQQHLLKLTVWGIKQLQARVLAVERYLRDQQ
LLGIWGCSGKLICCTNVPWNSSWSNRNLSEIWDNMTWLQWDKEISNYTQIIYGLLEESQNQQEKNEQDLLALD
;
B
3 'polypeptide(L)'
;GSVTSYVRPLSVALGETASISCGRQALGSRAVQWYQHRPGQAPILLIYNNQDRPSGIPERFSGTPDINFGTRATLTISGV
EAGDEADYYCHMWDSRSGFSWSFGGATRLTVLGQPKAAPSVTLFPPSSEELQANKATLVCLISDFYPGAVTVAWKADSSP
VKAGVETTTPSKQSNNKYAASSYLSLTPEQWKSHKSYSCQVTHEGSTVEKTVAPTECS
;
L
4 'polypeptide(L)'
;QVQLQESGPGLVKPSETLSLTCTVSGGSISNYYWSWIRQSPGKGLEWIGYISDSESTNYNPSLKSRVIISVDTSKNQLSL
KLNSVTAADSAIYYCARAQQGKRIYGMVSFGEFFYYYYMDVWGKGTTVTVSSASTKGPSVFPLAPSSKSTSGGTAALGCL
VKDYFPEPVTVSWNSGALTSGVHTFPAVLQSSGLYSLSSVVTVPSSSLGTQTYICNVNHKPSNTKVDKKVEPKSCD
;
H
5 'polypeptide(L)'
;EGQLVQSGAELKKPGASVKISCKTSGYRFNFYHINWIRQTAGRGPEWMGWISPYSGDKNLAPAFQDRVIMTTDTEVPVTS
FTSTGAAYMEIRNLKFDDTGTYFCAKGLLRDGSSTWLPYLWGQGTLLTVSSASTKGPSVFPLAPSSKSTSGGTAALGCLV
KDYFPEPVTVSWNSGALTSGVHTFPAVLQSSGLYSLSSVVTVPSSSLGTQTYICNVNHKPSNTKVDKRVEPKSCDKGLEV
;
D
6 'polypeptide(L)'
;QSVLTQSASVSGSLGQSVTISCTGPNSVCCSHKSISWYQWPPGRAPTLIIYEDNERAPGISPRFSGYKSYWSAYLTISDL
RPEDETTYYCCSYTHNSGCVFGTGTKVSVLGQSKANPSVTLFPPSSEELQANKATLVCLISDFYPGAVTVAWKADSSPVK
AGVETTTPSKQSNNKYAASSYLSLTPEQWKSHRSYSCQVTHEGSTVEKTVAPTECS
;
E
#
# COMPACT_ATOMS: atom_id res chain seq x y z
N GLU A 1 63.73 -7.33 4.82
CA GLU A 1 63.09 -8.48 5.44
C GLU A 1 62.75 -8.21 6.90
N ASN A 2 62.97 -6.98 7.33
CA ASN A 2 62.60 -6.53 8.67
C ASN A 2 61.30 -5.73 8.60
N LEU A 3 60.42 -5.96 9.56
CA LEU A 3 59.05 -5.45 9.50
C LEU A 3 58.75 -4.61 10.73
N TRP A 4 58.40 -3.35 10.52
CA TRP A 4 57.89 -2.46 11.55
C TRP A 4 56.37 -2.35 11.41
N VAL A 5 55.72 -1.94 12.50
CA VAL A 5 54.26 -1.81 12.56
C VAL A 5 53.95 -0.34 12.80
N THR A 6 53.47 0.36 11.77
CA THR A 6 53.44 1.80 11.79
C THR A 6 52.00 2.29 11.63
N VAL A 7 51.70 3.47 12.18
CA VAL A 7 50.32 3.89 12.35
C VAL A 7 49.92 4.88 11.25
N TYR A 8 48.61 5.04 11.06
CA TYR A 8 48.04 5.91 10.04
C TYR A 8 46.77 6.55 10.59
N TYR A 9 46.61 7.85 10.35
CA TYR A 9 45.44 8.59 10.80
C TYR A 9 44.44 8.72 9.65
N GLY A 10 43.21 8.28 9.89
CA GLY A 10 42.15 8.50 8.93
C GLY A 10 41.89 7.31 8.05
N VAL A 11 41.94 6.11 8.62
CA VAL A 11 41.73 4.90 7.84
C VAL A 11 40.23 4.69 7.67
N PRO A 12 39.75 4.36 6.47
CA PRO A 12 38.33 4.09 6.28
C PRO A 12 37.92 2.83 7.02
N VAL A 13 37.29 3.00 8.17
CA VAL A 13 37.06 1.91 9.10
C VAL A 13 35.85 2.27 9.94
N TRP A 14 35.14 1.25 10.43
CA TRP A 14 33.91 1.56 11.16
C TRP A 14 33.49 0.38 12.01
N LYS A 15 32.69 0.68 13.02
CA LYS A 15 32.18 -0.28 14.00
C LYS A 15 30.70 -0.01 14.24
N ASP A 16 29.92 -1.07 14.42
CA ASP A 16 28.52 -0.93 14.80
C ASP A 16 28.40 -0.01 16.00
N ALA A 17 27.96 1.22 15.76
CA ALA A 17 27.97 2.27 16.78
C ALA A 17 26.59 2.45 17.39
N GLU A 18 26.58 2.61 18.72
CA GLU A 18 25.38 2.97 19.46
C GLU A 18 25.62 4.36 20.03
N THR A 19 24.84 5.33 19.55
CA THR A 19 24.99 6.71 19.96
C THR A 19 23.71 7.44 19.60
N THR A 20 23.56 8.63 20.15
CA THR A 20 22.35 9.42 19.95
C THR A 20 22.54 10.37 18.78
N LEU A 21 21.53 10.41 17.91
CA LEU A 21 21.57 11.16 16.66
C LEU A 21 20.70 12.40 16.79
N PHE A 22 20.75 13.26 15.77
CA PHE A 22 20.02 14.52 15.82
C PHE A 22 19.34 14.77 14.48
N CYS A 23 18.41 15.73 14.49
CA CYS A 23 17.55 16.03 13.36
C CYS A 23 18.02 17.29 12.65
N ALA A 24 17.82 17.31 11.34
CA ALA A 24 18.15 18.48 10.52
C ALA A 24 17.08 18.63 9.45
N SER A 25 16.40 19.78 9.43
CA SER A 25 15.35 20.03 8.45
C SER A 25 15.43 21.48 8.00
N ASP A 26 15.28 21.70 6.70
CA ASP A 26 15.28 23.04 6.15
C ASP A 26 14.18 23.88 6.81
N ALA A 27 14.57 25.06 7.29
CA ALA A 27 13.70 25.86 8.15
C ALA A 27 12.65 26.60 7.33
N LYS A 28 11.39 26.45 7.74
CA LYS A 28 10.30 27.25 7.19
C LYS A 28 10.09 28.47 8.07
N ALA A 29 10.20 29.66 7.47
CA ALA A 29 9.87 30.88 8.19
C ALA A 29 8.44 30.77 8.68
N TYR A 30 7.47 30.84 7.77
CA TYR A 30 6.09 30.47 8.05
C TYR A 30 5.57 31.28 9.25
N GLU A 31 5.57 32.61 9.05
CA GLU A 31 5.20 33.54 10.11
C GLU A 31 3.69 33.66 10.28
N THR A 32 2.90 33.00 9.42
CA THR A 32 1.46 33.00 9.54
C THR A 32 1.04 32.27 10.81
N GLU A 33 1.08 30.95 10.78
CA GLU A 33 0.85 30.13 11.96
C GLU A 33 2.23 29.71 12.51
N LYS A 34 2.25 29.03 13.63
CA LYS A 34 3.51 28.66 14.22
C LYS A 34 3.52 27.32 14.92
N HIS A 35 4.69 26.98 15.44
CA HIS A 35 4.87 25.80 16.27
C HIS A 35 4.57 24.41 15.74
N ASN A 36 5.48 23.86 14.95
CA ASN A 36 5.27 22.53 14.46
C ASN A 36 5.37 21.47 15.60
N VAL A 37 4.68 20.35 15.40
CA VAL A 37 4.64 19.19 16.28
C VAL A 37 6.02 18.83 16.83
N TRP A 38 6.94 18.50 15.93
CA TRP A 38 8.24 17.92 16.29
C TRP A 38 9.40 18.84 15.93
N ALA A 39 9.45 19.31 14.70
CA ALA A 39 10.55 20.17 14.28
C ALA A 39 10.64 21.43 15.04
N THR A 40 9.48 22.01 15.36
CA THR A 40 9.36 23.27 16.10
C THR A 40 10.30 24.27 15.44
N HIS A 41 11.15 24.89 16.24
CA HIS A 41 12.18 25.77 15.73
C HIS A 41 13.60 25.28 16.12
N ALA A 42 13.71 24.07 16.67
CA ALA A 42 14.98 23.63 17.23
C ALA A 42 15.81 22.78 16.27
N CYS A 43 15.18 21.98 15.40
CA CYS A 43 15.93 21.21 14.43
C CYS A 43 16.77 22.13 13.56
N VAL A 44 18.02 21.72 13.32
CA VAL A 44 18.99 22.50 12.55
C VAL A 44 18.60 22.42 11.08
N PRO A 45 18.90 23.42 10.25
CA PRO A 45 18.55 23.31 8.83
C PRO A 45 19.51 22.40 8.07
N THR A 46 18.94 21.62 7.15
CA THR A 46 19.76 20.82 6.26
C THR A 46 20.69 21.72 5.46
N ASP A 47 21.87 21.19 5.16
CA ASP A 47 22.81 21.94 4.34
C ASP A 47 22.24 22.09 2.93
N PRO A 48 22.63 23.16 2.22
CA PRO A 48 22.14 23.38 0.86
C PRO A 48 22.18 22.11 0.00
N ASN A 49 23.25 21.34 0.13
CA ASN A 49 23.36 20.05 -0.53
C ASN A 49 23.85 19.05 0.51
N PRO A 50 23.14 17.96 0.73
CA PRO A 50 23.73 16.84 1.47
C PRO A 50 24.45 15.89 0.53
N GLN A 51 25.74 15.64 0.81
CA GLN A 51 26.59 14.94 -0.13
C GLN A 51 26.36 13.43 -0.05
N GLU A 52 26.05 12.82 -1.19
CA GLU A 52 25.88 11.38 -1.30
C GLU A 52 26.98 10.82 -2.18
N ILE A 53 27.71 9.83 -1.66
CA ILE A 53 28.93 9.33 -2.30
C ILE A 53 28.93 7.82 -2.25
N HIS A 54 29.16 7.18 -3.40
CA HIS A 54 29.04 5.73 -3.52
C HIS A 54 30.27 5.01 -2.99
N LEU A 55 30.04 4.07 -2.07
CA LEU A 55 31.05 3.15 -1.58
C LEU A 55 31.16 1.98 -2.55
N GLU A 56 32.26 1.88 -3.29
CA GLU A 56 32.29 0.91 -4.38
C GLU A 56 32.79 -0.46 -3.93
N ASN A 57 32.38 -1.54 -4.65
CA ASN A 57 32.49 -2.92 -4.16
C ASN A 57 32.43 -3.03 -2.65
N VAL A 58 31.61 -2.29 -1.88
CA VAL A 58 31.52 -2.51 -0.44
C VAL A 58 30.25 -3.29 -0.13
N THR A 59 30.33 -4.31 0.72
CA THR A 59 29.15 -5.05 1.16
C THR A 59 29.14 -5.09 2.68
N GLU A 60 28.08 -4.55 3.28
CA GLU A 60 28.01 -4.39 4.72
C GLU A 60 26.64 -4.81 5.25
N GLU A 61 26.64 -5.39 6.45
CA GLU A 61 25.44 -5.97 7.03
C GLU A 61 24.36 -4.91 7.27
N PHE A 62 23.12 -5.39 7.40
CA PHE A 62 21.99 -4.56 7.79
C PHE A 62 20.95 -5.44 8.46
N ASN A 63 20.54 -5.05 9.67
CA ASN A 63 19.47 -5.74 10.40
C ASN A 63 18.55 -4.67 10.99
N MET A 64 17.44 -4.41 10.30
CA MET A 64 16.50 -3.37 10.69
C MET A 64 15.63 -3.74 11.87
N TRP A 65 15.83 -4.92 12.46
CA TRP A 65 14.93 -5.46 13.48
C TRP A 65 15.42 -5.22 14.90
N LYS A 66 16.71 -5.40 15.15
CA LYS A 66 17.34 -4.88 16.34
C LYS A 66 17.96 -3.52 16.10
N ASN A 67 17.63 -2.89 14.96
CA ASN A 67 18.01 -1.52 14.70
C ASN A 67 17.55 -0.60 15.82
N ASN A 68 18.40 0.34 16.21
CA ASN A 68 18.14 1.20 17.35
C ASN A 68 17.54 2.55 16.97
N MET A 69 17.84 3.07 15.78
CA MET A 69 17.36 4.39 15.43
C MET A 69 15.84 4.50 15.47
N VAL A 70 15.12 3.38 15.34
CA VAL A 70 13.67 3.40 15.50
C VAL A 70 13.31 3.57 16.97
N GLU A 71 13.94 2.79 17.85
CA GLU A 71 13.68 2.91 19.28
C GLU A 71 14.02 4.32 19.76
N GLN A 72 14.96 4.99 19.10
CA GLN A 72 15.17 6.40 19.32
C GLN A 72 14.06 7.23 18.69
N MET A 73 13.82 7.02 17.40
CA MET A 73 12.94 7.90 16.64
C MET A 73 11.50 7.86 17.12
N HIS A 74 11.13 6.90 17.93
CA HIS A 74 9.87 7.00 18.66
C HIS A 74 10.06 7.46 20.10
N THR A 75 11.20 7.12 20.70
CA THR A 75 11.54 7.68 22.01
C THR A 75 11.36 9.18 21.99
N ASP A 76 11.82 9.82 20.92
CA ASP A 76 11.54 11.24 20.73
C ASP A 76 10.04 11.49 20.62
N ILE A 77 9.41 10.93 19.59
CA ILE A 77 8.05 11.34 19.21
C ILE A 77 7.09 11.28 20.39
N ILE A 78 7.21 10.25 21.22
CA ILE A 78 6.43 10.21 22.46
C ILE A 78 6.78 11.40 23.34
N SER A 79 8.07 11.71 23.44
CA SER A 79 8.59 12.64 24.42
C SER A 79 8.08 14.06 24.22
N LEU A 80 8.49 14.68 23.12
CA LEU A 80 8.21 16.10 22.94
C LEU A 80 6.73 16.40 22.79
N TRP A 81 5.93 15.41 22.45
CA TRP A 81 4.48 15.56 22.56
C TRP A 81 4.09 15.97 23.96
N ASP A 82 4.63 15.28 24.97
CA ASP A 82 4.41 15.53 26.38
C ASP A 82 5.06 16.80 26.87
N GLN A 83 5.59 17.57 25.93
CA GLN A 83 6.00 18.94 26.19
C GLN A 83 5.41 19.93 25.19
N SER A 84 4.83 19.44 24.09
CA SER A 84 3.92 20.26 23.33
C SER A 84 2.52 20.28 23.95
N LEU A 85 2.24 19.35 24.87
CA LEU A 85 0.96 19.37 25.57
C LEU A 85 1.01 20.19 26.84
N LYS A 86 2.10 20.09 27.60
CA LYS A 86 2.13 20.66 28.94
C LYS A 86 1.85 22.15 28.99
N PRO A 87 2.33 22.97 28.05
CA PRO A 87 1.94 24.39 28.06
C PRO A 87 0.50 24.65 27.69
N CYS A 88 -0.24 23.65 27.21
CA CYS A 88 -1.60 23.93 26.77
C CYS A 88 -2.59 23.64 27.88
N VAL A 89 -3.85 23.99 27.62
CA VAL A 89 -4.84 24.11 28.69
C VAL A 89 -5.19 22.74 29.25
N LYS A 90 -5.38 22.69 30.57
CA LYS A 90 -5.61 21.44 31.28
C LYS A 90 -7.11 21.27 31.51
N LEU A 91 -7.66 20.16 31.04
CA LEU A 91 -9.10 19.97 30.95
C LEU A 91 -9.57 18.98 32.01
N THR A 92 -9.52 19.42 33.27
CA THR A 92 -10.11 18.62 34.34
C THR A 92 -11.39 19.23 34.90
N PRO A 93 -11.66 20.53 34.80
CA PRO A 93 -13.00 21.02 35.17
C PRO A 93 -14.10 20.55 34.23
N LEU A 94 -13.81 19.68 33.27
CA LEU A 94 -14.80 19.23 32.31
C LEU A 94 -15.35 17.84 32.60
N CYS A 95 -14.70 17.04 33.45
CA CYS A 95 -15.14 15.68 33.74
C CYS A 95 -16.46 15.67 34.51
N VAL A 96 -17.02 16.86 34.74
CA VAL A 96 -18.35 17.08 35.28
C VAL A 96 -19.40 16.25 34.53
N THR A 97 -20.57 16.05 35.14
CA THR A 97 -21.64 15.21 34.58
C THR A 97 -22.66 16.10 33.86
N LEU A 98 -22.84 15.86 32.55
CA LEU A 98 -23.17 16.91 31.56
C LEU A 98 -24.20 16.42 30.54
N GLN A 99 -25.48 16.57 30.85
CA GLN A 99 -26.52 15.71 30.28
C GLN A 99 -26.80 15.97 28.79
N CYS A 100 -27.05 14.88 28.05
CA CYS A 100 -27.39 14.92 26.63
C CYS A 100 -28.06 13.61 26.20
N THR A 101 -28.70 13.68 25.03
CA THR A 101 -29.04 12.51 24.21
C THR A 101 -28.83 12.89 22.75
N ASN A 102 -29.43 12.10 21.84
CA ASN A 102 -29.09 12.11 20.42
C ASN A 102 -29.23 13.49 19.79
N VAL A 103 -28.61 13.64 18.61
CA VAL A 103 -28.59 14.87 17.83
C VAL A 103 -29.75 14.86 16.84
N THR A 104 -30.28 16.04 16.55
CA THR A 104 -31.35 16.22 15.59
C THR A 104 -31.04 15.55 14.26
N ASN A 105 -31.88 14.57 13.90
CA ASN A 105 -31.80 13.87 12.63
C ASN A 105 -32.99 12.94 12.51
N ASN A 106 -33.46 12.70 11.29
CA ASN A 106 -34.32 11.55 11.06
C ASN A 106 -33.54 10.28 11.39
N ILE A 107 -34.12 9.45 12.24
CA ILE A 107 -33.39 8.39 12.91
C ILE A 107 -32.88 7.36 11.90
N THR A 108 -31.62 7.51 11.49
CA THR A 108 -31.04 6.66 10.45
C THR A 108 -29.79 5.94 10.95
N ASP A 109 -28.67 6.64 11.11
CA ASP A 109 -27.36 5.98 11.09
C ASP A 109 -26.68 5.87 12.45
N GLY A 113 -24.19 5.36 17.16
CA GLY A 113 -23.82 6.55 17.89
C GLY A 113 -23.23 7.61 16.99
N GLU A 114 -24.08 8.18 16.13
CA GLU A 114 -23.66 9.22 15.21
C GLU A 114 -22.92 10.33 15.94
N LEU A 115 -23.58 10.97 16.91
CA LEU A 115 -23.02 12.05 17.70
C LEU A 115 -24.03 12.51 18.74
N LYS A 116 -23.69 13.51 19.56
CA LYS A 116 -24.53 13.96 20.66
C LYS A 116 -24.48 15.48 20.76
N ASN A 117 -25.21 16.02 21.75
CA ASN A 117 -25.25 17.46 22.00
C ASN A 117 -25.65 17.65 23.47
N CYS A 118 -24.66 17.86 24.33
CA CYS A 118 -24.89 18.06 25.75
C CYS A 118 -24.93 19.55 26.09
N SER A 119 -25.67 19.88 27.16
CA SER A 119 -25.85 21.24 27.69
C SER A 119 -25.53 21.20 29.19
N PHE A 120 -24.78 22.18 29.72
CA PHE A 120 -23.99 21.64 30.83
C PHE A 120 -23.30 22.64 31.76
N ASN A 121 -23.02 22.19 33.01
CA ASN A 121 -22.32 23.15 33.90
C ASN A 121 -20.87 23.32 33.50
N MET A 122 -20.35 24.45 33.95
CA MET A 122 -18.99 24.94 33.73
C MET A 122 -18.71 26.07 34.71
N THR A 123 -17.43 26.27 34.98
CA THR A 123 -16.94 27.40 35.75
C THR A 123 -16.56 28.55 34.82
N THR A 124 -16.94 29.76 35.21
CA THR A 124 -16.59 30.96 34.45
C THR A 124 -15.21 31.45 34.91
N GLU A 125 -14.77 32.58 34.35
CA GLU A 125 -13.54 33.20 34.82
C GLU A 125 -13.61 33.48 36.32
N LEU A 126 -14.77 33.91 36.80
CA LEU A 126 -14.98 34.13 38.22
C LEU A 126 -15.28 32.80 38.90
N ARG A 127 -14.89 32.70 40.17
CA ARG A 127 -14.90 31.41 40.84
C ARG A 127 -16.31 30.94 41.18
N ASP A 128 -16.96 31.54 42.18
CA ASP A 128 -18.29 31.10 42.55
C ASP A 128 -19.28 31.22 41.39
N LYS A 129 -18.96 32.03 40.40
CA LYS A 129 -19.79 32.14 39.20
C LYS A 129 -19.67 30.88 38.36
N LYS A 130 -20.81 30.41 37.86
CA LYS A 130 -20.90 29.24 36.99
C LYS A 130 -21.69 29.62 35.73
N GLN A 131 -21.85 28.65 34.83
CA GLN A 131 -22.63 28.85 33.61
C GLN A 131 -22.89 27.51 32.93
N LYS A 132 -24.07 27.43 32.31
CA LYS A 132 -24.45 26.31 31.43
C LYS A 132 -24.33 26.74 29.99
N VAL A 133 -23.68 25.90 29.18
CA VAL A 133 -23.60 26.10 27.75
C VAL A 133 -23.62 24.71 27.12
N TYR A 134 -23.69 24.63 25.80
CA TYR A 134 -23.79 23.35 25.11
C TYR A 134 -22.63 23.15 24.14
N SER A 135 -22.41 21.88 23.76
CA SER A 135 -21.38 21.47 22.80
C SER A 135 -21.87 20.20 22.11
N LEU A 136 -21.00 19.60 21.30
CA LEU A 136 -21.36 18.42 20.51
C LEU A 136 -20.20 17.44 20.56
N PHE A 137 -20.43 16.28 21.17
CA PHE A 137 -19.42 15.24 21.29
C PHE A 137 -19.77 14.07 20.38
N TYR A 138 -18.93 13.04 20.43
CA TYR A 138 -19.08 11.84 19.62
C TYR A 138 -19.21 10.64 20.54
N ARG A 139 -19.74 9.53 19.98
CA ARG A 139 -20.14 8.40 20.79
C ARG A 139 -19.02 7.93 21.72
N LEU A 140 -17.80 7.95 21.20
CA LEU A 140 -16.69 7.23 21.82
C LEU A 140 -16.09 7.99 22.98
N ASP A 141 -16.27 9.30 23.00
CA ASP A 141 -15.65 10.13 24.02
C ASP A 141 -16.33 10.01 25.38
N VAL A 142 -17.53 9.41 25.45
CA VAL A 142 -18.31 9.41 26.68
C VAL A 142 -19.07 8.09 26.84
N VAL A 143 -19.31 7.71 28.10
CA VAL A 143 -19.93 6.46 28.48
C VAL A 143 -20.91 6.69 29.63
N GLN A 144 -21.99 5.92 29.67
CA GLN A 144 -23.07 6.17 30.61
C GLN A 144 -22.81 5.54 31.98
N ILE A 145 -23.70 5.86 32.92
CA ILE A 145 -23.67 5.30 34.27
C ILE A 145 -25.10 5.06 34.75
N ASN A 146 -25.92 6.11 34.74
CA ASN A 146 -27.29 6.00 35.23
C ASN A 146 -28.30 6.19 34.10
N SER A 156 -30.03 9.47 33.17
CA SER A 156 -31.37 9.66 33.73
C SER A 156 -32.31 10.27 32.70
N ASN A 157 -31.82 11.23 31.92
CA ASN A 157 -32.62 11.87 30.89
C ASN A 157 -32.00 11.99 29.49
N LYS A 158 -30.86 11.35 29.15
CA LYS A 158 -29.93 10.59 29.98
C LYS A 158 -28.62 11.38 30.11
N GLU A 159 -27.62 10.81 30.76
CA GLU A 159 -26.33 11.48 30.84
C GLU A 159 -25.22 10.48 31.11
N TYR A 160 -24.07 10.72 30.49
CA TYR A 160 -22.91 9.85 30.45
C TYR A 160 -21.72 10.53 31.12
N ARG A 161 -20.53 9.95 30.96
CA ARG A 161 -19.29 10.55 31.40
C ARG A 161 -18.19 10.21 30.42
N LEU A 162 -17.15 11.03 30.41
CA LEU A 162 -16.14 10.95 29.36
C LEU A 162 -15.28 9.71 29.51
N ILE A 163 -15.13 8.97 28.40
CA ILE A 163 -14.56 7.61 28.42
C ILE A 163 -13.27 7.54 29.21
N ASN A 164 -12.47 8.60 29.16
CA ASN A 164 -11.18 8.56 29.82
C ASN A 164 -11.29 8.90 31.29
N CYS A 165 -12.31 9.68 31.69
CA CYS A 165 -12.53 10.08 33.07
C CYS A 165 -12.26 8.92 34.00
N ASN A 166 -12.56 7.71 33.50
CA ASN A 166 -12.32 6.47 34.21
C ASN A 166 -10.89 6.35 34.73
N THR A 167 -9.89 6.68 33.90
CA THR A 167 -8.53 6.28 34.24
C THR A 167 -7.44 7.35 34.06
N ALA A 168 -7.74 8.52 33.51
CA ALA A 168 -6.62 9.39 33.14
C ALA A 168 -7.08 10.84 33.00
N ALA A 169 -6.08 11.74 32.97
CA ALA A 169 -6.27 13.16 32.76
C ALA A 169 -6.10 13.51 31.29
N ILE A 170 -6.31 14.79 30.95
CA ILE A 170 -6.35 15.27 29.57
C ILE A 170 -5.76 16.66 29.53
N THR A 171 -4.93 16.91 28.52
CA THR A 171 -4.50 18.25 28.17
C THR A 171 -4.78 18.46 26.69
N GLN A 172 -5.68 19.39 26.38
CA GLN A 172 -6.06 19.64 25.00
C GLN A 172 -4.89 20.25 24.22
N ALA A 173 -4.68 19.77 23.01
CA ALA A 173 -3.63 20.30 22.16
C ALA A 173 -3.91 21.75 21.81
N CYS A 174 -2.87 22.57 21.85
CA CYS A 174 -3.03 23.95 21.42
C CYS A 174 -3.29 23.95 19.92
N PRO A 175 -4.41 24.50 19.46
CA PRO A 175 -4.63 24.59 18.00
C PRO A 175 -3.60 25.45 17.28
N LYS A 176 -2.80 26.23 18.00
CA LYS A 176 -1.71 26.97 17.35
C LYS A 176 -0.69 26.01 16.76
N VAL A 177 -0.41 24.91 17.45
CA VAL A 177 0.43 23.86 16.88
C VAL A 177 -0.42 23.00 15.97
N SER A 178 0.21 22.46 14.94
CA SER A 178 -0.46 21.61 13.97
C SER A 178 0.34 20.34 13.80
N PHE A 179 -0.37 19.25 13.46
CA PHE A 179 0.25 17.94 13.35
C PHE A 179 0.38 17.49 11.90
N GLU A 180 0.49 18.44 10.98
CA GLU A 180 0.86 18.08 9.62
C GLU A 180 2.31 17.58 9.63
N PRO A 181 2.57 16.39 9.12
CA PRO A 181 3.93 15.85 9.18
C PRO A 181 4.84 16.48 8.14
N ILE A 182 6.10 16.67 8.50
CA ILE A 182 7.07 17.27 7.60
C ILE A 182 8.31 16.38 7.57
N PRO A 183 9.15 16.52 6.53
CA PRO A 183 10.33 15.66 6.42
C PRO A 183 11.32 15.93 7.55
N ILE A 184 11.81 14.85 8.15
CA ILE A 184 12.81 14.92 9.20
C ILE A 184 14.03 14.13 8.76
N HIS A 185 15.21 14.74 8.83
CA HIS A 185 16.46 14.10 8.46
C HIS A 185 17.26 13.85 9.74
N TYR A 186 17.20 12.62 10.24
CA TYR A 186 18.05 12.24 11.37
C TYR A 186 19.51 12.25 10.95
N CYS A 187 20.38 12.61 11.89
CA CYS A 187 21.78 12.87 11.59
C CYS A 187 22.68 12.19 12.59
N ALA A 188 23.70 11.48 12.08
CA ALA A 188 24.79 10.99 12.92
C ALA A 188 25.87 12.06 13.04
N PRO A 189 26.55 12.13 14.18
CA PRO A 189 27.52 13.20 14.40
C PRO A 189 28.92 12.83 13.92
N ALA A 190 29.80 13.85 13.92
CA ALA A 190 31.22 13.61 13.72
C ALA A 190 31.72 12.64 14.79
N GLY A 191 32.60 11.74 14.39
CA GLY A 191 32.91 10.58 15.19
C GLY A 191 32.02 9.39 14.92
N PHE A 192 31.00 9.56 14.08
CA PHE A 192 30.14 8.47 13.62
C PHE A 192 29.72 8.77 12.19
N ALA A 193 28.79 7.96 11.68
CA ALA A 193 28.14 8.17 10.38
C ALA A 193 27.04 7.12 10.23
N ILE A 194 25.90 7.56 9.68
CA ILE A 194 24.84 6.63 9.25
C ILE A 194 25.36 5.97 7.99
N LEU A 195 24.64 4.97 7.44
CA LEU A 195 24.80 4.65 6.04
C LEU A 195 23.59 3.95 5.44
N LYS A 196 23.39 4.21 4.15
CA LYS A 196 22.27 3.78 3.34
C LYS A 196 22.65 2.57 2.47
N CYS A 197 21.67 1.71 2.22
CA CYS A 197 21.79 0.61 1.27
C CYS A 197 21.12 1.02 -0.04
N LYS A 198 21.52 0.36 -1.14
CA LYS A 198 21.16 0.90 -2.45
C LYS A 198 21.03 -0.20 -3.50
N ASP A 199 20.42 -1.32 -3.16
CA ASP A 199 19.92 -2.24 -4.17
C ASP A 199 18.43 -2.42 -3.95
N LYS A 200 17.69 -2.50 -5.07
CA LYS A 200 16.24 -2.43 -5.00
C LYS A 200 15.63 -3.74 -4.51
N LYS A 201 16.18 -4.87 -4.94
CA LYS A 201 15.68 -6.18 -4.53
C LYS A 201 16.19 -6.60 -3.16
N PHE A 202 16.82 -5.71 -2.41
CA PHE A 202 17.24 -6.05 -1.06
C PHE A 202 16.02 -6.38 -0.22
N ASN A 203 16.09 -7.48 0.52
CA ASN A 203 15.03 -7.79 1.46
C ASN A 203 15.49 -7.37 2.86
N GLY A 204 14.73 -7.75 3.89
CA GLY A 204 14.80 -7.07 5.17
C GLY A 204 16.18 -7.03 5.79
N THR A 205 16.93 -8.12 5.68
CA THR A 205 18.24 -8.16 6.31
C THR A 205 19.21 -8.90 5.41
N GLY A 206 20.50 -8.65 5.67
CA GLY A 206 21.55 -9.16 4.83
C GLY A 206 22.52 -8.04 4.48
N PRO A 207 23.72 -8.41 4.04
CA PRO A 207 24.67 -7.39 3.57
C PRO A 207 24.26 -6.82 2.22
N CYS A 208 24.43 -5.51 2.08
CA CYS A 208 24.00 -4.80 0.87
C CYS A 208 25.20 -4.60 -0.05
N PRO A 209 25.17 -5.12 -1.28
CA PRO A 209 26.32 -4.92 -2.17
C PRO A 209 26.48 -3.49 -2.66
N SER A 210 25.38 -2.76 -2.83
CA SER A 210 25.41 -1.41 -3.38
C SER A 210 25.21 -0.42 -2.24
N VAL A 211 26.27 0.31 -1.88
CA VAL A 211 26.25 1.16 -0.68
C VAL A 211 26.88 2.51 -1.03
N SER A 212 26.27 3.58 -0.52
CA SER A 212 26.75 4.95 -0.72
C SER A 212 26.60 5.72 0.58
N THR A 213 27.46 6.70 0.80
CA THR A 213 27.59 7.28 2.13
C THR A 213 26.77 8.54 2.31
N VAL A 214 25.92 8.52 3.35
CA VAL A 214 25.13 9.63 3.84
C VAL A 214 25.50 9.86 5.29
N GLN A 215 25.19 11.06 5.78
CA GLN A 215 25.29 11.37 7.20
C GLN A 215 23.96 11.74 7.83
N CYS A 216 23.02 12.24 7.03
CA CYS A 216 21.70 12.62 7.52
C CYS A 216 20.63 12.01 6.62
N THR A 217 19.66 11.35 7.25
CA THR A 217 18.52 10.70 6.60
C THR A 217 17.89 11.54 5.50
N HIS A 218 17.29 10.90 4.51
CA HIS A 218 16.39 11.64 3.65
C HIS A 218 15.14 12.03 4.43
N GLY A 219 14.31 12.87 3.82
CA GLY A 219 13.22 13.49 4.53
C GLY A 219 12.12 12.54 4.95
N ILE A 220 12.13 12.13 6.23
CA ILE A 220 11.12 11.23 6.75
C ILE A 220 10.04 12.07 7.42
N LYS A 221 8.80 11.89 6.97
CA LYS A 221 7.65 12.55 7.57
C LYS A 221 6.99 11.61 8.56
N PRO A 222 6.94 11.94 9.83
CA PRO A 222 6.40 10.99 10.84
C PRO A 222 4.88 10.87 10.79
N VAL A 223 4.39 10.05 9.87
CA VAL A 223 2.95 9.86 9.74
C VAL A 223 2.47 8.93 10.85
N VAL A 224 1.48 9.37 11.61
CA VAL A 224 0.88 8.60 12.68
C VAL A 224 -0.17 7.67 12.07
N SER A 225 0.19 6.43 11.79
CA SER A 225 -0.76 5.56 11.11
C SER A 225 -0.68 4.14 11.66
N THR A 226 -1.85 3.52 11.75
CA THR A 226 -1.93 2.17 12.24
C THR A 226 -2.50 1.33 11.12
N GLN A 227 -1.77 0.25 10.81
CA GLN A 227 -2.09 -0.79 9.82
C GLN A 227 -1.86 -0.45 8.36
N LEU A 228 -1.41 0.76 8.11
CA LEU A 228 -1.12 1.18 6.77
C LEU A 228 -0.16 2.35 6.79
N LEU A 229 0.55 2.53 5.70
CA LEU A 229 1.51 3.68 5.54
C LEU A 229 1.35 4.27 4.20
N LEU A 230 1.71 5.54 4.11
CA LEU A 230 1.29 6.30 2.94
C LEU A 230 2.04 7.63 2.96
N ASN A 231 2.22 8.21 1.76
CA ASN A 231 3.07 9.39 1.57
C ASN A 231 4.49 9.11 2.00
N GLY A 232 4.87 7.84 1.92
CA GLY A 232 6.21 7.40 2.27
C GLY A 232 7.07 7.20 1.04
N SER A 233 8.28 6.72 1.29
CA SER A 233 9.19 6.40 0.21
C SER A 233 8.65 5.24 -0.60
N LEU A 234 9.14 5.12 -1.83
CA LEU A 234 8.66 4.09 -2.73
C LEU A 234 9.84 3.54 -3.52
N ALA A 235 10.05 2.23 -3.43
CA ALA A 235 11.17 1.61 -4.11
C ALA A 235 10.86 1.39 -5.58
N GLU A 236 11.87 1.58 -6.43
CA GLU A 236 11.77 1.28 -7.86
C GLU A 236 11.98 -0.22 -8.02
N GLU A 237 10.88 -0.97 -7.92
CA GLU A 237 10.91 -2.42 -7.80
C GLU A 237 9.47 -2.91 -7.77
N GLU A 238 9.20 -4.15 -7.37
CA GLU A 238 7.84 -4.67 -7.35
C GLU A 238 7.35 -5.03 -5.95
N VAL A 239 7.70 -4.22 -4.96
CA VAL A 239 7.07 -4.23 -3.63
C VAL A 239 7.43 -5.49 -2.83
N MET A 240 8.72 -5.77 -2.64
CA MET A 240 9.14 -6.96 -1.90
C MET A 240 9.47 -6.65 -0.45
N ILE A 241 8.87 -7.42 0.45
CA ILE A 241 8.58 -6.97 1.80
C ILE A 241 8.82 -8.08 2.81
N ARG A 242 9.18 -7.69 4.03
CA ARG A 242 9.90 -8.55 4.94
C ARG A 242 9.30 -8.50 6.34
N SER A 243 9.64 -9.52 7.12
CA SER A 243 9.24 -9.66 8.50
C SER A 243 10.48 -9.75 9.38
N GLU A 244 10.26 -9.90 10.69
CA GLU A 244 11.32 -10.38 11.56
C GLU A 244 11.62 -11.85 11.27
N ASN A 245 10.56 -12.65 11.09
CA ASN A 245 10.70 -14.04 10.63
C ASN A 245 9.30 -14.48 10.19
N ILE A 246 9.11 -14.56 8.86
CA ILE A 246 7.79 -14.86 8.30
C ILE A 246 7.28 -16.20 8.80
N ALA A 247 8.17 -17.17 9.03
CA ALA A 247 7.77 -18.50 9.44
C ALA A 247 6.82 -18.47 10.63
N ASN A 248 7.01 -17.52 11.54
CA ASN A 248 6.12 -17.36 12.68
C ASN A 248 5.08 -16.29 12.41
N ASN A 249 3.88 -16.51 12.93
CA ASN A 249 2.78 -15.58 12.76
C ASN A 249 2.97 -14.32 13.60
N ALA A 250 3.42 -14.48 14.84
CA ALA A 250 3.32 -13.43 15.85
C ALA A 250 4.05 -12.15 15.45
N LYS A 251 5.05 -12.24 14.58
CA LYS A 251 5.87 -11.09 14.22
C LYS A 251 5.41 -10.53 12.88
N ASN A 252 5.20 -9.22 12.84
CA ASN A 252 4.37 -8.57 11.83
C ASN A 252 4.99 -8.64 10.43
N ILE A 253 4.22 -8.13 9.46
CA ILE A 253 4.56 -7.99 8.05
C ILE A 253 4.44 -6.52 7.70
N LEU A 254 5.23 -6.04 6.72
CA LEU A 254 5.27 -4.61 6.48
C LEU A 254 5.45 -4.32 4.99
N VAL A 255 4.33 -4.27 4.26
CA VAL A 255 4.37 -4.02 2.81
C VAL A 255 4.68 -2.54 2.53
N GLN A 256 5.23 -2.27 1.33
CA GLN A 256 5.22 -0.91 0.80
C GLN A 256 5.50 -0.87 -0.71
N PHE A 257 4.74 -0.03 -1.40
CA PHE A 257 4.37 -0.14 -2.81
C PHE A 257 5.51 0.10 -3.80
N ASN A 258 5.13 0.25 -5.07
CA ASN A 258 6.00 0.54 -6.20
C ASN A 258 5.38 1.65 -7.06
N THR A 259 4.06 1.71 -7.09
CA THR A 259 3.33 2.86 -7.60
C THR A 259 2.18 3.13 -6.65
N PRO A 260 2.10 4.31 -6.05
CA PRO A 260 1.08 4.54 -5.03
C PRO A 260 -0.26 4.81 -5.67
N VAL A 261 -1.32 4.45 -4.95
CA VAL A 261 -2.67 4.76 -5.39
C VAL A 261 -3.28 5.72 -4.37
N GLN A 262 -4.25 6.48 -4.83
CA GLN A 262 -4.72 7.67 -4.11
C GLN A 262 -5.78 7.31 -3.08
N ILE A 263 -5.82 8.12 -2.03
CA ILE A 263 -6.71 7.93 -0.89
C ILE A 263 -7.16 9.31 -0.44
N ASN A 264 -8.48 9.53 -0.36
CA ASN A 264 -9.01 10.84 0.02
C ASN A 264 -10.09 10.66 1.09
N CYS A 265 -9.73 10.92 2.34
CA CYS A 265 -10.63 10.71 3.46
C CYS A 265 -11.46 11.96 3.72
N THR A 266 -12.75 11.74 3.98
CA THR A 266 -13.72 12.83 3.93
C THR A 266 -14.71 12.70 5.07
N ARG A 267 -15.16 13.84 5.56
CA ARG A 267 -16.43 14.05 6.23
C ARG A 267 -16.84 15.46 5.86
N PRO A 268 -17.97 15.64 5.21
CA PRO A 268 -18.32 16.98 4.73
C PRO A 268 -19.28 17.73 5.64
N ASN A 269 -18.98 17.80 6.93
CA ASN A 269 -19.70 18.65 7.87
C ASN A 269 -18.88 19.89 8.16
N ASN A 270 -19.49 21.07 8.03
CA ASN A 270 -18.82 22.30 8.46
C ASN A 270 -19.13 22.51 9.94
N ASN A 271 -18.26 21.98 10.79
CA ASN A 271 -18.39 22.21 12.21
C ASN A 271 -18.25 23.69 12.50
N THR A 272 -18.91 24.13 13.55
CA THR A 272 -18.65 25.43 14.13
C THR A 272 -18.04 25.24 15.51
N ARG A 273 -17.40 26.29 15.98
CA ARG A 273 -16.68 26.25 17.24
C ARG A 273 -17.02 27.50 18.04
N LYS A 274 -16.66 27.47 19.32
CA LYS A 274 -16.75 28.69 20.13
C LYS A 274 -15.83 28.53 21.33
N SER A 275 -14.68 29.22 21.24
CA SER A 275 -13.96 29.71 22.41
C SER A 275 -14.92 30.05 23.54
N ILE A 276 -14.77 29.40 24.69
CA ILE A 276 -15.42 29.85 25.91
C ILE A 276 -14.41 29.75 27.04
N ARG A 277 -14.47 30.72 27.95
CA ARG A 277 -13.42 30.93 28.94
C ARG A 277 -13.73 30.15 30.22
N ILE A 278 -12.86 29.20 30.55
CA ILE A 278 -13.05 28.41 31.76
C ILE A 278 -12.61 29.20 32.99
N GLY A 279 -11.57 30.00 32.86
CA GLY A 279 -11.05 30.76 33.97
C GLY A 279 -9.95 31.71 33.54
N PRO A 280 -8.98 31.89 34.41
CA PRO A 280 -7.89 32.84 34.12
C PRO A 280 -7.00 32.39 32.96
N GLY A 281 -7.31 32.88 31.76
CA GLY A 281 -6.53 32.57 30.59
C GLY A 281 -6.88 31.26 29.90
N GLN A 282 -7.64 30.39 30.55
CA GLN A 282 -8.01 29.10 29.97
C GLN A 282 -9.26 29.25 29.12
N ALA A 283 -9.17 28.90 27.84
CA ALA A 283 -10.28 29.02 26.90
C ALA A 283 -10.52 27.67 26.24
N PHE A 284 -11.63 27.02 26.60
CA PHE A 284 -11.96 25.71 26.06
C PHE A 284 -12.66 25.86 24.72
N TYR A 285 -12.28 24.99 23.77
CA TYR A 285 -12.77 25.07 22.40
C TYR A 285 -13.95 24.13 22.25
N ALA A 286 -15.14 24.65 22.58
CA ALA A 286 -16.35 23.89 22.38
C ALA A 286 -16.70 23.81 20.90
N THR A 287 -17.10 22.62 20.46
CA THR A 287 -17.68 22.50 19.13
C THR A 287 -19.06 23.11 19.13
N GLY A 288 -19.39 23.83 18.06
CA GLY A 288 -20.64 24.53 17.95
C GLY A 288 -21.63 23.87 17.00
N ASP A 289 -22.68 24.63 16.70
CA ASP A 289 -23.75 24.20 15.81
C ASP A 289 -23.22 23.69 14.48
N ILE A 290 -23.85 22.64 13.97
CA ILE A 290 -23.64 22.20 12.60
C ILE A 290 -24.57 22.99 11.71
N ILE A 291 -24.03 23.54 10.62
CA ILE A 291 -24.87 24.19 9.61
C ILE A 291 -24.63 23.46 8.29
N GLY A 292 -25.71 22.89 7.75
CA GLY A 292 -25.62 22.04 6.58
C GLY A 292 -26.01 20.61 6.92
N ASP A 293 -25.73 19.72 5.97
CA ASP A 293 -26.17 18.34 6.08
C ASP A 293 -25.41 17.59 7.18
N ILE A 294 -25.94 16.42 7.53
CA ILE A 294 -25.26 15.47 8.38
C ILE A 294 -24.55 14.48 7.47
N ARG A 295 -23.26 14.26 7.72
CA ARG A 295 -22.45 13.48 6.80
C ARG A 295 -21.34 12.78 7.56
N GLN A 296 -21.22 11.47 7.33
CA GLN A 296 -20.29 10.61 8.04
C GLN A 296 -18.90 10.67 7.41
N ALA A 297 -17.89 10.37 8.23
CA ALA A 297 -16.52 10.32 7.76
C ALA A 297 -16.26 9.05 6.94
N HIS A 298 -15.70 9.22 5.75
CA HIS A 298 -15.39 8.08 4.90
C HIS A 298 -14.15 8.37 4.06
N CYS A 299 -13.83 7.43 3.17
CA CYS A 299 -12.58 7.49 2.42
C CYS A 299 -12.72 6.66 1.15
N ASN A 300 -12.32 7.23 0.01
CA ASN A 300 -12.50 6.61 -1.29
C ASN A 300 -11.23 5.91 -1.75
N VAL A 301 -11.41 4.77 -2.42
CA VAL A 301 -10.36 4.07 -3.17
C VAL A 301 -10.98 3.51 -4.43
N SER A 302 -10.39 3.78 -5.58
CA SER A 302 -10.80 3.07 -6.79
C SER A 302 -10.19 1.68 -6.75
N LYS A 303 -11.03 0.64 -6.82
CA LYS A 303 -10.47 -0.71 -6.71
C LYS A 303 -9.57 -1.02 -7.89
N ALA A 304 -9.85 -0.44 -9.06
CA ALA A 304 -9.10 -0.76 -10.27
C ALA A 304 -7.60 -0.77 -10.00
N THR A 305 -7.10 0.24 -9.29
CA THR A 305 -5.70 0.28 -8.92
C THR A 305 -5.44 -0.55 -7.66
N TRP A 306 -6.33 -0.49 -6.68
CA TRP A 306 -6.15 -1.24 -5.44
C TRP A 306 -5.97 -2.72 -5.72
N ASN A 307 -6.93 -3.34 -6.43
CA ASN A 307 -6.87 -4.78 -6.65
C ASN A 307 -5.66 -5.18 -7.50
N GLU A 308 -5.10 -4.26 -8.29
CA GLU A 308 -3.97 -4.63 -9.13
C GLU A 308 -2.62 -4.37 -8.47
N THR A 309 -2.52 -3.34 -7.62
CA THR A 309 -1.36 -3.27 -6.73
C THR A 309 -1.40 -4.41 -5.74
N LEU A 310 -2.58 -4.69 -5.18
CA LEU A 310 -2.86 -5.95 -4.52
C LEU A 310 -2.33 -7.11 -5.36
N GLY A 311 -2.67 -7.11 -6.65
CA GLY A 311 -2.30 -8.23 -7.52
C GLY A 311 -0.82 -8.55 -7.51
N LYS A 312 0.03 -7.52 -7.40
CA LYS A 312 1.46 -7.77 -7.34
C LYS A 312 1.91 -8.08 -5.92
N VAL A 313 1.19 -7.60 -4.91
CA VAL A 313 1.42 -8.07 -3.56
C VAL A 313 1.01 -9.53 -3.44
N VAL A 314 0.07 -9.95 -4.28
CA VAL A 314 -0.38 -11.34 -4.28
C VAL A 314 0.77 -12.28 -4.59
N LYS A 315 1.41 -12.07 -5.74
CA LYS A 315 2.28 -13.09 -6.32
C LYS A 315 3.63 -13.19 -5.63
N GLN A 316 4.09 -12.13 -4.98
CA GLN A 316 5.47 -12.17 -4.49
C GLN A 316 5.58 -12.94 -3.18
N LEU A 317 4.61 -12.78 -2.28
CA LEU A 317 4.63 -13.54 -1.04
C LEU A 317 4.70 -15.03 -1.30
N ARG A 318 4.10 -15.48 -2.41
CA ARG A 318 4.14 -16.84 -2.92
C ARG A 318 5.51 -17.48 -2.80
N LYS A 319 6.58 -16.71 -3.07
CA LYS A 319 7.97 -17.17 -3.02
C LYS A 319 8.43 -17.58 -1.64
N HIS A 320 7.51 -17.69 -0.68
CA HIS A 320 7.82 -18.12 0.67
C HIS A 320 6.84 -19.15 1.20
N PHE A 321 5.71 -19.37 0.54
CA PHE A 321 4.77 -20.41 0.90
C PHE A 321 4.47 -21.31 -0.30
N GLY A 322 5.40 -21.38 -1.23
CA GLY A 322 5.23 -22.20 -2.42
C GLY A 322 4.46 -21.49 -3.51
N ASN A 323 4.75 -21.82 -4.78
CA ASN A 323 4.12 -21.19 -5.92
C ASN A 323 2.77 -21.80 -6.28
N ASN A 324 2.18 -22.55 -5.36
CA ASN A 324 1.03 -23.38 -5.67
C ASN A 324 0.00 -23.38 -4.54
N THR A 325 -0.02 -22.35 -3.71
CA THR A 325 -0.64 -22.40 -2.39
C THR A 325 -1.75 -21.36 -2.29
N ILE A 326 -2.66 -21.61 -1.34
CA ILE A 326 -3.72 -20.68 -0.99
C ILE A 326 -3.17 -19.33 -0.53
N ILE A 327 -4.02 -18.30 -0.60
CA ILE A 327 -3.89 -17.04 0.12
C ILE A 327 -5.30 -16.52 0.38
N ARG A 328 -5.40 -15.50 1.23
CA ARG A 328 -6.62 -15.24 1.98
C ARG A 328 -6.69 -13.78 2.41
N PHE A 329 -7.92 -13.42 2.84
CA PHE A 329 -8.15 -12.06 3.45
C PHE A 329 -9.64 -11.72 3.84
N ALA A 330 -9.79 -10.92 4.92
CA ALA A 330 -11.02 -10.37 5.53
C ALA A 330 -10.58 -9.27 6.53
N ASN A 331 -11.44 -8.81 7.42
CA ASN A 331 -11.08 -7.73 8.36
C ASN A 331 -10.39 -8.07 9.70
N SER A 332 -9.72 -7.11 10.32
CA SER A 332 -9.05 -7.30 11.61
C SER A 332 -10.02 -7.87 12.64
N ALA A 333 -9.55 -8.89 13.37
CA ALA A 333 -10.39 -9.64 14.29
C ALA A 333 -9.73 -9.78 15.65
N GLY A 334 -9.15 -8.69 16.16
CA GLY A 334 -8.55 -8.73 17.48
C GLY A 334 -8.02 -7.39 17.95
N GLY A 335 -8.28 -7.07 19.21
CA GLY A 335 -7.68 -5.90 19.84
C GLY A 335 -8.70 -4.85 20.23
N ASP A 336 -8.19 -3.63 20.42
CA ASP A 336 -8.98 -2.52 20.92
C ASP A 336 -9.59 -1.72 19.77
N LEU A 337 -10.41 -0.74 20.14
CA LEU A 337 -11.10 0.10 19.17
C LEU A 337 -10.13 0.88 18.29
N GLU A 338 -8.96 1.25 18.83
CA GLU A 338 -8.12 2.24 18.16
C GLU A 338 -7.29 1.61 17.05
N VAL A 339 -6.83 0.38 17.24
CA VAL A 339 -5.90 -0.23 16.30
C VAL A 339 -6.58 -1.22 15.36
N THR A 340 -7.72 -1.80 15.76
CA THR A 340 -8.47 -2.67 14.85
C THR A 340 -8.89 -1.92 13.59
N THR A 341 -8.91 -0.60 13.64
CA THR A 341 -9.31 0.22 12.52
C THR A 341 -8.28 1.31 12.28
N HIS A 342 -8.33 1.88 11.07
CA HIS A 342 -7.31 2.80 10.62
C HIS A 342 -7.25 4.08 11.46
N SER A 343 -6.44 4.08 12.50
CA SER A 343 -6.16 5.29 13.25
C SER A 343 -5.19 6.15 12.46
N PHE A 344 -5.51 7.44 12.34
CA PHE A 344 -4.59 8.41 11.74
C PHE A 344 -5.14 9.81 11.98
N ASN A 345 -4.39 10.79 11.51
CA ASN A 345 -4.71 12.21 11.65
C ASN A 345 -5.05 12.75 10.28
N CYS A 346 -6.11 13.55 10.19
CA CYS A 346 -6.27 14.33 8.96
C CYS A 346 -6.82 15.71 9.26
N GLY A 347 -5.93 16.69 9.24
CA GLY A 347 -6.30 18.07 9.37
C GLY A 347 -6.68 18.53 10.75
N GLY A 348 -6.66 17.64 11.74
CA GLY A 348 -6.97 18.06 13.10
C GLY A 348 -7.91 17.14 13.83
N GLU A 349 -8.52 16.20 13.13
CA GLU A 349 -9.32 15.20 13.83
C GLU A 349 -9.03 13.84 13.24
N PHE A 350 -9.09 12.83 14.10
CA PHE A 350 -8.50 11.54 13.83
C PHE A 350 -9.57 10.55 13.38
N PHE A 351 -9.17 9.63 12.52
CA PHE A 351 -10.11 8.75 11.82
C PHE A 351 -9.94 7.32 12.26
N TYR A 352 -10.99 6.54 12.02
CA TYR A 352 -11.06 5.15 12.45
C TYR A 352 -12.05 4.40 11.55
N CYS A 353 -11.60 3.94 10.37
CA CYS A 353 -12.49 3.32 9.37
C CYS A 353 -12.35 1.80 9.39
N ASN A 354 -13.45 1.06 9.36
CA ASN A 354 -13.30 -0.38 9.11
C ASN A 354 -12.89 -0.54 7.66
N THR A 355 -11.78 -1.23 7.50
CA THR A 355 -11.21 -1.53 6.21
C THR A 355 -11.90 -2.78 5.64
N SER A 356 -13.24 -2.72 5.59
CA SER A 356 -14.01 -3.92 5.26
C SER A 356 -13.94 -4.25 3.78
N GLY A 357 -14.15 -3.26 2.91
CA GLY A 357 -14.10 -3.51 1.49
C GLY A 357 -12.71 -3.87 0.99
N LEU A 358 -11.76 -3.38 1.68
CA LEU A 358 -10.56 -3.76 1.18
C LEU A 358 -10.02 -5.15 1.21
N PHE A 359 -10.15 -5.76 2.38
CA PHE A 359 -9.69 -7.11 2.64
C PHE A 359 -10.90 -7.96 2.29
N ASN A 360 -11.00 -8.22 0.99
CA ASN A 360 -12.13 -8.85 0.36
C ASN A 360 -11.84 -9.92 -0.70
N SER A 361 -10.61 -10.45 -0.81
CA SER A 361 -10.31 -11.37 -1.92
C SER A 361 -9.44 -12.63 -1.73
N THR A 362 -9.65 -13.64 -2.59
CA THR A 362 -8.86 -14.88 -2.61
C THR A 362 -8.36 -15.07 -4.05
N TRP A 363 -7.06 -15.25 -4.26
CA TRP A 363 -6.47 -15.27 -5.61
C TRP A 363 -5.54 -16.47 -5.78
N ILE A 364 -6.07 -17.61 -6.21
CA ILE A 364 -5.27 -18.83 -6.18
C ILE A 364 -5.08 -19.39 -7.58
N SER A 365 -3.92 -20.05 -7.76
CA SER A 365 -3.42 -20.55 -9.04
C SER A 365 -3.08 -19.42 -10.00
N ASN A 366 -2.93 -18.20 -9.48
CA ASN A 366 -2.54 -17.04 -10.26
C ASN A 366 -3.50 -16.82 -11.43
N SER A 377 -18.67 2.60 -13.09
CA SER A 377 -17.45 2.48 -13.88
C SER A 377 -16.23 2.85 -13.04
N ASN A 378 -16.36 3.90 -12.22
CA ASN A 378 -15.25 4.32 -11.38
C ASN A 378 -14.95 3.28 -10.31
N ASP A 379 -15.98 2.61 -9.79
CA ASP A 379 -15.84 1.49 -8.87
C ASP A 379 -14.93 1.84 -7.70
N SER A 380 -15.18 3.00 -7.11
CA SER A 380 -14.37 3.50 -6.01
C SER A 380 -14.90 2.97 -4.69
N ILE A 381 -14.04 2.29 -3.93
CA ILE A 381 -14.33 1.88 -2.56
C ILE A 381 -14.72 3.12 -1.77
N THR A 382 -15.60 2.96 -0.80
CA THR A 382 -15.90 4.02 0.14
C THR A 382 -15.99 3.41 1.53
N LEU A 383 -15.28 3.99 2.48
CA LEU A 383 -14.94 3.32 3.74
C LEU A 383 -15.36 4.14 4.94
N PRO A 384 -16.36 3.70 5.70
CA PRO A 384 -16.88 4.53 6.80
C PRO A 384 -15.90 4.59 7.97
N CYS A 385 -15.71 5.80 8.49
CA CYS A 385 -14.84 6.04 9.62
C CYS A 385 -15.60 6.82 10.69
N ARG A 386 -15.11 6.71 11.91
CA ARG A 386 -15.56 7.53 13.02
C ARG A 386 -14.40 8.38 13.51
N ILE A 387 -14.73 9.55 14.03
CA ILE A 387 -13.74 10.56 14.37
C ILE A 387 -13.62 10.66 15.88
N LYS A 388 -12.39 10.80 16.36
CA LYS A 388 -12.12 10.92 17.78
C LYS A 388 -11.65 12.33 18.14
N GLN A 389 -11.60 12.60 19.44
CA GLN A 389 -11.15 13.89 19.94
C GLN A 389 -10.21 13.73 21.13
N ILE A 390 -10.40 12.70 21.95
CA ILE A 390 -9.60 12.51 23.16
C ILE A 390 -8.94 11.14 23.07
N ILE A 391 -7.61 11.12 22.96
CA ILE A 391 -6.89 9.91 22.58
C ILE A 391 -5.74 9.65 23.55
N ASN A 392 -5.65 8.40 24.01
CA ASN A 392 -4.46 7.89 24.71
C ASN A 392 -3.61 7.19 23.67
N MET A 393 -2.68 7.94 23.08
CA MET A 393 -1.95 7.47 21.91
C MET A 393 -0.87 6.48 22.31
N TRP A 394 -0.05 6.07 21.33
CA TRP A 394 1.10 5.19 21.46
C TRP A 394 0.98 4.12 22.52
N GLN A 395 -0.25 3.64 22.76
CA GLN A 395 -0.53 2.73 23.86
C GLN A 395 0.17 3.17 25.14
N ARG A 396 -0.21 4.35 25.62
CA ARG A 396 0.36 4.88 26.86
C ARG A 396 -0.76 5.47 27.69
N ILE A 397 -1.05 4.82 28.80
CA ILE A 397 -2.02 5.32 29.77
C ILE A 397 -1.39 6.45 30.56
N GLY A 398 -2.18 7.45 30.88
CA GLY A 398 -1.72 8.70 31.45
C GLY A 398 -2.51 9.84 30.85
N GLN A 399 -2.01 11.06 31.05
CA GLN A 399 -2.74 12.24 30.60
C GLN A 399 -3.07 12.15 29.12
N ALA A 400 -4.36 12.22 28.81
CA ALA A 400 -4.82 12.13 27.44
C ALA A 400 -4.59 13.47 26.73
N MET A 401 -4.87 13.47 25.43
CA MET A 401 -4.92 14.69 24.64
C MET A 401 -6.31 14.85 24.08
N TYR A 402 -6.91 16.02 24.27
CA TYR A 402 -8.15 16.37 23.61
C TYR A 402 -7.83 17.05 22.29
N ALA A 403 -8.26 16.46 21.20
CA ALA A 403 -8.07 17.06 19.89
C ALA A 403 -9.16 18.09 19.65
N PRO A 404 -8.81 19.36 19.49
CA PRO A 404 -9.82 20.36 19.11
C PRO A 404 -10.48 19.96 17.80
N PRO A 405 -11.71 20.43 17.56
CA PRO A 405 -12.42 20.04 16.33
C PRO A 405 -11.78 20.55 15.06
N ILE A 406 -12.44 20.42 13.91
CA ILE A 406 -12.04 21.11 12.70
C ILE A 406 -13.29 21.68 12.05
N GLN A 407 -13.24 22.96 11.67
CA GLN A 407 -14.43 23.69 11.28
C GLN A 407 -14.42 23.92 9.77
N GLY A 408 -15.63 23.97 9.21
CA GLY A 408 -15.79 23.90 7.79
C GLY A 408 -15.59 22.49 7.30
N VAL A 409 -15.55 22.37 5.97
CA VAL A 409 -15.30 21.12 5.28
C VAL A 409 -13.98 20.52 5.70
N ILE A 410 -13.70 19.29 5.26
CA ILE A 410 -12.36 18.74 5.24
C ILE A 410 -12.22 17.86 4.02
N ARG A 411 -10.98 17.65 3.59
CA ARG A 411 -10.66 16.85 2.43
C ARG A 411 -9.16 16.62 2.38
N CYS A 412 -8.73 15.36 2.49
CA CYS A 412 -7.30 15.08 2.46
C CYS A 412 -6.99 14.01 1.43
N VAL A 413 -6.18 14.39 0.45
CA VAL A 413 -5.63 13.47 -0.54
C VAL A 413 -4.50 12.69 0.11
N SER A 414 -4.06 11.61 -0.55
CA SER A 414 -3.08 10.71 0.06
C SER A 414 -2.58 9.73 -1.01
N ASN A 415 -1.48 9.03 -0.66
CA ASN A 415 -0.55 8.33 -1.58
C ASN A 415 -0.12 6.98 -1.01
N ILE A 416 -0.97 5.95 -1.10
CA ILE A 416 -0.67 4.76 -0.30
C ILE A 416 0.69 4.19 -0.68
N THR A 417 1.52 3.99 0.32
CA THR A 417 2.79 3.35 0.05
C THR A 417 2.90 1.98 0.69
N GLY A 418 2.36 1.76 1.89
CA GLY A 418 2.56 0.47 2.53
C GLY A 418 1.48 0.07 3.51
N LEU A 419 1.68 -1.11 4.12
CA LEU A 419 0.73 -1.71 5.06
C LEU A 419 1.48 -2.61 6.05
N ILE A 420 0.80 -2.96 7.15
CA ILE A 420 1.36 -3.80 8.22
C ILE A 420 0.40 -4.94 8.52
N LEU A 421 0.92 -6.18 8.59
CA LEU A 421 0.09 -7.38 8.72
C LEU A 421 0.74 -8.40 9.64
N THR A 422 -0.09 -9.30 10.19
CA THR A 422 0.37 -10.36 11.09
C THR A 422 -0.43 -11.64 10.90
N ARG A 423 0.26 -12.77 10.78
CA ARG A 423 -0.45 -14.03 10.62
C ARG A 423 -1.20 -14.41 11.90
N ASP A 424 -2.05 -15.44 11.79
CA ASP A 424 -2.81 -15.91 12.95
C ASP A 424 -2.27 -17.19 13.55
N GLY A 425 -1.41 -17.93 12.84
CA GLY A 425 -0.67 -19.01 13.45
C GLY A 425 -1.21 -20.41 13.27
N GLY A 426 -1.49 -21.07 14.38
CA GLY A 426 -1.78 -22.50 14.40
C GLY A 426 -2.94 -22.97 13.55
N SER A 427 -2.63 -23.82 12.57
CA SER A 427 -3.57 -24.59 11.79
C SER A 427 -2.76 -25.53 10.90
N THR A 428 -3.42 -26.20 9.96
CA THR A 428 -2.76 -27.22 9.14
C THR A 428 -1.77 -26.59 8.18
N ASN A 429 -0.55 -27.10 8.17
CA ASN A 429 0.51 -26.53 7.35
C ASN A 429 0.17 -26.57 5.86
N SER A 430 0.27 -25.42 5.21
CA SER A 430 0.20 -25.27 3.75
C SER A 430 -1.12 -25.69 3.14
N ALA A 431 -2.04 -26.24 3.95
CA ALA A 431 -3.37 -26.55 3.45
C ALA A 431 -4.11 -25.26 3.14
N THR A 432 -4.55 -24.56 4.19
CA THR A 432 -5.13 -23.23 4.03
C THR A 432 -4.87 -22.46 5.31
N GLU A 433 -3.72 -21.81 5.37
CA GLU A 433 -3.40 -20.95 6.51
C GLU A 433 -3.91 -19.53 6.22
N THR A 434 -4.40 -18.90 7.27
CA THR A 434 -5.07 -17.62 7.19
C THR A 434 -4.21 -16.56 7.87
N PHE A 435 -4.54 -15.29 7.66
CA PHE A 435 -3.84 -14.22 8.36
C PHE A 435 -4.46 -12.86 8.03
N ARG A 436 -4.00 -11.82 8.74
CA ARG A 436 -4.77 -10.62 8.95
C ARG A 436 -3.87 -9.48 9.39
N PRO A 437 -4.17 -8.21 9.00
CA PRO A 437 -3.31 -7.11 9.41
C PRO A 437 -3.31 -6.95 10.93
N GLY A 438 -2.15 -6.71 11.56
CA GLY A 438 -2.09 -6.58 13.00
C GLY A 438 -1.81 -5.24 13.64
N GLY A 439 -0.71 -4.59 13.26
CA GLY A 439 -0.37 -3.30 13.82
C GLY A 439 -0.30 -3.30 15.34
N GLY A 440 0.29 -4.34 15.92
CA GLY A 440 0.38 -4.46 17.37
C GLY A 440 1.20 -3.36 17.99
N ASP A 441 2.23 -2.90 17.29
CA ASP A 441 3.03 -1.75 17.71
C ASP A 441 3.18 -0.82 16.53
N MET A 442 3.57 0.43 16.81
CA MET A 442 3.66 1.38 15.73
C MET A 442 5.03 1.45 15.09
N ARG A 443 6.12 1.24 15.84
CA ARG A 443 7.46 1.48 15.32
C ARG A 443 7.72 0.72 14.02
N ASP A 444 6.86 -0.23 13.71
CA ASP A 444 6.76 -0.73 12.35
C ASP A 444 6.47 0.40 11.37
N ASN A 445 5.83 1.47 11.84
CA ASN A 445 5.77 2.71 11.08
C ASN A 445 7.17 3.24 10.81
N TRP A 446 8.09 3.05 11.76
CA TRP A 446 9.42 3.59 11.57
C TRP A 446 10.28 2.67 10.69
N ARG A 447 10.09 1.36 10.79
CA ARG A 447 10.77 0.44 9.87
C ARG A 447 10.39 0.72 8.43
N SER A 448 9.29 1.44 8.20
CA SER A 448 8.80 1.71 6.86
C SER A 448 9.87 2.33 5.98
N GLU A 449 10.57 3.34 6.51
CA GLU A 449 11.54 4.08 5.72
C GLU A 449 12.85 4.30 6.46
N LEU A 450 13.07 3.65 7.59
CA LEU A 450 14.36 3.66 8.28
C LEU A 450 15.10 2.34 8.11
N TYR A 451 14.93 1.68 6.97
CA TYR A 451 15.56 0.39 6.76
C TYR A 451 16.74 0.46 5.80
N LYS A 452 16.94 1.57 5.09
CA LYS A 452 18.20 1.77 4.39
C LYS A 452 19.32 2.08 5.37
N TYR A 453 18.98 2.66 6.51
CA TYR A 453 19.93 3.42 7.30
C TYR A 453 20.49 2.62 8.47
N LYS A 454 21.70 2.95 8.85
CA LYS A 454 22.42 2.25 9.91
C LYS A 454 23.59 3.15 10.32
N VAL A 455 23.61 3.55 11.58
CA VAL A 455 24.67 4.40 12.09
C VAL A 455 25.89 3.54 12.42
N VAL A 456 27.07 4.15 12.36
CA VAL A 456 28.31 3.39 12.47
C VAL A 456 29.40 4.31 13.01
N LYS A 457 30.33 3.72 13.75
CA LYS A 457 31.35 4.46 14.46
C LYS A 457 32.55 4.71 13.55
N ILE A 458 33.33 5.73 13.89
CA ILE A 458 34.59 5.99 13.23
C ILE A 458 35.69 5.45 14.12
N GLU A 459 36.56 4.62 13.56
CA GLU A 459 37.68 4.05 14.30
C GLU A 459 38.98 4.45 13.62
N PRO A 460 39.16 5.75 13.34
CA PRO A 460 39.89 6.18 12.15
C PRO A 460 41.37 5.83 12.12
N LEU A 461 41.91 5.19 13.13
CA LEU A 461 43.35 5.02 13.25
C LEU A 461 43.71 3.55 13.18
N GLY A 462 44.64 3.21 12.30
CA GLY A 462 45.05 1.83 12.13
C GLY A 462 46.56 1.69 12.10
N VAL A 463 47.05 0.67 12.80
CA VAL A 463 48.46 0.28 12.74
C VAL A 463 48.61 -0.74 11.63
N ALA A 464 49.71 -0.67 10.89
CA ALA A 464 49.95 -1.62 9.83
C ALA A 464 51.44 -1.65 9.51
N PRO A 465 51.92 -2.72 8.91
CA PRO A 465 53.37 -2.92 8.80
C PRO A 465 53.98 -2.45 7.48
N THR A 466 54.92 -1.51 7.55
CA THR A 466 55.75 -1.19 6.40
C THR A 466 57.21 -1.07 6.84
N ARG A 467 58.08 -0.84 5.85
CA ARG A 467 59.51 -0.89 6.07
C ARG A 467 60.11 0.44 6.50
N CYS A 468 59.38 1.54 6.37
CA CYS A 468 59.93 2.83 6.76
C CYS A 468 60.16 2.91 8.26
N LYS A 469 61.11 3.78 8.63
CA LYS A 469 61.37 4.16 10.00
C LYS A 469 62.40 5.29 10.03
N ARG A 470 62.16 6.31 10.87
CA ARG A 470 63.05 7.45 10.88
C ARG A 470 64.27 7.18 11.76
N ARG A 471 65.20 8.13 11.76
CA ARG A 471 66.54 7.91 12.30
C ARG A 471 66.51 7.39 13.72
N VAL A 472 67.18 6.26 13.95
CA VAL A 472 67.42 5.83 15.32
C VAL A 472 68.40 6.84 15.92
N VAL A 473 67.92 7.63 16.88
CA VAL A 473 68.63 8.81 17.32
C VAL A 473 69.91 8.50 18.07
N GLY A 474 70.14 7.24 18.42
CA GLY A 474 71.37 6.85 19.08
C GLY A 474 72.54 6.83 18.13
N ALA B 1 19.76 11.55 -5.67
CA ALA B 1 19.13 11.58 -6.98
C ALA B 1 19.99 10.86 -8.01
N VAL B 2 19.93 11.33 -9.27
CA VAL B 2 20.76 10.75 -10.30
C VAL B 2 22.22 11.00 -9.97
N GLY B 3 23.05 9.98 -10.19
CA GLY B 3 24.45 10.05 -9.78
C GLY B 3 25.22 11.03 -10.64
N ILE B 4 25.95 11.94 -9.99
CA ILE B 4 26.86 12.84 -10.66
C ILE B 4 28.28 12.40 -10.35
N GLY B 5 29.14 12.38 -11.37
CA GLY B 5 30.48 11.86 -11.22
C GLY B 5 31.55 12.90 -11.45
N ALA B 6 31.52 13.98 -10.69
CA ALA B 6 32.47 15.07 -10.86
C ALA B 6 33.60 15.05 -9.84
N VAL B 7 33.33 14.62 -8.61
CA VAL B 7 34.30 14.64 -7.53
C VAL B 7 34.72 13.21 -7.20
N PHE B 8 35.97 13.05 -6.75
CA PHE B 8 36.49 11.75 -6.39
C PHE B 8 37.36 11.85 -5.15
N LEU B 9 37.21 10.88 -4.25
CA LEU B 9 36.07 9.97 -4.30
C LEU B 9 35.21 10.28 -3.09
N GLY B 10 35.83 10.46 -1.94
CA GLY B 10 35.14 11.05 -0.81
C GLY B 10 35.41 10.33 0.49
N PHE B 11 34.77 10.83 1.54
CA PHE B 11 34.88 10.28 2.88
C PHE B 11 34.53 8.80 2.88
N LEU B 12 35.52 7.99 3.25
CA LEU B 12 35.41 6.53 3.23
C LEU B 12 35.15 5.97 1.85
N GLY B 13 35.31 6.79 0.80
CA GLY B 13 35.20 6.27 -0.56
C GLY B 13 36.26 5.24 -0.91
N ALA B 14 37.30 5.12 -0.09
CA ALA B 14 38.34 4.12 -0.26
C ALA B 14 38.21 2.97 0.74
N ALA B 15 37.04 2.84 1.37
CA ALA B 15 36.83 1.71 2.28
C ALA B 15 36.71 0.40 1.51
N GLY B 16 36.14 0.44 0.31
CA GLY B 16 36.11 -0.73 -0.54
C GLY B 16 37.35 -0.95 -1.36
N SER B 17 38.36 -0.10 -1.20
CA SER B 17 39.62 -0.21 -1.91
C SER B 17 40.71 -0.65 -0.95
N THR B 18 41.75 -1.25 -1.52
CA THR B 18 42.79 -1.87 -0.73
C THR B 18 43.56 -0.82 0.07
N MET B 19 44.26 -1.30 1.11
CA MET B 19 44.91 -0.40 2.06
C MET B 19 45.88 0.55 1.36
N GLY B 20 46.55 0.10 0.31
CA GLY B 20 47.47 0.98 -0.39
C GLY B 20 46.77 2.16 -1.02
N ALA B 21 45.62 1.92 -1.64
CA ALA B 21 44.85 3.02 -2.22
C ALA B 21 44.37 3.98 -1.15
N ALA B 22 43.77 3.45 -0.09
CA ALA B 22 43.25 4.29 0.98
C ALA B 22 44.38 4.95 1.77
N SER B 23 45.53 4.29 1.86
CA SER B 23 46.67 4.90 2.57
C SER B 23 47.02 6.27 2.02
N MET B 24 46.67 6.55 0.77
CA MET B 24 46.89 7.86 0.20
C MET B 24 45.74 8.82 0.46
N THR B 25 44.56 8.31 0.78
CA THR B 25 43.38 9.15 1.04
C THR B 25 43.08 9.22 2.53
N LEU B 26 44.07 9.62 3.33
CA LEU B 26 43.88 9.69 4.76
C LEU B 26 43.27 11.01 5.20
N THR B 27 43.28 12.03 4.35
CA THR B 27 42.83 13.36 4.75
C THR B 27 41.35 13.60 4.47
N VAL B 28 40.76 12.86 3.54
CA VAL B 28 39.33 13.00 3.26
C VAL B 28 38.57 12.33 4.39
N GLN B 29 39.32 11.81 5.37
CA GLN B 29 38.77 11.34 6.62
C GLN B 29 39.08 12.24 7.80
N ALA B 30 40.26 12.88 7.82
CA ALA B 30 40.71 13.60 9.00
C ALA B 30 39.97 14.91 9.21
N ARG B 31 39.45 15.52 8.14
CA ARG B 31 38.73 16.78 8.28
C ARG B 31 37.27 16.53 8.68
N ASN B 32 36.66 15.47 8.16
CA ASN B 32 35.30 15.12 8.50
C ASN B 32 35.16 14.51 9.89
N LEU B 33 36.27 14.21 10.54
CA LEU B 33 36.20 13.65 11.87
C LEU B 33 35.77 14.47 13.04
N LEU B 34 36.32 15.67 13.10
CA LEU B 34 36.04 16.56 14.20
C LEU B 34 35.03 17.64 13.93
N SER B 35 35.02 18.12 12.69
CA SER B 35 34.25 19.31 12.36
C SER B 35 32.76 19.25 12.66
N GLY B 36 32.42 19.78 13.83
CA GLY B 36 31.06 19.85 14.30
C GLY B 36 30.62 21.30 14.33
N ILE B 37 31.28 22.13 13.53
CA ILE B 37 30.95 23.56 13.47
C ILE B 37 30.55 23.94 12.03
N VAL B 38 31.29 23.36 11.06
CA VAL B 38 30.89 23.52 9.67
C VAL B 38 29.43 23.11 9.50
N GLN B 39 29.04 22.02 10.15
CA GLN B 39 27.69 21.51 10.03
C GLN B 39 26.74 22.02 11.09
N GLN B 40 27.26 22.56 12.20
CA GLN B 40 26.40 23.12 13.24
C GLN B 40 26.92 24.48 13.64
N GLN B 41 26.03 25.47 13.56
CA GLN B 41 26.38 26.88 13.62
C GLN B 41 26.14 27.41 15.02
N SER B 42 27.07 28.24 15.50
CA SER B 42 26.94 28.82 16.83
C SER B 42 25.64 29.59 16.97
N ASN B 43 25.27 30.36 15.96
CA ASN B 43 23.92 30.90 15.88
C ASN B 43 23.24 30.45 14.60
N LEU B 44 21.94 30.26 14.71
CA LEU B 44 21.07 29.71 13.68
C LEU B 44 21.41 30.22 12.29
N LEU B 45 21.33 29.31 11.33
CA LEU B 45 21.45 29.65 9.92
C LEU B 45 20.38 30.67 9.54
N GLN B 51 10.45 34.32 17.68
CA GLN B 51 10.96 34.88 18.93
C GLN B 51 10.05 34.50 20.10
N GLN B 52 8.95 33.81 19.78
CA GLN B 52 8.01 33.38 20.81
C GLN B 52 8.67 32.49 21.85
N HIS B 53 9.65 31.70 21.43
CA HIS B 53 10.31 30.78 22.34
C HIS B 53 11.12 31.52 23.38
N LEU B 54 11.11 31.00 24.61
CA LEU B 54 11.87 31.65 25.66
C LEU B 54 13.32 31.17 25.56
N LEU B 55 13.65 29.98 26.07
CA LEU B 55 15.02 29.42 25.95
C LEU B 55 14.92 28.03 25.30
N LYS B 56 16.06 27.60 24.78
CA LYS B 56 16.15 26.53 23.80
C LYS B 56 16.53 25.19 24.42
N LEU B 57 15.99 24.87 25.58
CA LEU B 57 16.27 23.59 26.21
C LEU B 57 15.36 22.48 25.71
N THR B 58 14.72 22.70 24.56
CA THR B 58 14.19 21.59 23.77
C THR B 58 15.27 20.54 23.58
N VAL B 59 14.89 19.27 23.60
CA VAL B 59 15.90 18.22 23.63
C VAL B 59 16.54 18.03 22.27
N TRP B 60 16.08 18.78 21.25
CA TRP B 60 16.95 18.98 20.10
C TRP B 60 18.19 19.76 20.51
N GLY B 61 18.06 20.60 21.54
CA GLY B 61 19.14 21.45 21.99
C GLY B 61 20.28 20.72 22.67
N ILE B 62 19.99 19.96 23.73
CA ILE B 62 21.08 19.45 24.56
C ILE B 62 21.54 18.03 24.18
N LYS B 63 20.72 17.24 23.52
CA LYS B 63 21.28 16.00 23.01
C LYS B 63 21.91 16.15 21.63
N GLN B 64 21.71 17.30 20.98
CA GLN B 64 22.74 17.77 20.04
C GLN B 64 23.99 18.15 20.81
N LEU B 65 23.81 18.73 22.00
CA LEU B 65 24.93 19.23 22.77
C LEU B 65 25.80 18.09 23.29
N GLN B 66 25.20 16.98 23.72
CA GLN B 66 26.01 15.83 24.13
C GLN B 66 26.84 15.31 22.97
N ALA B 67 26.29 15.38 21.75
CA ALA B 67 26.95 14.77 20.61
C ALA B 67 28.24 15.49 20.26
N ARG B 68 28.25 16.82 20.36
CA ARG B 68 29.40 17.59 19.90
C ARG B 68 30.65 17.26 20.70
N VAL B 69 30.51 17.06 22.01
CA VAL B 69 31.69 16.80 22.82
C VAL B 69 32.20 15.38 22.59
N LEU B 70 31.29 14.41 22.53
CA LEU B 70 31.71 13.06 22.19
C LEU B 70 32.41 13.04 20.83
N ALA B 71 31.96 13.89 19.91
CA ALA B 71 32.67 14.06 18.65
C ALA B 71 34.13 14.43 18.89
N VAL B 72 34.38 15.34 19.83
CA VAL B 72 35.75 15.81 20.04
C VAL B 72 36.53 14.89 20.97
N GLU B 73 35.93 14.46 22.09
CA GLU B 73 36.72 13.77 23.12
C GLU B 73 37.29 12.47 22.60
N ARG B 74 36.54 11.73 21.80
CA ARG B 74 37.08 10.50 21.25
C ARG B 74 38.13 10.78 20.19
N TYR B 75 37.96 11.87 19.42
CA TYR B 75 39.07 12.40 18.64
C TYR B 75 40.19 12.83 19.58
N LEU B 76 39.85 13.64 20.59
CA LEU B 76 40.86 14.23 21.46
C LEU B 76 41.66 13.19 22.22
N ARG B 77 41.02 12.09 22.62
CA ARG B 77 41.79 11.02 23.22
C ARG B 77 42.53 10.19 22.18
N ASP B 78 41.98 10.09 20.96
CA ASP B 78 42.69 9.43 19.88
C ASP B 78 43.98 10.18 19.56
N GLN B 79 43.87 11.48 19.28
CA GLN B 79 45.05 12.28 18.98
C GLN B 79 45.99 12.42 20.17
N GLN B 80 45.52 12.11 21.38
CA GLN B 80 46.46 12.03 22.51
C GLN B 80 47.32 10.79 22.40
N LEU B 81 46.72 9.66 21.98
CA LEU B 81 47.51 8.47 21.68
C LEU B 81 48.62 8.77 20.70
N LEU B 82 48.34 9.63 19.71
CA LEU B 82 49.38 10.08 18.81
C LEU B 82 50.40 10.94 19.55
N GLY B 83 49.94 11.84 20.42
CA GLY B 83 50.84 12.54 21.31
C GLY B 83 51.60 11.60 22.23
N ILE B 84 51.12 10.37 22.40
CA ILE B 84 51.90 9.41 23.16
C ILE B 84 53.01 8.80 22.30
N TRP B 85 52.79 8.71 21.00
CA TRP B 85 53.67 7.95 20.11
C TRP B 85 54.51 8.84 19.20
N GLY B 86 54.36 10.17 19.30
CA GLY B 86 55.25 11.08 18.61
C GLY B 86 54.85 11.41 17.18
N CYS B 87 53.57 11.69 16.97
CA CYS B 87 53.02 11.84 15.63
C CYS B 87 51.97 12.93 15.50
N SER B 88 51.89 13.84 16.47
CA SER B 88 50.79 14.76 16.63
C SER B 88 50.27 15.35 15.33
N GLY B 89 51.08 16.17 14.67
CA GLY B 89 50.60 16.81 13.47
C GLY B 89 50.75 16.02 12.20
N LYS B 90 50.99 14.71 12.30
CA LYS B 90 51.45 13.92 11.16
C LYS B 90 50.69 12.61 11.12
N LEU B 91 50.01 12.38 9.98
CA LEU B 91 48.96 11.36 9.94
C LEU B 91 49.51 9.95 9.94
N ILE B 92 50.53 9.68 9.14
CA ILE B 92 51.17 8.37 9.18
C ILE B 92 52.31 8.47 10.17
N CYS B 93 52.89 7.34 10.58
CA CYS B 93 53.99 7.35 11.55
C CYS B 93 54.80 6.09 11.42
N CYS B 94 56.11 6.24 11.27
CA CYS B 94 56.94 5.05 11.26
C CYS B 94 57.25 4.64 12.71
N THR B 95 58.03 3.58 12.87
CA THR B 95 58.01 2.83 14.13
C THR B 95 59.29 2.03 14.28
N ASN B 96 59.76 1.89 15.52
CA ASN B 96 61.06 1.26 15.76
C ASN B 96 60.99 -0.20 16.22
N VAL B 97 60.09 -0.58 17.13
CA VAL B 97 60.19 -1.95 17.67
C VAL B 97 59.73 -2.94 16.61
N PRO B 98 60.51 -3.97 16.31
CA PRO B 98 60.12 -4.94 15.27
C PRO B 98 58.72 -5.50 15.47
N TRP B 99 58.16 -5.97 14.37
CA TRP B 99 56.95 -6.78 14.43
C TRP B 99 57.37 -8.24 14.42
N ASN B 100 57.19 -8.91 15.55
CA ASN B 100 57.17 -10.36 15.58
C ASN B 100 55.78 -10.80 15.15
N SER B 101 55.71 -11.68 14.16
CA SER B 101 54.51 -11.78 13.35
C SER B 101 53.53 -12.83 13.81
N SER B 102 53.61 -13.26 15.08
CA SER B 102 52.55 -14.13 15.61
C SER B 102 51.19 -13.46 15.59
N TRP B 103 51.13 -12.17 15.28
CA TRP B 103 49.87 -11.47 15.09
C TRP B 103 49.36 -11.59 13.66
N SER B 104 50.27 -11.74 12.69
CA SER B 104 49.88 -12.09 11.32
C SER B 104 51.10 -12.62 10.59
N ASN B 105 50.97 -13.78 9.98
CA ASN B 105 52.05 -14.49 9.27
C ASN B 105 52.34 -14.08 7.81
N ARG B 106 51.41 -13.33 7.25
CA ARG B 106 51.52 -12.89 5.88
C ARG B 106 52.42 -11.68 5.58
N ASN B 107 52.66 -11.47 4.29
CA ASN B 107 53.63 -10.50 3.75
C ASN B 107 53.33 -9.01 3.79
N LEU B 108 54.16 -8.28 3.05
CA LEU B 108 53.98 -6.85 2.96
C LEU B 108 53.00 -6.57 1.76
N SER B 109 53.28 -7.00 0.51
CA SER B 109 52.35 -6.81 -0.59
C SER B 109 50.96 -7.37 -0.24
N GLU B 110 50.91 -8.39 0.63
CA GLU B 110 49.75 -9.24 0.85
C GLU B 110 48.63 -8.56 1.61
N ILE B 111 48.78 -7.27 1.85
CA ILE B 111 47.83 -6.57 2.69
C ILE B 111 47.43 -5.28 2.00
N TRP B 112 48.42 -4.49 1.57
CA TRP B 112 48.12 -3.21 0.93
C TRP B 112 47.52 -3.40 -0.44
N ASP B 113 47.97 -4.42 -1.16
CA ASP B 113 47.41 -4.71 -2.47
C ASP B 113 46.28 -5.72 -2.40
N ASN B 114 46.28 -6.58 -1.37
CA ASN B 114 45.36 -7.71 -1.28
C ASN B 114 44.12 -7.42 -0.43
N MET B 115 44.28 -6.81 0.74
CA MET B 115 43.16 -6.59 1.65
C MET B 115 42.88 -5.09 1.77
N THR B 116 41.84 -4.78 2.55
CA THR B 116 41.50 -3.40 2.90
C THR B 116 41.62 -3.22 4.41
N TRP B 117 41.49 -1.97 4.84
CA TRP B 117 41.74 -1.63 6.24
C TRP B 117 40.79 -2.38 7.17
N LEU B 118 39.49 -2.30 6.89
CA LEU B 118 38.52 -3.08 7.65
C LEU B 118 38.89 -4.55 7.67
N GLN B 119 39.36 -5.07 6.54
CA GLN B 119 39.75 -6.47 6.40
C GLN B 119 41.08 -6.78 7.06
N TRP B 120 41.70 -5.81 7.73
CA TRP B 120 42.90 -6.07 8.51
C TRP B 120 42.68 -5.97 10.01
N ASP B 121 41.81 -5.06 10.45
CA ASP B 121 41.47 -4.98 11.86
C ASP B 121 40.77 -6.24 12.34
N LYS B 122 39.89 -6.79 11.50
CA LYS B 122 39.07 -7.93 11.90
C LYS B 122 39.91 -9.05 12.49
N GLU B 123 41.11 -9.25 11.96
CA GLU B 123 41.92 -10.41 12.27
C GLU B 123 42.80 -10.18 13.50
N ILE B 124 43.26 -8.96 13.71
CA ILE B 124 44.05 -8.62 14.88
C ILE B 124 43.27 -7.75 15.85
N SER B 125 41.94 -7.66 15.68
CA SER B 125 41.12 -6.94 16.64
C SER B 125 41.33 -7.46 18.06
N ASN B 126 41.73 -8.73 18.19
CA ASN B 126 42.02 -9.29 19.51
C ASN B 126 43.36 -8.82 20.05
N TYR B 127 44.35 -8.66 19.16
CA TYR B 127 45.72 -8.23 19.52
C TYR B 127 45.90 -6.74 19.56
N THR B 128 44.81 -6.04 19.37
CA THR B 128 44.87 -4.59 19.35
C THR B 128 45.37 -3.87 20.60
N GLN B 129 44.80 -4.19 21.76
CA GLN B 129 45.16 -3.46 22.99
C GLN B 129 46.59 -3.69 23.45
N ILE B 130 46.98 -4.92 23.28
CA ILE B 130 48.29 -5.33 23.77
C ILE B 130 49.40 -4.65 23.00
N ILE B 131 49.22 -4.42 21.69
CA ILE B 131 50.27 -3.75 20.94
C ILE B 131 50.44 -2.31 21.43
N TYR B 132 49.33 -1.60 21.64
CA TYR B 132 49.39 -0.21 22.08
C TYR B 132 50.01 -0.06 23.45
N GLY B 133 50.32 -1.18 24.11
CA GLY B 133 51.05 -1.10 25.36
C GLY B 133 52.40 -0.44 25.23
N LEU B 134 53.15 -0.77 24.17
CA LEU B 134 54.51 -0.26 24.07
C LEU B 134 54.93 0.23 22.69
N LEU B 135 53.99 0.49 21.75
CA LEU B 135 54.34 1.41 20.66
C LEU B 135 54.69 2.78 21.19
N GLU B 136 54.54 3.01 22.50
CA GLU B 136 55.17 4.16 23.11
C GLU B 136 56.30 3.78 24.05
N GLU B 137 56.09 2.84 24.99
CA GLU B 137 57.16 2.55 25.94
C GLU B 137 58.46 2.24 25.22
N SER B 138 58.53 1.11 24.52
CA SER B 138 59.77 0.82 23.82
C SER B 138 60.03 1.77 22.66
N GLN B 139 59.07 2.64 22.33
CA GLN B 139 59.24 3.57 21.22
C GLN B 139 59.43 5.01 21.64
N ASN B 140 58.78 5.44 22.68
CA ASN B 140 58.89 6.85 23.01
C ASN B 140 59.15 7.09 24.48
N GLN B 141 58.55 6.31 25.38
CA GLN B 141 58.91 6.41 26.79
C GLN B 141 60.40 6.27 26.96
N GLN B 142 60.99 5.28 26.30
CA GLN B 142 62.45 5.24 26.30
C GLN B 142 62.96 5.46 24.88
N GLU B 143 62.50 6.57 24.28
CA GLU B 143 63.18 7.23 23.16
C GLU B 143 63.82 8.54 23.57
N LYS B 144 63.34 9.18 24.64
CA LYS B 144 63.76 10.53 24.98
C LYS B 144 64.34 10.70 26.38
N ASN B 145 64.42 9.65 27.19
CA ASN B 145 65.43 9.71 28.23
C ASN B 145 66.81 9.63 27.59
N GLU B 146 66.86 9.06 26.38
CA GLU B 146 68.06 8.98 25.55
C GLU B 146 68.59 10.37 25.28
N GLN B 147 67.88 11.13 24.42
CA GLN B 147 68.25 12.50 24.17
C GLN B 147 68.12 13.38 25.41
N ASP B 148 67.54 12.86 26.49
CA ASP B 148 67.82 13.45 27.79
C ASP B 148 69.26 13.14 28.20
N LEU B 149 69.62 11.86 28.20
CA LEU B 149 70.95 11.45 28.62
C LEU B 149 72.01 11.69 27.55
N LEU B 150 71.63 12.06 26.33
CA LEU B 150 72.59 12.24 25.25
C LEU B 150 72.67 13.65 24.70
N ALA B 151 71.62 14.45 24.81
CA ALA B 151 71.80 15.90 24.79
C ALA B 151 72.31 16.41 26.13
N LEU B 152 72.50 15.49 27.09
CA LEU B 152 73.19 15.79 28.33
C LEU B 152 74.50 16.53 28.08
N ASP B 153 75.13 16.29 26.94
CA ASP B 153 76.41 16.91 26.61
C ASP B 153 76.29 17.81 25.39
N SER C 5 -49.60 29.86 11.79
CA SER C 5 -50.91 30.01 12.41
C SER C 5 -51.94 30.50 11.40
N TYR C 6 -51.72 31.72 10.90
CA TYR C 6 -52.71 32.41 10.08
C TYR C 6 -51.96 33.13 8.97
N VAL C 7 -52.62 34.13 8.38
CA VAL C 7 -52.04 34.88 7.26
C VAL C 7 -51.01 35.87 7.77
N ARG C 8 -50.00 36.14 6.94
CA ARG C 8 -49.05 37.21 7.16
C ARG C 8 -48.87 37.92 5.82
N PRO C 9 -48.71 39.25 5.82
CA PRO C 9 -49.02 40.04 4.62
C PRO C 9 -47.84 40.58 3.83
N LEU C 10 -47.98 40.57 2.50
CA LEU C 10 -46.99 41.16 1.59
C LEU C 10 -47.75 41.90 0.48
N SER C 11 -47.30 43.11 0.16
CA SER C 11 -47.94 43.94 -0.87
C SER C 11 -46.92 44.38 -1.90
N VAL C 12 -47.32 44.38 -3.18
CA VAL C 12 -46.48 44.81 -4.28
C VAL C 12 -47.28 45.70 -5.23
N ALA C 13 -46.57 46.42 -6.07
CA ALA C 13 -47.17 47.36 -7.02
C ALA C 13 -47.44 46.66 -8.36
N LEU C 14 -48.45 47.14 -9.06
CA LEU C 14 -48.83 46.55 -10.33
C LEU C 14 -47.77 46.83 -11.39
N GLY C 15 -47.64 45.90 -12.33
CA GLY C 15 -46.57 45.93 -13.31
C GLY C 15 -45.26 45.37 -12.79
N GLU C 16 -44.91 45.69 -11.55
CA GLU C 16 -43.56 45.49 -11.03
C GLU C 16 -43.49 44.32 -10.06
N THR C 17 -42.33 43.70 -10.09
CA THR C 17 -41.99 42.46 -9.40
C THR C 17 -41.31 42.61 -8.03
N ALA C 18 -41.62 41.74 -7.10
CA ALA C 18 -41.02 41.84 -5.80
C ALA C 18 -40.69 40.51 -5.21
N SER C 19 -40.32 40.57 -3.94
CA SER C 19 -39.91 39.45 -3.08
C SER C 19 -41.02 38.54 -2.60
N ILE C 20 -40.64 37.56 -1.78
CA ILE C 20 -41.56 36.79 -0.94
C ILE C 20 -40.66 36.24 0.14
N SER C 21 -41.06 36.40 1.36
CA SER C 21 -40.26 35.82 2.39
C SER C 21 -40.96 34.39 2.66
N CYS C 22 -40.40 33.58 3.55
CA CYS C 22 -40.97 32.32 3.99
C CYS C 22 -40.49 32.08 5.41
N GLY C 23 -41.35 31.51 6.23
CA GLY C 23 -40.94 31.08 7.55
C GLY C 23 -40.15 29.79 7.49
N ARG C 24 -40.12 29.11 8.63
CA ARG C 24 -39.73 27.71 8.77
C ARG C 24 -38.32 27.41 8.26
N GLN C 25 -37.55 28.42 7.85
CA GLN C 25 -36.27 28.30 7.15
C GLN C 25 -35.49 27.02 7.44
N ALA C 26 -34.91 26.43 6.40
CA ALA C 26 -34.35 25.08 6.48
C ALA C 26 -33.11 25.05 7.36
N LEU C 27 -32.71 23.84 7.71
CA LEU C 27 -31.48 23.57 8.45
C LEU C 27 -30.42 22.86 7.61
N GLY C 28 -30.84 21.98 6.71
CA GLY C 28 -29.93 21.34 5.79
C GLY C 28 -30.36 21.50 4.35
N SER C 29 -29.82 20.68 3.46
CA SER C 29 -30.09 20.83 2.03
C SER C 29 -31.59 20.71 1.75
N ARG C 30 -32.06 21.51 0.81
CA ARG C 30 -33.47 21.87 0.70
C ARG C 30 -34.16 21.11 -0.43
N ALA C 31 -35.48 21.04 -0.30
CA ALA C 31 -36.39 20.56 -1.36
C ALA C 31 -37.80 21.00 -1.00
N VAL C 32 -38.10 22.26 -1.23
CA VAL C 32 -39.33 22.88 -0.76
C VAL C 32 -40.36 22.87 -1.88
N GLN C 33 -41.55 22.38 -1.58
CA GLN C 33 -42.65 22.53 -2.51
C GLN C 33 -43.46 23.77 -2.20
N TRP C 34 -44.00 24.36 -3.25
CA TRP C 34 -44.95 25.46 -3.19
C TRP C 34 -46.36 24.89 -3.27
N TYR C 35 -47.36 25.74 -3.03
CA TYR C 35 -48.76 25.50 -3.47
C TYR C 35 -49.50 26.82 -3.58
N GLN C 36 -49.89 27.18 -4.82
CA GLN C 36 -50.75 28.35 -5.03
C GLN C 36 -52.17 28.04 -4.57
N HIS C 37 -52.71 28.81 -3.62
CA HIS C 37 -54.05 28.57 -3.08
C HIS C 37 -54.99 29.71 -3.46
N ARG C 38 -56.23 29.35 -3.79
CA ARG C 38 -57.30 30.31 -4.02
C ARG C 38 -58.48 29.90 -3.17
N PRO C 39 -58.96 30.77 -2.25
CA PRO C 39 -60.02 30.35 -1.32
C PRO C 39 -61.23 29.73 -1.99
N GLY C 40 -61.45 28.44 -1.75
CA GLY C 40 -62.60 27.76 -2.29
C GLY C 40 -62.26 26.75 -3.37
N GLN C 41 -61.32 27.10 -4.25
CA GLN C 41 -60.99 26.25 -5.38
C GLN C 41 -59.57 25.69 -5.25
N ALA C 42 -59.25 24.81 -6.19
CA ALA C 42 -58.10 23.92 -6.05
C ALA C 42 -56.80 24.72 -5.95
N PRO C 43 -55.93 24.41 -5.00
CA PRO C 43 -54.60 25.01 -5.03
C PRO C 43 -53.76 24.44 -6.15
N ILE C 44 -53.46 25.25 -7.15
CA ILE C 44 -52.64 24.79 -8.26
C ILE C 44 -51.21 24.62 -7.76
N LEU C 45 -50.28 24.35 -8.67
CA LEU C 45 -48.90 24.18 -8.26
C LEU C 45 -47.95 24.81 -9.26
N LEU C 46 -46.95 25.51 -8.73
CA LEU C 46 -46.02 26.31 -9.50
C LEU C 46 -44.65 25.69 -9.67
N ILE C 47 -44.20 24.88 -8.70
CA ILE C 47 -42.96 24.12 -8.81
C ILE C 47 -43.16 22.79 -8.09
N TYR C 48 -42.20 21.91 -8.25
CA TYR C 48 -42.10 20.74 -7.38
C TYR C 48 -40.70 20.56 -6.84
N ASN C 49 -39.68 20.87 -7.64
CA ASN C 49 -38.33 21.11 -7.16
C ASN C 49 -38.08 22.61 -7.26
N ASN C 50 -37.24 23.13 -6.37
CA ASN C 50 -36.95 24.56 -6.35
C ASN C 50 -36.45 25.05 -7.70
N GLN C 51 -36.23 24.13 -8.64
CA GLN C 51 -35.60 24.33 -9.94
C GLN C 51 -36.59 24.33 -11.10
N ASP C 52 -37.47 23.34 -11.15
CA ASP C 52 -38.44 23.11 -12.22
C ASP C 52 -39.84 23.02 -11.66
N ARG C 53 -40.74 22.92 -12.62
CA ARG C 53 -42.10 23.35 -12.44
C ARG C 53 -42.92 22.48 -13.36
N PRO C 54 -44.15 22.24 -13.01
CA PRO C 54 -45.02 21.41 -13.85
C PRO C 54 -45.22 21.99 -15.23
N SER C 55 -46.12 21.40 -16.00
CA SER C 55 -46.41 21.89 -17.33
C SER C 55 -47.59 22.85 -17.30
N GLY C 56 -47.64 23.72 -18.31
CA GLY C 56 -48.73 24.65 -18.48
C GLY C 56 -48.67 25.89 -17.63
N ILE C 57 -47.64 26.07 -16.85
CA ILE C 57 -47.48 27.22 -15.97
C ILE C 57 -46.58 28.24 -16.67
N PRO C 58 -46.86 29.55 -16.47
CA PRO C 58 -46.02 30.53 -17.18
C PRO C 58 -44.61 30.38 -16.72
N GLU C 59 -43.60 30.51 -17.61
CA GLU C 59 -42.17 30.27 -17.28
C GLU C 59 -41.42 31.37 -16.51
N ARG C 60 -42.10 31.94 -15.53
CA ARG C 60 -41.70 33.06 -14.73
C ARG C 60 -41.31 32.91 -13.39
N PHE C 61 -42.18 32.30 -12.65
CA PHE C 61 -41.79 31.99 -11.29
C PHE C 61 -40.72 30.91 -11.28
N SER C 62 -39.92 30.91 -10.23
CA SER C 62 -38.90 29.88 -10.02
C SER C 62 -38.23 30.10 -8.68
N GLY C 63 -38.31 29.12 -7.79
CA GLY C 63 -37.63 29.20 -6.51
C GLY C 63 -36.13 29.29 -6.67
N THR C 64 -35.40 29.35 -5.56
CA THR C 64 -33.96 29.44 -5.66
C THR C 64 -33.34 28.06 -5.52
N PRO C 65 -32.54 27.62 -6.49
CA PRO C 65 -32.00 26.26 -6.45
C PRO C 65 -30.97 26.10 -5.36
N ASP C 66 -30.88 24.87 -4.84
CA ASP C 66 -29.90 24.55 -3.79
C ASP C 66 -28.52 24.43 -4.44
N ILE C 67 -27.88 25.58 -4.62
CA ILE C 67 -26.54 25.61 -5.20
C ILE C 67 -25.47 25.40 -4.14
N ASN C 68 -25.61 26.09 -3.01
CA ASN C 68 -24.77 25.90 -1.83
C ASN C 68 -25.65 26.21 -0.63
N PHE C 69 -25.12 25.96 0.56
CA PHE C 69 -25.81 26.44 1.74
C PHE C 69 -25.56 27.93 1.92
N GLY C 70 -26.63 28.66 2.22
CA GLY C 70 -26.61 30.11 2.19
C GLY C 70 -27.84 30.59 1.48
N THR C 71 -28.29 29.81 0.50
CA THR C 71 -29.56 30.09 -0.17
C THR C 71 -30.72 29.94 0.81
N ARG C 72 -31.73 30.78 0.63
CA ARG C 72 -32.96 30.71 1.40
C ARG C 72 -34.11 30.94 0.43
N ALA C 73 -35.04 29.98 0.36
CA ALA C 73 -36.04 29.94 -0.70
C ALA C 73 -36.72 31.28 -0.89
N THR C 74 -36.80 31.72 -2.15
CA THR C 74 -37.28 33.06 -2.47
C THR C 74 -37.82 33.06 -3.89
N LEU C 75 -38.93 33.76 -4.09
CA LEU C 75 -39.54 33.89 -5.40
C LEU C 75 -39.71 35.35 -5.76
N THR C 76 -39.93 35.58 -7.05
CA THR C 76 -39.96 36.92 -7.64
C THR C 76 -41.02 36.91 -8.72
N ILE C 77 -42.04 37.74 -8.57
CA ILE C 77 -43.29 37.51 -9.30
C ILE C 77 -43.54 38.48 -10.46
N SER C 78 -42.80 38.31 -11.55
CA SER C 78 -42.85 39.23 -12.69
C SER C 78 -44.25 39.42 -13.25
N GLY C 79 -44.39 40.42 -14.12
CA GLY C 79 -45.65 40.75 -14.77
C GLY C 79 -46.86 40.66 -13.87
N VAL C 80 -46.83 41.35 -12.73
CA VAL C 80 -47.89 41.19 -11.76
C VAL C 80 -49.22 41.59 -12.37
N GLU C 81 -50.27 40.93 -11.90
CA GLU C 81 -51.64 41.23 -12.32
C GLU C 81 -52.54 40.80 -11.18
N ALA C 82 -53.81 41.15 -11.31
CA ALA C 82 -54.76 40.71 -10.30
C ALA C 82 -54.88 39.19 -10.27
N GLY C 83 -54.58 38.52 -11.40
CA GLY C 83 -54.66 37.07 -11.43
C GLY C 83 -53.73 36.41 -10.43
N ASP C 84 -52.60 37.05 -10.14
CA ASP C 84 -51.67 36.53 -9.16
C ASP C 84 -52.18 36.62 -7.72
N GLU C 85 -53.31 37.30 -7.52
CA GLU C 85 -53.92 37.36 -6.20
C GLU C 85 -54.26 35.96 -5.69
N ALA C 86 -53.76 35.63 -4.49
CA ALA C 86 -54.00 34.34 -3.84
C ALA C 86 -53.26 34.32 -2.50
N ASP C 87 -53.34 33.18 -1.83
CA ASP C 87 -52.54 32.88 -0.65
C ASP C 87 -51.73 31.65 -0.97
N TYR C 88 -50.47 31.61 -0.57
CA TYR C 88 -49.69 30.44 -0.90
C TYR C 88 -48.94 29.90 0.30
N TYR C 89 -48.42 28.69 0.12
CA TYR C 89 -47.97 27.89 1.23
C TYR C 89 -46.60 27.32 0.91
N CYS C 90 -45.66 27.54 1.82
CA CYS C 90 -44.24 27.23 1.64
C CYS C 90 -43.96 25.91 2.34
N HIS C 91 -44.22 24.80 1.64
CA HIS C 91 -44.08 23.48 2.27
C HIS C 91 -42.63 23.00 2.19
N MET C 92 -42.05 22.74 3.35
CA MET C 92 -40.63 22.49 3.52
C MET C 92 -40.32 21.01 3.60
N TRP C 93 -39.17 20.62 3.03
CA TRP C 93 -38.60 19.29 3.26
C TRP C 93 -37.08 19.45 3.24
N ASP C 94 -36.44 19.39 4.40
CA ASP C 94 -34.99 19.56 4.51
C ASP C 94 -34.33 18.26 4.92
N SER C 95 -33.01 18.34 5.14
CA SER C 95 -32.19 17.15 5.28
C SER C 95 -32.48 16.40 6.58
N ARG C 96 -32.53 17.12 7.71
CA ARG C 96 -32.55 16.48 9.01
C ARG C 96 -33.86 16.63 9.77
N SER C 97 -34.67 17.63 9.46
CA SER C 97 -35.99 17.71 10.07
C SER C 97 -36.80 16.48 9.69
N GLY C 98 -37.63 16.02 10.62
CA GLY C 98 -38.44 14.84 10.38
C GLY C 98 -39.48 15.03 9.31
N PHE C 99 -40.45 14.13 9.24
CA PHE C 99 -41.54 14.27 8.29
C PHE C 99 -42.25 15.60 8.50
N SER C 100 -42.19 16.47 7.50
CA SER C 100 -42.80 17.79 7.59
C SER C 100 -44.28 17.68 7.31
N TRP C 101 -45.12 17.79 8.36
CA TRP C 101 -46.55 17.55 8.25
C TRP C 101 -47.39 18.81 8.15
N SER C 102 -46.89 19.93 8.62
CA SER C 102 -47.53 21.21 8.37
C SER C 102 -46.97 21.84 7.11
N PHE C 103 -47.79 22.64 6.45
CA PHE C 103 -47.30 23.44 5.34
C PHE C 103 -46.61 24.69 5.87
N GLY C 104 -46.17 25.55 4.95
CA GLY C 104 -45.78 26.88 5.36
C GLY C 104 -46.96 27.69 5.80
N GLY C 105 -46.69 28.68 6.64
CA GLY C 105 -47.76 29.58 7.07
C GLY C 105 -48.41 30.24 5.87
N ALA C 106 -49.74 30.39 5.95
CA ALA C 106 -50.46 31.09 4.91
C ALA C 106 -49.86 32.47 4.70
N THR C 107 -49.74 32.87 3.44
CA THR C 107 -49.09 34.14 3.11
C THR C 107 -50.00 34.98 2.24
N ARG C 108 -50.15 36.25 2.61
CA ARG C 108 -51.00 37.17 1.90
C ARG C 108 -50.30 37.73 0.68
N LEU C 109 -51.12 38.17 -0.26
CA LEU C 109 -50.70 39.12 -1.28
C LEU C 109 -51.97 39.82 -1.74
N THR C 110 -51.91 41.13 -1.85
CA THR C 110 -52.84 41.81 -2.73
C THR C 110 -52.04 42.73 -3.65
N VAL C 111 -52.47 42.77 -4.89
CA VAL C 111 -51.84 43.64 -5.87
C VAL C 111 -52.34 45.04 -5.64
N LEU C 112 -51.42 46.00 -5.60
CA LEU C 112 -51.74 47.41 -5.43
C LEU C 112 -51.33 48.14 -6.69
N GLY C 113 -52.20 49.03 -7.15
CA GLY C 113 -51.89 49.76 -8.37
C GLY C 113 -52.88 49.48 -9.48
N GLN C 114 -53.96 48.79 -9.15
CA GLN C 114 -55.10 48.67 -10.06
C GLN C 114 -56.21 49.59 -9.55
N PRO C 115 -56.33 50.80 -10.07
CA PRO C 115 -57.43 51.67 -9.66
C PRO C 115 -58.80 51.01 -9.81
N LYS C 116 -59.81 51.69 -9.27
CA LYS C 116 -60.99 51.03 -8.75
C LYS C 116 -62.01 50.73 -9.84
N ALA C 117 -62.89 49.77 -9.54
CA ALA C 117 -64.03 49.43 -10.37
C ALA C 117 -65.29 49.82 -9.60
N ALA C 118 -66.12 50.66 -10.20
CA ALA C 118 -67.35 51.06 -9.56
C ALA C 118 -68.36 49.91 -9.61
N PRO C 119 -69.15 49.71 -8.56
CA PRO C 119 -70.15 48.64 -8.58
C PRO C 119 -71.28 48.96 -9.54
N SER C 120 -72.18 47.99 -9.69
CA SER C 120 -73.37 48.16 -10.52
C SER C 120 -74.50 47.36 -9.90
N VAL C 121 -75.61 48.04 -9.58
CA VAL C 121 -76.62 47.52 -8.67
C VAL C 121 -77.85 47.07 -9.45
N THR C 122 -78.52 46.03 -8.92
CA THR C 122 -79.81 45.55 -9.39
C THR C 122 -80.73 45.36 -8.18
N LEU C 123 -82.04 45.24 -8.44
CA LEU C 123 -83.02 45.49 -7.39
C LEU C 123 -84.45 45.09 -7.80
N PHE C 124 -84.90 43.88 -7.40
CA PHE C 124 -86.05 43.26 -8.06
C PHE C 124 -87.07 42.56 -7.17
N PRO C 125 -88.24 43.15 -6.95
CA PRO C 125 -88.98 43.00 -5.67
C PRO C 125 -89.37 41.56 -5.35
N PRO C 126 -89.90 41.31 -4.12
CA PRO C 126 -90.38 39.98 -3.74
C PRO C 126 -91.24 39.29 -4.79
N SER C 127 -91.31 37.97 -4.68
CA SER C 127 -91.94 37.16 -5.72
C SER C 127 -93.44 37.42 -5.81
N SER C 128 -94.01 37.01 -6.94
CA SER C 128 -95.44 36.96 -7.12
C SER C 128 -96.07 35.78 -6.40
N GLU C 129 -95.28 34.97 -5.69
CA GLU C 129 -95.83 33.94 -4.82
C GLU C 129 -95.01 33.78 -3.54
N GLU C 130 -94.15 34.75 -3.22
CA GLU C 130 -93.62 34.83 -1.87
C GLU C 130 -94.64 35.47 -0.94
N LEU C 131 -95.33 36.51 -1.43
CA LEU C 131 -96.44 37.15 -0.72
C LEU C 131 -97.37 36.14 -0.05
N GLN C 132 -97.75 35.09 -0.79
CA GLN C 132 -98.70 34.13 -0.25
C GLN C 132 -98.08 33.29 0.85
N ALA C 133 -96.77 33.08 0.79
CA ALA C 133 -96.07 32.32 1.81
C ALA C 133 -96.00 33.06 3.15
N ASN C 134 -96.66 34.22 3.25
CA ASN C 134 -96.71 35.04 4.45
C ASN C 134 -95.36 35.67 4.78
N LYS C 135 -94.43 35.64 3.84
CA LYS C 135 -93.13 36.28 3.99
C LYS C 135 -92.85 37.07 2.73
N ALA C 136 -91.96 38.05 2.84
CA ALA C 136 -91.60 38.87 1.69
C ALA C 136 -90.21 39.43 1.91
N THR C 137 -89.37 39.36 0.87
CA THR C 137 -88.05 39.99 0.99
C THR C 137 -87.30 40.11 -0.32
N LEU C 138 -86.73 41.30 -0.52
CA LEU C 138 -85.96 41.64 -1.71
C LEU C 138 -84.51 41.93 -1.32
N VAL C 139 -83.58 41.67 -2.23
CA VAL C 139 -82.16 41.79 -1.94
C VAL C 139 -81.44 42.57 -3.04
N CYS C 140 -80.57 43.48 -2.61
CA CYS C 140 -79.66 44.15 -3.52
C CYS C 140 -78.66 43.17 -4.10
N LEU C 141 -78.25 43.44 -5.33
CA LEU C 141 -77.10 42.78 -5.95
C LEU C 141 -76.15 43.87 -6.43
N ILE C 142 -74.84 43.62 -6.33
CA ILE C 142 -73.87 44.49 -6.97
C ILE C 142 -72.80 43.65 -7.63
N SER C 143 -72.08 44.28 -8.56
CA SER C 143 -71.17 43.58 -9.44
C SER C 143 -69.88 44.37 -9.58
N ASP C 144 -68.81 43.63 -9.89
CA ASP C 144 -67.55 44.19 -10.39
C ASP C 144 -67.14 45.47 -9.67
N PHE C 145 -66.71 45.37 -8.42
CA PHE C 145 -66.27 46.54 -7.68
C PHE C 145 -65.00 46.21 -6.89
N TYR C 146 -63.99 47.04 -7.08
CA TYR C 146 -62.74 46.98 -6.37
C TYR C 146 -62.54 48.34 -5.72
N PRO C 147 -62.14 48.39 -4.43
CA PRO C 147 -61.89 47.22 -3.60
C PRO C 147 -63.20 46.61 -3.11
N GLY C 148 -63.13 45.46 -2.45
CA GLY C 148 -64.32 44.86 -1.88
C GLY C 148 -64.56 45.39 -0.50
N ALA C 149 -64.74 46.70 -0.43
CA ALA C 149 -64.94 47.42 0.81
C ALA C 149 -66.14 48.33 0.57
N VAL C 150 -67.32 47.87 0.98
CA VAL C 150 -68.54 48.62 0.77
C VAL C 150 -69.50 48.30 1.91
N THR C 151 -70.18 49.33 2.40
CA THR C 151 -71.25 49.17 3.36
C THR C 151 -72.56 49.55 2.68
N VAL C 152 -73.61 48.81 2.99
CA VAL C 152 -74.93 49.08 2.41
C VAL C 152 -75.89 49.44 3.53
N ALA C 153 -76.87 50.27 3.20
CA ALA C 153 -77.92 50.67 4.13
C ALA C 153 -79.27 50.56 3.44
N TRP C 154 -80.27 50.10 4.18
CA TRP C 154 -81.62 49.92 3.68
C TRP C 154 -82.52 51.02 4.22
N LYS C 155 -83.56 51.35 3.46
CA LYS C 155 -84.17 52.67 3.59
C LYS C 155 -85.69 52.61 3.44
N ALA C 156 -86.40 52.58 4.56
CA ALA C 156 -87.80 53.00 4.56
C ALA C 156 -87.81 54.51 4.43
N ASP C 157 -88.39 55.00 3.33
CA ASP C 157 -88.31 56.40 2.97
C ASP C 157 -88.60 57.31 4.16
N SER C 158 -87.56 58.05 4.56
CA SER C 158 -87.44 58.87 5.77
C SER C 158 -87.22 58.06 7.04
N SER C 159 -86.65 56.84 6.95
CA SER C 159 -86.31 56.00 8.09
C SER C 159 -85.52 54.76 7.69
N PRO C 160 -84.25 54.60 8.11
CA PRO C 160 -83.54 53.34 7.83
C PRO C 160 -84.21 52.13 8.47
N VAL C 161 -83.65 50.94 8.29
CA VAL C 161 -84.34 49.73 8.71
C VAL C 161 -83.76 49.17 10.00
N LYS C 162 -82.48 48.78 9.99
CA LYS C 162 -81.84 48.18 11.16
C LYS C 162 -82.59 46.93 11.60
N ALA C 163 -82.92 46.08 10.62
CA ALA C 163 -83.68 44.86 10.87
C ALA C 163 -83.57 43.97 9.64
N GLY C 164 -83.21 42.71 9.85
CA GLY C 164 -82.89 41.86 8.71
C GLY C 164 -81.76 42.47 7.93
N VAL C 165 -80.64 42.71 8.64
CA VAL C 165 -79.51 43.46 8.11
C VAL C 165 -78.30 42.54 7.99
N GLU C 166 -78.35 41.55 7.11
CA GLU C 166 -77.17 40.72 6.94
C GLU C 166 -76.88 40.49 5.47
N THR C 167 -75.60 40.56 5.17
CA THR C 167 -75.07 40.69 3.83
C THR C 167 -73.79 39.88 3.76
N THR C 168 -73.37 39.55 2.56
CA THR C 168 -72.08 38.88 2.46
C THR C 168 -70.94 39.84 2.78
N THR C 169 -69.84 39.30 3.04
CA THR C 169 -68.71 40.16 2.78
C THR C 169 -68.24 39.94 1.34
N PRO C 170 -67.70 40.98 0.70
CA PRO C 170 -67.29 40.84 -0.71
C PRO C 170 -66.39 39.64 -1.00
N SER C 171 -66.91 38.68 -1.77
CA SER C 171 -66.13 37.60 -2.35
C SER C 171 -66.15 37.73 -3.86
N LYS C 172 -65.22 37.06 -4.53
CA LYS C 172 -64.79 37.47 -5.86
C LYS C 172 -64.87 36.36 -6.89
N GLN C 173 -65.25 36.76 -8.10
CA GLN C 173 -65.46 35.87 -9.24
C GLN C 173 -64.16 35.46 -9.93
N SER C 174 -64.29 35.02 -11.18
CA SER C 174 -63.16 34.80 -12.06
C SER C 174 -62.83 36.01 -12.93
N ASN C 175 -63.57 37.10 -12.78
CA ASN C 175 -63.17 38.36 -13.41
C ASN C 175 -62.10 39.08 -12.59
N ASN C 176 -61.80 38.59 -11.38
CA ASN C 176 -60.76 39.12 -10.48
C ASN C 176 -61.25 40.27 -9.63
N LYS C 177 -62.52 40.64 -9.74
CA LYS C 177 -63.11 41.67 -8.91
C LYS C 177 -64.18 41.00 -8.05
N TYR C 178 -64.65 41.69 -7.01
CA TYR C 178 -65.45 41.00 -6.01
C TYR C 178 -66.94 41.26 -6.22
N ALA C 179 -67.75 40.52 -5.44
CA ALA C 179 -69.20 40.57 -5.54
C ALA C 179 -69.79 40.37 -4.16
N ALA C 180 -71.09 40.63 -4.05
CA ALA C 180 -71.68 40.73 -2.72
C ALA C 180 -73.20 40.78 -2.81
N SER C 181 -73.87 40.31 -1.75
CA SER C 181 -75.32 40.36 -1.63
C SER C 181 -75.71 40.73 -0.20
N SER C 182 -76.93 41.26 -0.06
CA SER C 182 -77.44 41.78 1.21
C SER C 182 -78.93 41.47 1.30
N TYR C 183 -79.31 40.64 2.27
CA TYR C 183 -80.66 40.11 2.33
C TYR C 183 -81.48 40.80 3.42
N LEU C 184 -82.82 40.73 3.28
CA LEU C 184 -83.75 41.72 3.86
C LEU C 184 -85.01 41.04 4.39
N SER C 185 -84.90 40.38 5.55
CA SER C 185 -86.07 39.70 6.09
C SER C 185 -87.19 40.70 6.36
N LEU C 186 -88.33 40.51 5.68
CA LEU C 186 -89.44 41.45 5.71
C LEU C 186 -90.75 40.67 5.70
N THR C 187 -91.86 41.38 5.93
CA THR C 187 -93.18 40.79 5.91
C THR C 187 -94.04 41.45 4.84
N PRO C 188 -94.94 40.69 4.19
CA PRO C 188 -95.80 41.28 3.16
C PRO C 188 -96.70 42.40 3.67
N GLU C 189 -96.88 42.54 4.98
CA GLU C 189 -97.70 43.60 5.53
C GLU C 189 -97.04 44.95 5.30
N GLN C 190 -95.96 45.23 6.02
CA GLN C 190 -95.23 46.49 5.82
C GLN C 190 -94.66 46.62 4.42
N TRP C 191 -94.74 45.57 3.61
CA TRP C 191 -94.27 45.65 2.22
C TRP C 191 -95.18 46.54 1.39
N LYS C 192 -96.50 46.39 1.53
CA LYS C 192 -97.43 47.29 0.86
C LYS C 192 -97.69 48.54 1.67
N SER C 193 -97.53 48.48 3.00
CA SER C 193 -97.74 49.65 3.84
C SER C 193 -96.90 50.84 3.40
N HIS C 194 -95.81 50.60 2.69
CA HIS C 194 -94.82 51.61 2.37
C HIS C 194 -94.83 51.93 0.88
N LYS C 195 -94.56 53.20 0.56
CA LYS C 195 -94.55 53.66 -0.82
C LYS C 195 -93.42 53.01 -1.62
N SER C 196 -92.22 52.98 -1.06
CA SER C 196 -91.08 52.38 -1.74
C SER C 196 -90.05 51.97 -0.69
N TYR C 197 -88.99 51.31 -1.15
CA TYR C 197 -87.91 50.88 -0.26
C TYR C 197 -86.59 50.94 -1.01
N SER C 198 -85.53 51.19 -0.27
CA SER C 198 -84.17 51.29 -0.82
C SER C 198 -83.23 50.32 -0.13
N CYS C 199 -81.98 50.23 -0.63
CA CYS C 199 -80.88 49.43 -0.14
C CYS C 199 -79.66 49.93 -0.93
N GLN C 200 -79.01 50.96 -0.40
CA GLN C 200 -78.00 51.66 -1.15
C GLN C 200 -76.60 51.70 -0.49
N VAL C 201 -75.65 51.13 -1.20
CA VAL C 201 -74.22 51.00 -0.83
C VAL C 201 -73.30 52.07 -0.74
N THR C 202 -72.15 51.89 -0.09
CA THR C 202 -71.18 52.97 0.11
C THR C 202 -69.78 52.50 -0.28
N HIS C 203 -69.64 52.06 -1.50
CA HIS C 203 -68.29 51.74 -1.96
C HIS C 203 -67.58 53.10 -2.14
N GLU C 204 -66.24 53.06 -2.09
CA GLU C 204 -65.39 54.26 -2.30
C GLU C 204 -65.85 55.43 -1.42
N GLY C 205 -65.91 56.62 -1.99
CA GLY C 205 -66.52 57.78 -1.38
C GLY C 205 -67.68 58.20 -2.30
N SER C 206 -68.30 57.24 -2.99
CA SER C 206 -69.32 57.55 -3.98
C SER C 206 -70.58 56.75 -3.71
N THR C 207 -71.66 57.24 -4.31
CA THR C 207 -72.98 56.64 -4.29
C THR C 207 -73.42 56.43 -5.72
N VAL C 208 -74.26 55.41 -5.95
CA VAL C 208 -75.25 55.46 -7.02
C VAL C 208 -76.23 54.31 -6.84
N GLU C 209 -77.48 54.65 -6.55
CA GLU C 209 -78.30 53.78 -5.74
C GLU C 209 -79.75 54.23 -5.72
N LYS C 210 -80.61 53.50 -6.43
CA LYS C 210 -81.99 53.92 -6.69
C LYS C 210 -82.93 52.93 -5.99
N THR C 211 -84.23 53.09 -6.19
CA THR C 211 -85.16 52.38 -5.33
C THR C 211 -86.22 51.57 -6.08
N VAL C 212 -87.17 50.99 -5.33
CA VAL C 212 -88.22 50.16 -5.91
C VAL C 212 -89.48 50.28 -5.04
N ALA C 213 -90.63 50.01 -5.65
CA ALA C 213 -91.93 50.23 -5.04
C ALA C 213 -92.87 49.08 -5.38
N PRO C 214 -93.90 48.87 -4.58
CA PRO C 214 -94.85 47.79 -4.86
C PRO C 214 -95.68 48.05 -6.12
N THR C 215 -96.28 46.97 -6.62
CA THR C 215 -97.11 47.04 -7.82
C THR C 215 -98.34 47.91 -7.58
N GLN D 1 -54.31 14.84 -18.43
CA GLN D 1 -55.23 13.83 -18.96
C GLN D 1 -55.80 12.95 -17.87
N VAL D 2 -55.51 13.27 -16.61
CA VAL D 2 -56.09 12.56 -15.48
C VAL D 2 -56.93 13.52 -14.67
N GLN D 3 -58.13 13.07 -14.30
CA GLN D 3 -59.22 13.94 -13.87
C GLN D 3 -59.83 13.42 -12.57
N LEU D 4 -60.87 14.10 -12.11
CA LEU D 4 -61.21 14.09 -10.69
C LEU D 4 -62.69 14.32 -10.48
N GLN D 5 -63.20 13.74 -9.38
CA GLN D 5 -64.34 14.30 -8.67
C GLN D 5 -64.63 13.45 -7.44
N GLU D 6 -65.06 14.13 -6.38
CA GLU D 6 -65.20 13.62 -5.03
C GLU D 6 -66.66 13.62 -4.62
N SER D 7 -67.05 12.65 -3.80
CA SER D 7 -68.46 12.35 -3.56
C SER D 7 -68.74 12.32 -2.06
N GLY D 8 -69.32 13.40 -1.54
CA GLY D 8 -69.76 13.44 -0.17
C GLY D 8 -71.26 13.46 -0.08
N PRO D 9 -71.85 12.50 0.62
CA PRO D 9 -73.32 12.47 0.75
C PRO D 9 -73.86 13.70 1.45
N GLY D 10 -73.03 14.36 2.26
CA GLY D 10 -73.48 15.43 3.11
C GLY D 10 -72.78 15.34 4.44
N LEU D 11 -73.50 15.67 5.51
CA LEU D 11 -72.91 15.89 6.82
C LEU D 11 -73.43 14.83 7.78
N VAL D 12 -72.51 14.17 8.46
CA VAL D 12 -72.86 13.09 9.37
C VAL D 12 -72.65 13.59 10.80
N LYS D 13 -73.52 13.11 11.71
CA LYS D 13 -73.70 13.54 13.09
C LYS D 13 -72.39 13.67 13.86
N PRO D 14 -72.34 14.29 15.03
CA PRO D 14 -71.11 14.28 15.80
C PRO D 14 -70.76 12.90 16.34
N SER D 15 -69.47 12.69 16.59
CA SER D 15 -68.94 11.46 17.17
C SER D 15 -69.29 10.25 16.30
N GLU D 16 -68.85 10.30 15.04
CA GLU D 16 -69.35 9.40 14.00
C GLU D 16 -68.27 9.18 12.95
N THR D 17 -68.64 8.47 11.88
CA THR D 17 -67.73 8.01 10.84
C THR D 17 -68.01 8.69 9.49
N LEU D 18 -67.01 9.40 8.97
CA LEU D 18 -67.06 10.03 7.66
C LEU D 18 -67.04 8.99 6.55
N SER D 19 -67.51 9.38 5.36
CA SER D 19 -67.34 8.56 4.15
C SER D 19 -67.22 9.48 2.94
N LEU D 20 -66.07 9.43 2.27
CA LEU D 20 -65.82 10.21 1.05
C LEU D 20 -65.01 9.36 0.07
N THR D 21 -65.43 9.36 -1.19
CA THR D 21 -64.68 8.73 -2.27
C THR D 21 -64.54 9.70 -3.43
N CYS D 22 -63.41 9.62 -4.14
CA CYS D 22 -63.06 10.56 -5.21
C CYS D 22 -62.53 9.76 -6.40
N THR D 23 -63.36 9.57 -7.42
CA THR D 23 -63.02 8.69 -8.53
C THR D 23 -62.18 9.41 -9.58
N VAL D 24 -61.30 8.63 -10.22
CA VAL D 24 -60.40 9.14 -11.24
C VAL D 24 -60.60 8.32 -12.53
N SER D 25 -60.67 9.02 -13.65
CA SER D 25 -60.87 8.40 -14.96
C SER D 25 -59.62 8.48 -15.84
N GLY D 26 -58.44 8.54 -15.24
CA GLY D 26 -57.25 8.82 -16.01
C GLY D 26 -56.41 7.63 -16.43
N GLY D 27 -56.16 6.70 -15.53
CA GLY D 27 -55.31 5.58 -15.87
C GLY D 27 -55.24 4.53 -14.77
N SER D 28 -54.06 3.92 -14.58
CA SER D 28 -53.88 2.90 -13.57
C SER D 28 -53.45 3.52 -12.25
N ILE D 29 -54.18 3.15 -11.18
CA ILE D 29 -54.01 3.76 -9.87
C ILE D 29 -53.15 2.88 -8.97
N SER D 30 -53.02 1.60 -9.27
CA SER D 30 -52.05 0.73 -8.64
C SER D 30 -50.63 0.97 -9.13
N ASN D 31 -50.41 2.07 -9.85
CA ASN D 31 -49.07 2.53 -10.19
C ASN D 31 -48.67 3.81 -9.46
N TYR D 32 -49.62 4.53 -8.87
CA TYR D 32 -49.27 5.76 -8.18
C TYR D 32 -50.19 5.97 -6.98
N TYR D 33 -50.34 7.23 -6.56
CA TYR D 33 -50.60 7.57 -5.16
C TYR D 33 -51.34 8.91 -5.03
N TRP D 34 -52.51 8.89 -4.37
CA TRP D 34 -53.42 10.03 -4.25
C TRP D 34 -53.84 10.24 -2.80
N SER D 35 -53.47 11.40 -2.22
CA SER D 35 -53.71 11.67 -0.80
C SER D 35 -54.89 12.64 -0.58
N TRP D 36 -54.93 13.26 0.61
CA TRP D 36 -55.99 14.15 1.05
C TRP D 36 -55.41 15.46 1.58
N ILE D 37 -56.16 16.56 1.38
CA ILE D 37 -55.85 17.84 1.99
C ILE D 37 -57.17 18.52 2.39
N ARG D 38 -57.05 19.52 3.26
CA ARG D 38 -58.20 20.13 3.92
C ARG D 38 -58.06 21.64 3.93
N GLN D 39 -59.03 22.34 3.33
CA GLN D 39 -59.18 23.78 3.54
C GLN D 39 -60.20 24.00 4.64
N SER D 40 -59.94 24.98 5.48
CA SER D 40 -60.99 25.42 6.38
C SER D 40 -60.96 26.92 6.47
N PRO D 41 -62.05 27.61 6.13
CA PRO D 41 -62.05 29.07 6.19
C PRO D 41 -61.65 29.56 7.57
N GLY D 42 -60.94 30.68 7.60
CA GLY D 42 -60.42 31.18 8.85
C GLY D 42 -59.31 30.34 9.45
N LYS D 43 -58.75 29.41 8.69
CA LYS D 43 -57.56 28.65 9.09
C LYS D 43 -56.85 28.20 7.81
N GLY D 44 -55.63 27.70 7.99
CA GLY D 44 -54.82 27.31 6.85
C GLY D 44 -55.08 25.89 6.35
N LEU D 45 -54.50 25.61 5.19
CA LEU D 45 -54.55 24.26 4.63
C LEU D 45 -53.84 23.28 5.56
N GLU D 46 -54.23 22.00 5.47
CA GLU D 46 -53.53 20.98 6.22
C GLU D 46 -53.65 19.61 5.55
N TRP D 47 -52.53 18.89 5.54
CA TRP D 47 -52.37 17.56 4.95
C TRP D 47 -52.26 16.51 6.06
N ILE D 48 -52.78 15.31 5.82
CA ILE D 48 -53.01 14.39 6.93
C ILE D 48 -52.44 12.97 6.75
N GLY D 49 -52.13 12.44 5.58
CA GLY D 49 -51.51 11.13 5.55
C GLY D 49 -51.75 10.40 4.24
N TYR D 50 -51.22 9.17 4.17
CA TYR D 50 -51.35 8.41 2.93
C TYR D 50 -50.95 6.94 3.12
N ILE D 51 -50.90 6.19 2.01
CA ILE D 51 -50.84 4.73 1.90
C ILE D 51 -50.52 4.40 0.43
N SER D 52 -50.13 3.15 0.14
CA SER D 52 -49.54 2.81 -1.16
C SER D 52 -50.26 1.65 -1.85
N ASP D 53 -49.92 1.45 -3.13
CA ASP D 53 -50.33 0.25 -3.87
C ASP D 53 -49.86 -0.99 -3.12
N SER D 54 -48.63 -0.95 -2.61
CA SER D 54 -48.12 -2.00 -1.75
C SER D 54 -48.45 -1.71 -0.30
N GLU D 55 -49.57 -1.03 -0.08
CA GLU D 55 -50.22 -0.83 1.22
C GLU D 55 -49.27 -0.43 2.36
N SER D 56 -48.57 0.69 2.19
CA SER D 56 -47.78 1.23 3.29
C SER D 56 -48.36 2.56 3.75
N THR D 57 -48.95 2.59 4.95
CA THR D 57 -49.82 3.69 5.37
C THR D 57 -49.08 4.77 6.18
N ASN D 58 -49.81 5.83 6.52
CA ASN D 58 -49.28 6.97 7.28
C ASN D 58 -50.40 7.91 7.65
N TYR D 59 -50.34 8.45 8.87
CA TYR D 59 -51.27 9.47 9.39
C TYR D 59 -50.50 10.74 9.75
N ASN D 60 -51.28 11.85 10.19
CA ASN D 60 -50.77 13.18 10.58
C ASN D 60 -50.82 13.37 12.09
N PRO D 61 -49.73 13.91 12.67
CA PRO D 61 -49.54 13.83 14.14
C PRO D 61 -50.78 14.13 14.99
N SER D 62 -51.44 15.26 14.74
CA SER D 62 -52.59 15.62 15.54
C SER D 62 -53.78 14.69 15.32
N LEU D 63 -53.79 13.93 14.22
CA LEU D 63 -55.01 13.30 13.75
C LEU D 63 -54.94 11.78 13.62
N LYS D 64 -53.89 11.13 14.12
CA LYS D 64 -53.76 9.71 13.79
C LYS D 64 -54.61 8.78 14.63
N SER D 65 -55.45 9.31 15.53
CA SER D 65 -56.21 8.46 16.42
C SER D 65 -57.11 7.49 15.65
N ARG D 66 -57.81 7.99 14.62
CA ARG D 66 -58.83 7.16 13.98
C ARG D 66 -59.04 7.46 12.50
N VAL D 67 -58.05 8.01 11.81
CA VAL D 67 -58.14 8.10 10.36
C VAL D 67 -57.64 6.77 9.80
N ILE D 68 -58.42 6.15 8.93
CA ILE D 68 -58.01 4.92 8.26
C ILE D 68 -58.56 4.96 6.84
N ILE D 69 -57.72 4.61 5.87
CA ILE D 69 -57.99 4.84 4.46
C ILE D 69 -57.49 3.64 3.68
N SER D 70 -58.39 2.88 3.08
CA SER D 70 -58.01 1.79 2.21
C SER D 70 -58.80 1.89 0.91
N VAL D 71 -58.14 1.54 -0.19
CA VAL D 71 -58.62 1.87 -1.52
C VAL D 71 -58.80 0.60 -2.33
N ASP D 72 -59.61 0.71 -3.39
CA ASP D 72 -60.07 -0.42 -4.18
C ASP D 72 -59.35 -0.47 -5.53
N THR D 73 -59.24 -1.70 -6.07
CA THR D 73 -58.61 -1.93 -7.36
C THR D 73 -59.60 -2.06 -8.51
N SER D 74 -60.78 -2.63 -8.26
CA SER D 74 -61.80 -2.68 -9.31
C SER D 74 -62.26 -1.28 -9.67
N LYS D 75 -62.68 -0.51 -8.68
CA LYS D 75 -62.94 0.91 -8.84
C LYS D 75 -61.65 1.66 -8.58
N ASN D 76 -61.03 2.20 -9.63
CA ASN D 76 -59.81 2.96 -9.47
C ASN D 76 -60.08 4.26 -8.72
N GLN D 77 -60.07 4.22 -7.40
CA GLN D 77 -60.27 5.42 -6.59
C GLN D 77 -60.11 5.06 -5.11
N LEU D 78 -60.10 6.10 -4.28
CA LEU D 78 -59.82 6.01 -2.85
C LEU D 78 -61.10 6.12 -2.03
N SER D 79 -61.05 5.59 -0.80
CA SER D 79 -62.21 5.52 0.08
C SER D 79 -61.78 5.80 1.52
N LEU D 80 -62.01 7.02 1.98
CA LEU D 80 -61.58 7.46 3.31
C LEU D 80 -62.76 7.46 4.27
N LYS D 81 -62.59 6.80 5.41
CA LYS D 81 -63.54 6.84 6.50
C LYS D 81 -62.81 7.25 7.78
N LEU D 82 -63.46 8.10 8.56
CA LEU D 82 -62.97 8.53 9.87
C LEU D 82 -63.96 8.03 10.91
N ASN D 83 -63.68 8.32 12.19
CA ASN D 83 -64.63 8.07 13.27
C ASN D 83 -64.53 9.20 14.29
N SER D 84 -65.68 9.73 14.71
CA SER D 84 -65.83 10.73 15.78
C SER D 84 -65.48 12.15 15.33
N VAL D 85 -66.27 12.72 14.43
CA VAL D 85 -66.00 14.05 13.89
C VAL D 85 -66.54 15.12 14.84
N THR D 86 -65.80 16.22 14.93
CA THR D 86 -66.15 17.41 15.69
C THR D 86 -66.60 18.51 14.73
N ALA D 87 -67.19 19.57 15.29
CA ALA D 87 -67.58 20.71 14.48
C ALA D 87 -66.40 21.31 13.72
N ALA D 88 -65.19 21.17 14.26
CA ALA D 88 -64.03 21.80 13.66
C ALA D 88 -63.65 21.15 12.33
N ASP D 89 -63.83 19.84 12.20
CA ASP D 89 -63.48 19.14 10.97
C ASP D 89 -64.31 19.58 9.77
N SER D 90 -65.24 20.51 9.98
CA SER D 90 -65.99 21.13 8.89
C SER D 90 -65.05 21.62 7.80
N ALA D 91 -65.18 21.04 6.61
CA ALA D 91 -64.37 21.53 5.50
C ALA D 91 -64.59 20.88 4.13
N ILE D 92 -64.28 21.66 3.10
CA ILE D 92 -64.01 21.13 1.78
C ILE D 92 -62.70 20.33 1.82
N TYR D 93 -62.70 19.15 1.18
CA TYR D 93 -61.50 18.31 1.11
C TYR D 93 -61.21 17.96 -0.34
N TYR D 94 -59.95 18.18 -0.76
CA TYR D 94 -59.48 17.76 -2.08
C TYR D 94 -58.68 16.47 -1.95
N CYS D 95 -59.09 15.42 -2.64
CA CYS D 95 -58.20 14.31 -2.90
C CYS D 95 -56.97 14.84 -3.63
N ALA D 96 -55.79 14.59 -3.08
CA ALA D 96 -54.57 15.23 -3.52
C ALA D 96 -53.64 14.21 -4.17
N ARG D 97 -53.07 14.56 -5.32
CA ARG D 97 -52.32 13.62 -6.14
C ARG D 97 -50.82 13.92 -5.97
N ALA D 98 -50.11 12.98 -5.34
CA ALA D 98 -48.72 13.20 -4.93
C ALA D 98 -47.77 12.50 -5.89
N GLN D 99 -46.89 13.29 -6.51
CA GLN D 99 -45.80 12.73 -7.29
C GLN D 99 -44.51 12.86 -6.48
N GLN D 100 -43.78 11.76 -6.37
CA GLN D 100 -42.61 11.69 -5.51
C GLN D 100 -41.32 11.85 -6.32
N GLY D 101 -40.38 12.59 -5.75
CA GLY D 101 -39.01 12.58 -6.20
C GLY D 101 -38.08 12.30 -5.04
N LYS D 102 -36.80 12.12 -5.37
CA LYS D 102 -35.84 11.50 -4.45
C LYS D 102 -35.09 12.51 -3.58
N ARG D 103 -34.28 13.38 -4.22
CA ARG D 103 -33.40 14.41 -3.65
C ARG D 103 -31.97 13.90 -3.48
N ILE D 104 -31.70 13.24 -2.35
CA ILE D 104 -30.39 12.83 -1.83
C ILE D 104 -29.36 13.95 -1.74
N TYR D 105 -28.75 14.03 -0.56
CA TYR D 105 -27.61 14.89 -0.27
C TYR D 105 -26.28 14.27 -0.73
N GLY D 106 -26.30 13.09 -1.36
CA GLY D 106 -25.07 12.38 -1.70
C GLY D 106 -25.25 11.03 -2.39
N MET D 107 -24.81 9.92 -1.78
CA MET D 107 -24.78 8.63 -2.47
C MET D 107 -25.43 7.49 -1.65
N VAL D 108 -26.72 7.28 -1.94
CA VAL D 108 -27.63 6.26 -1.41
C VAL D 108 -27.19 5.41 -0.21
N SER D 109 -26.03 4.76 -0.26
CA SER D 109 -25.75 3.68 0.68
C SER D 109 -25.54 4.22 2.10
N PHE D 110 -24.51 5.05 2.27
CA PHE D 110 -24.36 6.07 3.31
C PHE D 110 -25.65 6.33 4.10
N GLY D 111 -26.79 6.34 3.41
CA GLY D 111 -28.09 6.63 4.01
C GLY D 111 -28.85 7.49 3.01
N GLU D 112 -28.65 8.80 3.12
CA GLU D 112 -28.52 9.70 1.98
C GLU D 112 -29.77 10.41 1.48
N PHE D 113 -30.90 10.34 2.19
CA PHE D 113 -32.05 11.04 1.64
C PHE D 113 -33.26 11.01 2.58
N PHE D 114 -33.94 12.13 2.65
CA PHE D 114 -35.38 12.17 2.75
C PHE D 114 -35.94 12.13 1.33
N TYR D 115 -37.20 11.70 1.21
CA TYR D 115 -37.93 11.81 -0.05
C TYR D 115 -38.98 12.90 0.10
N TYR D 116 -39.01 13.84 -0.84
CA TYR D 116 -40.10 14.78 -0.87
C TYR D 116 -41.31 14.15 -1.55
N TYR D 117 -42.48 14.74 -1.29
CA TYR D 117 -43.73 14.30 -1.90
C TYR D 117 -44.47 15.56 -2.34
N TYR D 118 -44.44 15.84 -3.64
CA TYR D 118 -45.13 16.99 -4.20
C TYR D 118 -46.36 16.53 -4.97
N MET D 119 -47.28 17.46 -5.21
CA MET D 119 -48.64 17.11 -5.56
C MET D 119 -49.12 17.85 -6.82
N ASP D 120 -49.36 17.09 -7.89
CA ASP D 120 -49.71 17.64 -9.19
C ASP D 120 -51.11 18.22 -9.26
N VAL D 121 -52.07 17.39 -9.66
CA VAL D 121 -53.38 17.81 -10.15
C VAL D 121 -54.45 17.25 -9.21
N TRP D 122 -55.27 18.13 -8.64
CA TRP D 122 -56.33 17.71 -7.74
C TRP D 122 -57.68 18.22 -8.23
N GLY D 123 -58.68 18.05 -7.37
CA GLY D 123 -60.06 18.21 -7.76
C GLY D 123 -60.68 19.53 -7.37
N LYS D 124 -61.78 19.83 -8.06
CA LYS D 124 -62.62 20.98 -7.71
C LYS D 124 -62.98 20.94 -6.23
N GLY D 125 -63.24 19.75 -5.71
CA GLY D 125 -63.52 19.56 -4.31
C GLY D 125 -64.99 19.48 -4.01
N THR D 126 -65.33 18.70 -2.98
CA THR D 126 -66.70 18.54 -2.53
C THR D 126 -66.78 19.04 -1.09
N THR D 127 -67.85 19.79 -0.79
CA THR D 127 -68.05 20.43 0.50
C THR D 127 -68.77 19.66 1.58
N VAL D 128 -68.11 19.57 2.74
CA VAL D 128 -68.72 18.96 3.90
C VAL D 128 -68.27 19.73 5.12
N THR D 129 -69.25 20.24 5.88
CA THR D 129 -69.02 20.87 7.19
C THR D 129 -69.51 19.79 8.19
N VAL D 130 -69.93 20.18 9.40
CA VAL D 130 -70.59 19.25 10.37
C VAL D 130 -71.36 19.96 11.47
N SER D 131 -72.64 19.63 11.61
CA SER D 131 -73.53 20.10 12.68
C SER D 131 -74.74 19.18 12.70
N SER D 132 -75.47 19.20 13.82
CA SER D 132 -76.66 18.37 13.98
C SER D 132 -77.90 19.01 13.38
N ALA D 133 -77.99 18.89 12.06
CA ALA D 133 -79.08 19.41 11.26
C ALA D 133 -79.57 18.32 10.32
N SER D 134 -80.83 18.38 9.95
CA SER D 134 -81.45 17.42 9.04
C SER D 134 -81.37 17.92 7.60
N THR D 135 -82.23 17.37 6.75
CA THR D 135 -82.26 17.78 5.33
C THR D 135 -83.63 18.29 4.87
N LYS D 136 -83.63 19.37 4.08
CA LYS D 136 -84.84 19.97 3.52
C LYS D 136 -84.50 20.59 2.17
N GLY D 137 -85.42 20.82 1.30
CA GLY D 137 -85.15 21.41 0.01
C GLY D 137 -85.37 22.92 -0.03
N PRO D 138 -84.81 23.56 -1.04
CA PRO D 138 -84.90 25.03 -1.15
C PRO D 138 -86.30 25.57 -1.40
N SER D 139 -86.41 26.90 -1.45
CA SER D 139 -87.62 27.61 -1.83
C SER D 139 -87.38 28.32 -3.16
N VAL D 140 -88.41 28.39 -3.99
CA VAL D 140 -88.25 28.63 -5.42
C VAL D 140 -89.25 29.69 -5.89
N PHE D 141 -88.78 30.92 -6.05
CA PHE D 141 -89.64 32.06 -6.37
C PHE D 141 -89.03 32.90 -7.49
N PRO D 142 -89.86 33.45 -8.40
CA PRO D 142 -89.33 34.24 -9.51
C PRO D 142 -89.41 35.74 -9.27
N LEU D 143 -88.38 36.48 -9.70
CA LEU D 143 -88.31 37.93 -9.51
C LEU D 143 -88.12 38.56 -10.88
N ALA D 144 -89.21 39.11 -11.44
CA ALA D 144 -89.37 39.47 -12.86
C ALA D 144 -88.44 40.63 -13.27
N PRO D 145 -88.37 40.98 -14.56
CA PRO D 145 -87.47 42.05 -14.98
C PRO D 145 -88.10 43.43 -14.71
N SER D 146 -87.31 44.48 -14.97
CA SER D 146 -87.67 45.82 -14.52
C SER D 146 -88.39 46.63 -15.58
N SER D 147 -88.40 46.16 -16.82
CA SER D 147 -88.82 46.98 -17.95
C SER D 147 -87.92 48.21 -18.04
N SER D 149 -84.08 48.02 -16.64
CA SER D 149 -82.81 48.29 -16.00
C SER D 149 -82.17 49.56 -16.56
N THR D 150 -81.51 49.43 -17.70
CA THR D 150 -80.98 50.55 -18.45
C THR D 150 -81.55 50.52 -19.86
N SER D 151 -81.18 51.53 -20.67
CA SER D 151 -81.77 51.69 -21.98
C SER D 151 -81.56 50.45 -22.85
N GLY D 152 -82.58 50.11 -23.63
CA GLY D 152 -82.49 49.02 -24.58
C GLY D 152 -81.26 49.16 -25.44
N GLY D 153 -80.49 48.08 -25.60
CA GLY D 153 -80.90 46.73 -25.22
C GLY D 153 -80.98 46.27 -23.77
N THR D 154 -79.86 46.26 -23.06
CA THR D 154 -79.72 45.40 -21.88
C THR D 154 -80.84 45.60 -20.86
N ALA D 155 -81.17 44.50 -20.17
CA ALA D 155 -82.08 44.45 -19.03
C ALA D 155 -81.59 43.34 -18.10
N ALA D 156 -82.37 43.04 -17.06
CA ALA D 156 -81.94 42.09 -16.04
C ALA D 156 -83.07 41.18 -15.62
N LEU D 157 -82.70 40.05 -14.99
CA LEU D 157 -83.63 39.04 -14.49
C LEU D 157 -82.84 37.97 -13.73
N GLY D 158 -83.39 37.49 -12.60
CA GLY D 158 -82.79 36.36 -11.90
C GLY D 158 -83.78 35.45 -11.19
N CYS D 159 -83.25 34.33 -10.68
CA CYS D 159 -83.99 33.40 -9.84
C CYS D 159 -83.57 33.55 -8.38
N LEU D 160 -84.52 33.29 -7.48
CA LEU D 160 -84.26 33.30 -6.04
C LEU D 160 -84.36 31.89 -5.49
N VAL D 161 -83.39 31.54 -4.65
CA VAL D 161 -83.43 30.35 -3.83
C VAL D 161 -83.04 30.75 -2.42
N LYS D 162 -83.94 30.55 -1.45
CA LYS D 162 -83.86 31.21 -0.14
C LYS D 162 -83.47 30.29 1.00
N ASP D 163 -84.09 29.11 1.12
CA ASP D 163 -84.04 28.32 2.34
C ASP D 163 -83.66 26.88 1.99
N TYR D 164 -82.37 26.57 2.06
CA TYR D 164 -81.81 25.30 1.61
C TYR D 164 -80.56 25.00 2.42
N PHE D 165 -80.23 23.71 2.53
CA PHE D 165 -79.44 23.25 3.67
C PHE D 165 -77.98 23.67 3.59
N PRO D 166 -77.17 23.20 2.64
CA PRO D 166 -75.90 23.89 2.42
C PRO D 166 -75.98 24.74 1.17
N GLU D 167 -75.13 25.75 1.13
CA GLU D 167 -75.00 26.56 -0.07
C GLU D 167 -74.68 25.75 -1.31
N PRO D 168 -73.74 24.77 -1.29
CA PRO D 168 -73.42 24.02 -2.52
C PRO D 168 -74.64 23.34 -3.15
N VAL D 169 -75.23 23.99 -4.15
CA VAL D 169 -76.35 23.45 -4.91
C VAL D 169 -76.08 23.75 -6.38
N THR D 170 -76.40 22.82 -7.29
CA THR D 170 -76.45 23.24 -8.69
C THR D 170 -77.45 24.35 -8.81
N VAL D 171 -77.19 25.27 -9.74
CA VAL D 171 -78.23 26.12 -10.31
C VAL D 171 -77.81 26.33 -11.76
N SER D 172 -78.25 25.44 -12.65
CA SER D 172 -78.03 25.61 -14.08
C SER D 172 -79.22 26.33 -14.69
N TRP D 173 -78.99 27.00 -15.82
CA TRP D 173 -80.04 27.60 -16.61
C TRP D 173 -80.22 26.75 -17.87
N ASN D 174 -81.47 26.35 -18.14
CA ASN D 174 -81.80 25.61 -19.37
C ASN D 174 -80.84 24.46 -19.61
N SER D 175 -80.48 23.74 -18.54
CA SER D 175 -79.52 22.65 -18.60
C SER D 175 -78.18 23.09 -19.19
N GLY D 176 -77.73 24.28 -18.79
CA GLY D 176 -76.46 24.80 -19.27
C GLY D 176 -76.45 25.28 -20.69
N ALA D 177 -77.62 25.47 -21.32
CA ALA D 177 -77.65 25.99 -22.69
C ALA D 177 -77.05 27.38 -22.77
N LEU D 178 -77.17 28.16 -21.71
CA LEU D 178 -76.64 29.51 -21.64
C LEU D 178 -75.60 29.60 -20.54
N THR D 179 -74.57 30.40 -20.80
CA THR D 179 -73.59 30.76 -19.78
C THR D 179 -73.16 32.21 -19.93
N SER D 180 -73.64 32.92 -20.94
CA SER D 180 -73.29 34.32 -21.13
C SER D 180 -73.98 35.18 -20.08
N GLY D 181 -73.25 36.18 -19.58
CA GLY D 181 -73.77 37.10 -18.60
C GLY D 181 -74.10 36.46 -17.27
N VAL D 182 -73.65 35.22 -17.08
CA VAL D 182 -73.96 34.50 -15.85
C VAL D 182 -73.31 35.19 -14.66
N HIS D 183 -74.05 35.29 -13.56
CA HIS D 183 -73.43 35.51 -12.26
C HIS D 183 -74.38 34.95 -11.21
N THR D 184 -74.04 33.80 -10.66
CA THR D 184 -74.71 33.26 -9.47
C THR D 184 -73.95 33.76 -8.24
N PHE D 185 -74.65 34.47 -7.36
CA PHE D 185 -74.04 34.90 -6.11
C PHE D 185 -74.07 33.76 -5.11
N PRO D 186 -72.93 33.35 -4.57
CA PRO D 186 -72.97 32.64 -3.29
C PRO D 186 -73.85 33.34 -2.25
N ALA D 187 -74.35 32.54 -1.31
CA ALA D 187 -75.45 32.92 -0.44
C ALA D 187 -74.97 33.70 0.78
N VAL D 188 -75.93 34.11 1.61
CA VAL D 188 -75.68 34.78 2.88
C VAL D 188 -76.27 33.92 3.99
N LEU D 189 -75.48 33.62 5.01
CA LEU D 189 -76.01 32.92 6.17
C LEU D 189 -76.86 33.86 7.02
N GLN D 190 -77.88 33.29 7.64
CA GLN D 190 -78.87 34.04 8.41
C GLN D 190 -78.84 33.59 9.86
N SER D 191 -79.52 34.37 10.71
CA SER D 191 -79.68 33.98 12.11
C SER D 191 -80.46 32.68 12.23
N SER D 192 -81.46 32.48 11.36
CA SER D 192 -82.18 31.21 11.34
C SER D 192 -81.24 30.04 11.08
N GLY D 193 -80.09 30.29 10.47
CA GLY D 193 -79.11 29.26 10.21
C GLY D 193 -79.15 28.65 8.84
N LEU D 194 -79.55 29.41 7.82
CA LEU D 194 -79.68 28.84 6.48
C LEU D 194 -79.27 29.82 5.40
N TYR D 195 -78.37 29.35 4.54
CA TYR D 195 -77.93 30.10 3.38
C TYR D 195 -79.12 30.63 2.58
N SER D 196 -78.91 31.75 1.88
CA SER D 196 -79.93 32.33 1.00
C SER D 196 -79.23 32.99 -0.17
N LEU D 197 -79.44 32.45 -1.38
CA LEU D 197 -78.67 32.78 -2.57
C LEU D 197 -79.53 33.46 -3.62
N SER D 198 -78.85 34.13 -4.55
CA SER D 198 -79.47 34.71 -5.74
C SER D 198 -78.51 34.53 -6.91
N SER D 199 -79.08 34.47 -8.11
CA SER D 199 -78.30 34.14 -9.30
C SER D 199 -78.97 34.74 -10.52
N VAL D 200 -78.22 35.52 -11.32
CA VAL D 200 -78.82 36.42 -12.30
C VAL D 200 -78.00 36.46 -13.58
N VAL D 201 -78.71 36.60 -14.71
CA VAL D 201 -78.14 36.79 -16.04
C VAL D 201 -78.63 38.12 -16.59
N THR D 202 -77.78 38.81 -17.36
CA THR D 202 -78.15 40.07 -17.98
C THR D 202 -78.71 39.84 -19.38
N VAL D 203 -79.84 40.45 -19.66
CA VAL D 203 -80.62 40.23 -20.88
C VAL D 203 -80.72 41.57 -21.60
N PRO D 204 -81.02 41.57 -22.92
CA PRO D 204 -81.40 42.84 -23.56
C PRO D 204 -82.90 43.02 -23.74
N SER D 205 -83.37 44.27 -23.75
CA SER D 205 -84.80 44.55 -23.87
C SER D 205 -85.35 44.20 -25.24
N SER D 206 -84.50 44.10 -26.25
CA SER D 206 -84.97 43.60 -27.53
C SER D 206 -85.09 42.08 -27.52
N SER D 207 -84.28 41.40 -26.69
CA SER D 207 -84.43 39.97 -26.50
C SER D 207 -85.84 39.60 -26.07
N LEU D 208 -86.50 40.49 -25.34
CA LEU D 208 -87.86 40.24 -24.88
C LEU D 208 -88.76 39.91 -26.05
N GLY D 209 -89.66 38.93 -25.85
CA GLY D 209 -89.76 38.21 -24.60
C GLY D 209 -90.25 36.79 -24.79
N THR D 210 -90.33 36.03 -23.69
CA THR D 210 -90.79 34.65 -23.68
C THR D 210 -90.03 33.81 -24.72
N GLN D 211 -88.76 33.56 -24.41
CA GLN D 211 -88.05 32.54 -25.14
C GLN D 211 -87.50 31.52 -24.14
N THR D 212 -88.41 31.05 -23.29
CA THR D 212 -88.31 29.84 -22.46
C THR D 212 -86.99 29.75 -21.67
N TYR D 213 -86.72 30.80 -20.90
CA TYR D 213 -85.64 30.75 -19.92
C TYR D 213 -86.14 29.98 -18.71
N ILE D 214 -85.52 28.84 -18.41
CA ILE D 214 -85.95 28.00 -17.30
C ILE D 214 -84.80 27.83 -16.33
N CYS D 215 -85.05 28.05 -15.03
CA CYS D 215 -83.99 28.00 -14.04
C CYS D 215 -84.01 26.66 -13.33
N ASN D 216 -82.87 25.98 -13.35
CA ASN D 216 -82.76 24.56 -13.03
C ASN D 216 -81.82 24.40 -11.84
N VAL D 217 -82.37 24.02 -10.69
CA VAL D 217 -81.61 23.87 -9.46
C VAL D 217 -81.81 22.45 -8.93
N ASN D 218 -80.76 21.93 -8.28
CA ASN D 218 -80.71 20.61 -7.67
C ASN D 218 -80.16 20.76 -6.27
N HIS D 219 -80.25 19.66 -5.52
CA HIS D 219 -79.77 19.62 -4.15
C HIS D 219 -79.89 18.17 -3.70
N LYS D 220 -78.76 17.55 -3.39
CA LYS D 220 -78.72 16.10 -3.29
C LYS D 220 -79.16 15.57 -1.93
N PRO D 221 -78.65 16.08 -0.80
CA PRO D 221 -79.14 15.55 0.49
C PRO D 221 -80.65 15.61 0.62
N SER D 222 -81.28 16.64 0.06
CA SER D 222 -82.72 16.69 -0.01
C SER D 222 -83.26 16.00 -1.26
N ASN D 223 -82.39 15.65 -2.20
CA ASN D 223 -82.76 14.92 -3.41
C ASN D 223 -83.84 15.64 -4.19
N THR D 224 -83.86 16.97 -4.12
CA THR D 224 -84.87 17.76 -4.81
C THR D 224 -84.39 18.12 -6.21
N LYS D 225 -85.27 17.96 -7.18
CA LYS D 225 -85.05 18.43 -8.54
C LYS D 225 -86.13 19.46 -8.83
N VAL D 226 -85.72 20.69 -9.10
CA VAL D 226 -86.66 21.80 -9.23
C VAL D 226 -86.27 22.68 -10.39
N ASP D 227 -87.22 22.93 -11.29
CA ASP D 227 -87.12 23.99 -12.27
C ASP D 227 -88.30 24.94 -12.07
N LYS D 228 -88.18 26.14 -12.62
CA LYS D 228 -89.17 27.19 -12.35
C LYS D 228 -89.16 28.19 -13.49
N LYS D 229 -90.33 28.42 -14.08
CA LYS D 229 -90.47 29.31 -15.23
C LYS D 229 -90.67 30.74 -14.75
N VAL D 230 -89.80 31.65 -15.19
CA VAL D 230 -89.87 33.05 -14.81
C VAL D 230 -90.53 33.84 -15.93
N GLU D 231 -91.20 34.94 -15.56
CA GLU D 231 -91.95 35.75 -16.50
C GLU D 231 -92.14 37.13 -15.90
N PRO D 232 -92.11 38.21 -16.71
CA PRO D 232 -92.44 39.56 -16.26
C PRO D 232 -93.79 39.64 -15.54
N GLU E 1 41.88 -19.77 1.09
CA GLU E 1 41.19 -20.95 1.61
C GLU E 1 39.80 -21.06 1.02
N GLY E 2 39.65 -20.64 -0.23
CA GLY E 2 38.38 -20.69 -0.93
C GLY E 2 38.40 -21.74 -2.02
N GLN E 3 37.30 -22.46 -2.16
CA GLN E 3 37.19 -23.59 -3.06
C GLN E 3 36.50 -23.18 -4.34
N LEU E 4 36.93 -23.79 -5.45
CA LEU E 4 36.40 -23.49 -6.77
C LEU E 4 36.05 -24.80 -7.45
N VAL E 5 34.85 -24.89 -8.02
CA VAL E 5 34.34 -26.16 -8.53
C VAL E 5 33.70 -25.94 -9.89
N GLN E 6 34.24 -26.62 -10.90
CA GLN E 6 33.66 -26.65 -12.24
C GLN E 6 32.58 -27.71 -12.30
N SER E 7 32.19 -28.11 -13.50
CA SER E 7 31.37 -29.30 -13.66
C SER E 7 31.89 -30.17 -14.80
N GLY E 8 31.03 -31.03 -15.35
CA GLY E 8 31.44 -32.28 -15.95
C GLY E 8 32.55 -32.20 -16.99
N ALA E 9 33.02 -33.40 -17.37
CA ALA E 9 34.26 -33.61 -18.12
C ALA E 9 34.09 -34.67 -19.20
N GLU E 10 33.21 -34.43 -20.18
CA GLU E 10 32.77 -35.52 -21.03
C GLU E 10 32.65 -35.06 -22.50
N LEU E 11 31.99 -35.92 -23.28
CA LEU E 11 32.20 -36.05 -24.72
C LEU E 11 31.50 -34.96 -25.53
N LYS E 12 31.80 -34.98 -26.84
CA LYS E 12 31.37 -33.96 -27.80
C LYS E 12 31.92 -34.33 -29.19
N LYS E 13 31.23 -33.92 -30.28
CA LYS E 13 31.59 -34.15 -31.67
C LYS E 13 32.08 -32.87 -32.33
N PRO E 14 33.06 -32.94 -33.25
CA PRO E 14 33.80 -31.73 -33.67
C PRO E 14 32.94 -30.50 -33.93
N GLY E 15 31.75 -30.69 -34.51
CA GLY E 15 31.00 -29.55 -35.02
C GLY E 15 30.38 -28.68 -33.94
N ALA E 16 29.79 -29.28 -32.92
CA ALA E 16 28.96 -28.56 -31.96
C ALA E 16 29.82 -27.68 -31.05
N SER E 17 29.21 -27.19 -29.97
CA SER E 17 29.91 -26.36 -28.98
C SER E 17 29.25 -26.54 -27.63
N VAL E 18 30.06 -26.86 -26.63
CA VAL E 18 29.62 -27.08 -25.25
C VAL E 18 30.40 -26.11 -24.37
N LYS E 19 29.77 -25.64 -23.29
CA LYS E 19 30.42 -24.67 -22.42
C LYS E 19 30.56 -25.20 -21.00
N ILE E 20 31.64 -24.79 -20.35
CA ILE E 20 32.05 -25.27 -19.04
C ILE E 20 32.29 -24.06 -18.13
N SER E 21 32.00 -24.22 -16.84
CA SER E 21 32.09 -23.10 -15.92
C SER E 21 32.41 -23.57 -14.51
N CYS E 22 32.70 -22.58 -13.65
CA CYS E 22 33.65 -22.70 -12.53
C CYS E 22 33.29 -21.74 -11.42
N LYS E 23 32.74 -22.21 -10.32
CA LYS E 23 32.19 -21.23 -9.40
C LYS E 23 32.88 -21.18 -8.05
N THR E 24 33.12 -19.93 -7.63
CA THR E 24 33.74 -19.60 -6.36
C THR E 24 33.00 -20.21 -5.19
N SER E 25 33.74 -20.44 -4.11
CA SER E 25 33.14 -20.86 -2.84
C SER E 25 34.07 -20.45 -1.72
N GLY E 26 33.55 -19.67 -0.77
CA GLY E 26 34.28 -19.28 0.41
C GLY E 26 34.94 -17.92 0.37
N TYR E 27 34.87 -17.21 -0.74
CA TYR E 27 35.53 -15.90 -0.83
C TYR E 27 34.86 -15.07 -1.91
N ARG E 28 35.30 -13.82 -2.01
CA ARG E 28 34.77 -12.90 -3.00
C ARG E 28 35.25 -13.29 -4.39
N PHE E 29 34.34 -13.21 -5.36
CA PHE E 29 34.64 -13.61 -6.73
C PHE E 29 34.94 -12.44 -7.65
N ASN E 30 34.43 -11.24 -7.33
CA ASN E 30 34.33 -10.17 -8.32
C ASN E 30 35.66 -9.45 -8.53
N PHE E 31 36.24 -8.88 -7.48
CA PHE E 31 37.52 -8.17 -7.61
C PHE E 31 38.67 -9.18 -7.62
N TYR E 32 38.58 -10.11 -8.57
CA TYR E 32 39.65 -11.01 -8.99
C TYR E 32 39.25 -11.51 -10.37
N HIS E 33 40.17 -11.47 -11.33
CA HIS E 33 39.81 -11.68 -12.73
C HIS E 33 39.44 -13.13 -13.00
N ILE E 34 39.28 -13.45 -14.30
CA ILE E 34 38.93 -14.77 -14.77
C ILE E 34 40.09 -15.29 -15.63
N ASN E 35 40.12 -16.60 -15.83
CA ASN E 35 41.11 -17.23 -16.71
C ASN E 35 40.71 -18.68 -16.93
N TRP E 36 41.20 -19.24 -18.04
CA TRP E 36 41.11 -20.66 -18.31
C TRP E 36 42.38 -21.06 -19.05
N ILE E 37 42.80 -22.31 -18.84
CA ILE E 37 44.02 -22.81 -19.48
C ILE E 37 43.83 -24.25 -19.91
N ARG E 38 44.69 -24.67 -20.83
CA ARG E 38 44.76 -26.04 -21.32
C ARG E 38 46.15 -26.59 -21.06
N GLN E 39 46.25 -27.92 -20.97
CA GLN E 39 47.55 -28.60 -20.98
C GLN E 39 47.41 -29.85 -21.85
N THR E 40 47.17 -29.63 -23.14
CA THR E 40 47.09 -30.75 -24.07
C THR E 40 48.43 -31.46 -24.18
N ALA E 41 48.37 -32.76 -24.46
CA ALA E 41 49.60 -33.53 -24.61
C ALA E 41 50.44 -32.98 -25.76
N GLY E 42 49.80 -32.50 -26.81
CA GLY E 42 50.53 -32.05 -27.98
C GLY E 42 51.25 -30.72 -27.77
N ARG E 43 50.58 -29.77 -27.12
CA ARG E 43 51.15 -28.44 -26.94
C ARG E 43 51.32 -28.05 -25.48
N GLY E 44 51.22 -29.00 -24.56
CA GLY E 44 51.47 -28.73 -23.15
C GLY E 44 50.53 -27.71 -22.56
N PRO E 45 50.86 -27.24 -21.35
CA PRO E 45 50.10 -26.13 -20.76
C PRO E 45 50.05 -24.92 -21.68
N GLU E 46 48.90 -24.26 -21.71
CA GLU E 46 48.68 -23.12 -22.60
C GLU E 46 47.56 -22.25 -22.03
N TRP E 47 47.73 -20.94 -22.14
CA TRP E 47 46.83 -19.96 -21.56
C TRP E 47 46.04 -19.25 -22.65
N MET E 48 44.86 -18.74 -22.29
CA MET E 48 43.96 -18.12 -23.26
C MET E 48 43.67 -16.66 -22.92
N GLY E 49 42.84 -16.38 -21.92
CA GLY E 49 42.49 -14.99 -21.67
C GLY E 49 41.73 -14.80 -20.38
N TRP E 50 41.46 -13.52 -20.09
CA TRP E 50 40.64 -13.16 -18.94
C TRP E 50 39.46 -12.27 -19.32
N ILE E 51 38.87 -11.67 -18.29
CA ILE E 51 37.98 -10.51 -18.36
C ILE E 51 37.87 -10.11 -16.89
N SER E 52 36.98 -9.18 -16.56
CA SER E 52 36.77 -8.92 -15.15
C SER E 52 35.31 -9.13 -14.79
N PRO E 53 35.02 -9.76 -13.65
CA PRO E 53 33.61 -9.92 -13.25
C PRO E 53 32.93 -8.60 -12.99
N TYR E 54 33.69 -7.57 -12.64
CA TYR E 54 33.16 -6.27 -12.26
C TYR E 54 32.68 -5.47 -13.45
N SER E 55 33.59 -5.06 -14.31
CA SER E 55 33.24 -4.31 -15.51
C SER E 55 33.36 -5.14 -16.78
N GLY E 56 34.48 -5.83 -16.94
CA GLY E 56 34.72 -6.60 -18.14
C GLY E 56 35.89 -6.10 -18.97
N ASP E 57 37.10 -6.60 -18.70
CA ASP E 57 38.32 -6.23 -19.42
C ASP E 57 39.01 -7.50 -19.93
N LYS E 58 38.79 -7.88 -21.19
CA LYS E 58 39.35 -9.14 -21.67
C LYS E 58 40.64 -8.93 -22.45
N ASN E 59 41.47 -9.97 -22.43
CA ASN E 59 42.72 -9.98 -23.19
C ASN E 59 43.02 -11.45 -23.48
N LEU E 60 42.62 -11.90 -24.65
CA LEU E 60 42.73 -13.31 -25.03
C LEU E 60 44.04 -13.57 -25.78
N ALA E 61 44.30 -14.85 -26.04
CA ALA E 61 45.49 -15.28 -26.75
C ALA E 61 45.22 -15.32 -28.25
N PRO E 62 46.10 -14.75 -29.07
CA PRO E 62 45.91 -14.79 -30.53
C PRO E 62 45.53 -16.15 -31.08
N ALA E 63 45.96 -17.25 -30.45
CA ALA E 63 45.57 -18.57 -30.92
C ALA E 63 44.07 -18.75 -30.86
N PHE E 64 43.43 -18.27 -29.79
CA PHE E 64 42.01 -18.49 -29.56
C PHE E 64 41.25 -17.17 -29.44
N GLN E 65 41.54 -16.22 -30.34
CA GLN E 65 40.77 -14.98 -30.36
C GLN E 65 39.45 -15.15 -31.09
N ASP E 66 39.48 -15.82 -32.24
CA ASP E 66 38.45 -15.72 -33.26
C ASP E 66 37.33 -16.75 -33.11
N ARG E 67 37.23 -17.42 -31.96
CA ARG E 67 36.33 -18.56 -31.88
C ARG E 67 35.42 -18.50 -30.67
N VAL E 68 35.93 -17.89 -29.61
CA VAL E 68 35.50 -18.16 -28.25
C VAL E 68 34.89 -16.87 -27.68
N ILE E 69 33.63 -16.93 -27.23
CA ILE E 69 32.86 -15.74 -26.83
C ILE E 69 32.14 -16.01 -25.52
N MET E 70 32.40 -15.19 -24.49
CA MET E 70 32.01 -15.61 -23.15
C MET E 70 31.59 -14.51 -22.19
N THR E 71 30.63 -14.88 -21.33
CA THR E 71 29.96 -14.03 -20.35
C THR E 71 29.96 -14.55 -18.98
N THR E 72 29.83 -13.67 -18.01
CA THR E 72 29.83 -14.11 -16.61
C THR E 72 28.78 -13.33 -15.81
N ASP E 73 28.12 -14.02 -14.89
CA ASP E 73 27.07 -13.47 -14.04
C ASP E 73 27.47 -12.45 -12.96
N THR E 74 26.66 -12.39 -11.92
CA THR E 74 26.70 -11.30 -10.96
C THR E 74 26.88 -11.90 -9.56
N GLU E 75 27.47 -11.08 -8.70
CA GLU E 75 27.52 -11.25 -7.24
C GLU E 75 26.44 -12.18 -6.68
N VAL E 76 26.81 -13.04 -5.73
CA VAL E 76 25.88 -13.58 -4.75
C VAL E 76 26.62 -13.53 -3.42
N PRO E 77 26.44 -12.49 -2.64
CA PRO E 77 27.20 -12.35 -1.40
C PRO E 77 26.81 -13.42 -0.38
N VAL E 78 27.79 -13.78 0.45
CA VAL E 78 27.55 -14.64 1.59
C VAL E 78 27.55 -13.84 2.89
N THR E 79 28.47 -12.89 3.00
CA THR E 79 28.62 -11.96 4.11
C THR E 79 29.72 -11.00 3.67
N SER E 80 29.92 -9.92 4.43
CA SER E 80 30.86 -8.86 4.12
C SER E 80 32.24 -9.36 3.68
N PHE E 81 32.56 -10.63 3.95
CA PHE E 81 33.89 -11.18 3.66
C PHE E 81 33.85 -12.42 2.79
N THR E 82 32.73 -12.73 2.15
CA THR E 82 32.66 -13.87 1.25
C THR E 82 31.45 -13.73 0.34
N SER E 83 31.50 -14.39 -0.81
CA SER E 83 30.47 -14.17 -1.82
C SER E 83 30.41 -15.37 -2.76
N THR E 84 29.63 -15.20 -3.84
CA THR E 84 29.50 -16.15 -4.94
C THR E 84 29.10 -15.33 -6.15
N GLY E 85 29.27 -15.89 -7.34
CA GLY E 85 28.92 -15.17 -8.56
C GLY E 85 29.35 -15.87 -9.83
N ALA E 86 28.45 -16.00 -10.79
CA ALA E 86 28.67 -17.00 -11.84
C ALA E 86 29.46 -16.45 -13.02
N ALA E 87 29.95 -17.37 -13.85
CA ALA E 87 30.96 -17.07 -14.87
C ALA E 87 31.01 -18.18 -15.89
N TYR E 88 30.51 -17.90 -17.10
CA TYR E 88 30.20 -18.95 -18.07
C TYR E 88 30.96 -18.76 -19.37
N MET E 89 31.71 -19.79 -19.77
CA MET E 89 32.70 -19.66 -20.85
C MET E 89 32.54 -20.73 -21.93
N GLU E 90 32.09 -20.32 -23.13
CA GLU E 90 31.78 -21.14 -24.31
C GLU E 90 32.90 -21.12 -25.36
N ILE E 91 32.97 -22.21 -26.13
CA ILE E 91 34.22 -22.70 -26.72
C ILE E 91 34.34 -22.48 -28.24
N ARG E 92 33.75 -23.40 -29.02
CA ARG E 92 33.57 -23.35 -30.47
C ARG E 92 34.73 -23.89 -31.33
N ASN E 93 35.67 -24.65 -30.76
CA ASN E 93 36.95 -24.86 -31.46
C ASN E 93 36.82 -25.76 -32.70
N LEU E 94 36.04 -26.86 -32.61
CA LEU E 94 36.02 -27.97 -33.59
C LEU E 94 37.40 -28.50 -33.93
N LYS E 95 38.26 -28.64 -32.94
CA LYS E 95 39.51 -29.34 -33.18
C LYS E 95 39.88 -30.14 -31.94
N PHE E 96 40.30 -31.38 -32.17
CA PHE E 96 40.69 -32.28 -31.11
C PHE E 96 42.12 -32.05 -30.65
N ASP E 97 42.84 -31.11 -31.26
CA ASP E 97 44.09 -30.63 -30.68
C ASP E 97 43.88 -30.17 -29.25
N ASP E 98 42.66 -29.80 -28.90
CA ASP E 98 42.32 -29.26 -27.59
C ASP E 98 41.80 -30.32 -26.62
N THR E 99 41.90 -31.62 -26.95
CA THR E 99 41.42 -32.64 -26.03
C THR E 99 42.43 -32.79 -24.90
N GLY E 100 42.00 -32.45 -23.69
CA GLY E 100 42.86 -32.50 -22.52
C GLY E 100 42.07 -32.37 -21.24
N THR E 101 42.53 -31.52 -20.32
CA THR E 101 41.86 -31.28 -19.05
C THR E 101 41.91 -29.78 -18.77
N TYR E 102 40.77 -29.22 -18.35
CA TYR E 102 40.54 -27.78 -18.38
C TYR E 102 40.30 -27.26 -16.96
N PHE E 103 41.21 -26.42 -16.47
CA PHE E 103 41.07 -25.70 -15.21
C PHE E 103 40.55 -24.29 -15.51
N CYS E 104 40.56 -23.42 -14.48
CA CYS E 104 40.13 -22.04 -14.72
C CYS E 104 40.34 -21.05 -13.56
N ALA E 105 41.26 -21.32 -12.65
CA ALA E 105 41.14 -20.67 -11.34
C ALA E 105 42.19 -19.60 -11.10
N LYS E 106 41.99 -18.88 -9.98
CA LYS E 106 42.42 -17.50 -9.80
C LYS E 106 42.99 -17.30 -8.39
N GLY E 107 43.56 -16.10 -8.16
CA GLY E 107 43.90 -15.67 -6.82
C GLY E 107 45.08 -14.71 -6.74
N LEU E 108 44.84 -13.52 -6.19
CA LEU E 108 45.85 -12.48 -6.19
C LEU E 108 45.63 -11.35 -5.27
N LEU E 109 46.64 -10.46 -5.25
CA LEU E 109 46.62 -9.23 -4.48
C LEU E 109 45.71 -8.18 -5.11
N ARG E 110 45.91 -8.02 -6.43
CA ARG E 110 45.20 -7.13 -7.42
C ARG E 110 45.50 -5.62 -7.69
N ASP E 111 46.43 -4.98 -6.99
CA ASP E 111 46.74 -3.57 -7.26
C ASP E 111 48.17 -3.40 -7.79
N GLY E 112 48.94 -4.49 -7.81
CA GLY E 112 50.24 -4.44 -8.42
C GLY E 112 50.17 -5.04 -9.83
N SER E 113 51.32 -5.02 -10.50
CA SER E 113 51.47 -5.81 -11.71
C SER E 113 51.49 -7.29 -11.32
N SER E 114 51.85 -8.14 -12.28
CA SER E 114 51.53 -9.57 -12.22
C SER E 114 50.03 -9.74 -12.12
N THR E 115 49.31 -9.12 -13.04
CA THR E 115 47.97 -8.66 -12.71
C THR E 115 46.88 -9.61 -13.21
N TRP E 116 46.98 -10.89 -12.78
CA TRP E 116 46.07 -11.95 -13.24
C TRP E 116 46.22 -13.32 -12.61
N LEU E 117 47.44 -13.68 -12.13
CA LEU E 117 47.89 -14.93 -11.49
C LEU E 117 46.79 -15.96 -11.24
N PRO E 118 46.93 -17.18 -11.76
CA PRO E 118 46.10 -18.30 -11.27
C PRO E 118 46.67 -18.90 -9.99
N TYR E 119 45.82 -19.03 -8.98
CA TYR E 119 46.29 -19.39 -7.64
C TYR E 119 45.51 -20.56 -7.03
N LEU E 120 44.19 -20.41 -6.86
CA LEU E 120 43.40 -21.37 -6.07
C LEU E 120 42.52 -22.18 -7.01
N TRP E 121 42.99 -23.38 -7.36
CA TRP E 121 42.59 -24.04 -8.59
C TRP E 121 41.33 -24.88 -8.46
N GLY E 122 40.59 -24.95 -9.56
CA GLY E 122 39.36 -25.72 -9.62
C GLY E 122 39.61 -27.19 -9.85
N GLN E 123 38.52 -27.90 -10.12
CA GLN E 123 38.61 -29.34 -10.36
C GLN E 123 39.53 -29.63 -11.53
N GLY E 124 39.41 -28.86 -12.59
CA GLY E 124 39.92 -29.29 -13.87
C GLY E 124 38.90 -30.21 -14.50
N THR E 125 37.99 -29.64 -15.28
CA THR E 125 37.19 -30.50 -16.12
C THR E 125 38.05 -31.02 -17.26
N LEU E 126 37.69 -32.19 -17.76
CA LEU E 126 38.46 -32.90 -18.77
C LEU E 126 37.65 -32.92 -20.06
N LEU E 127 38.04 -32.10 -21.01
CA LEU E 127 37.27 -31.97 -22.26
C LEU E 127 37.73 -33.07 -23.20
N THR E 128 36.98 -34.18 -23.24
CA THR E 128 37.13 -35.15 -24.30
C THR E 128 36.13 -34.79 -25.40
N VAL E 129 36.64 -34.54 -26.59
CA VAL E 129 35.83 -34.46 -27.80
C VAL E 129 36.04 -35.77 -28.55
N SER E 130 35.01 -36.24 -29.24
CA SER E 130 35.19 -37.43 -30.04
C SER E 130 34.25 -37.43 -31.23
N SER E 131 34.66 -38.14 -32.28
CA SER E 131 33.73 -38.50 -33.34
C SER E 131 32.97 -39.77 -32.98
N ALA E 132 33.62 -40.70 -32.30
CA ALA E 132 32.90 -41.82 -31.70
C ALA E 132 32.02 -41.31 -30.57
N SER E 133 30.86 -41.92 -30.42
CA SER E 133 29.87 -41.46 -29.46
C SER E 133 29.98 -42.27 -28.16
N THR E 134 28.98 -42.12 -27.28
CA THR E 134 29.10 -42.59 -25.91
C THR E 134 28.87 -44.09 -25.80
N LYS E 135 29.69 -44.74 -24.96
CA LYS E 135 29.60 -46.17 -24.68
C LYS E 135 29.52 -46.37 -23.17
N GLY E 136 28.51 -47.11 -22.72
CA GLY E 136 28.14 -47.13 -21.32
C GLY E 136 28.70 -48.27 -20.49
N PRO E 137 28.69 -48.10 -19.16
CA PRO E 137 29.38 -49.05 -18.26
C PRO E 137 28.63 -50.33 -17.88
N SER E 138 29.33 -51.47 -18.03
CA SER E 138 29.05 -52.77 -17.44
C SER E 138 30.10 -53.02 -16.35
N VAL E 139 30.00 -54.14 -15.60
CA VAL E 139 30.84 -54.29 -14.41
C VAL E 139 30.72 -55.64 -13.69
N PHE E 140 31.87 -56.38 -13.52
CA PHE E 140 31.92 -57.65 -12.75
C PHE E 140 33.22 -57.81 -11.94
N PRO E 141 33.36 -58.84 -11.04
CA PRO E 141 34.27 -58.67 -9.89
C PRO E 141 35.72 -59.14 -10.06
N LEU E 142 36.50 -58.93 -9.00
CA LEU E 142 37.88 -59.39 -8.90
C LEU E 142 38.03 -60.27 -7.66
N ALA E 143 38.36 -61.53 -7.85
CA ALA E 143 38.45 -62.47 -6.74
C ALA E 143 39.58 -62.08 -5.80
N PRO E 144 39.41 -62.28 -4.48
CA PRO E 144 40.45 -61.88 -3.54
C PRO E 144 41.75 -62.64 -3.76
N SER E 145 42.86 -61.99 -3.43
CA SER E 145 44.18 -62.56 -3.62
C SER E 145 45.02 -62.32 -2.37
N SER E 146 46.00 -63.20 -2.17
CA SER E 146 46.88 -63.12 -1.01
C SER E 146 47.91 -62.02 -1.20
N LYS E 147 48.06 -61.16 -0.19
CA LYS E 147 49.09 -60.15 -0.16
C LYS E 147 50.24 -60.49 0.78
N SER E 148 49.92 -61.01 1.97
CA SER E 148 50.95 -61.43 2.92
C SER E 148 50.27 -62.34 3.95
N THR E 149 50.39 -63.65 3.76
CA THR E 149 49.81 -64.59 4.72
C THR E 149 50.53 -64.58 6.05
N SER E 150 51.76 -64.05 6.09
CA SER E 150 52.40 -63.80 7.38
C SER E 150 51.73 -62.63 8.10
N GLY E 151 51.48 -61.55 7.37
CA GLY E 151 50.82 -60.38 7.92
C GLY E 151 49.31 -60.44 7.95
N GLY E 152 48.71 -61.43 7.29
CA GLY E 152 47.27 -61.58 7.28
C GLY E 152 46.55 -60.46 6.56
N THR E 153 47.03 -60.12 5.35
CA THR E 153 46.42 -59.09 4.53
C THR E 153 46.12 -59.65 3.15
N ALA E 154 45.01 -59.22 2.56
CA ALA E 154 44.59 -59.66 1.25
C ALA E 154 44.23 -58.46 0.39
N ALA E 155 44.02 -58.69 -0.90
CA ALA E 155 43.68 -57.65 -1.85
C ALA E 155 42.53 -58.11 -2.72
N LEU E 156 41.42 -57.37 -2.68
CA LEU E 156 40.26 -57.63 -3.52
C LEU E 156 39.88 -56.35 -4.24
N GLY E 157 39.33 -56.50 -5.45
CA GLY E 157 39.05 -55.34 -6.27
C GLY E 157 37.75 -55.37 -7.04
N CYS E 158 37.72 -54.68 -8.19
CA CYS E 158 36.48 -54.49 -8.92
C CYS E 158 36.76 -54.24 -10.38
N LEU E 159 35.76 -54.38 -11.18
CA LEU E 159 35.80 -54.19 -12.62
C LEU E 159 36.01 -52.74 -12.98
N VAL E 160 36.63 -52.55 -14.13
CA VAL E 160 36.82 -51.25 -14.77
C VAL E 160 37.12 -51.58 -16.24
N LYS E 161 36.13 -52.06 -16.97
CA LYS E 161 36.30 -52.50 -18.38
C LYS E 161 36.36 -51.42 -19.45
N ASP E 162 36.59 -51.81 -20.73
CA ASP E 162 36.68 -50.72 -21.68
C ASP E 162 35.42 -49.83 -21.82
N TYR E 163 35.60 -48.51 -21.63
CA TYR E 163 34.55 -47.53 -21.84
C TYR E 163 35.10 -46.28 -22.49
N PHE E 164 34.23 -45.58 -23.20
CA PHE E 164 34.64 -44.36 -23.86
C PHE E 164 34.57 -43.20 -22.85
N PRO E 165 34.57 -41.93 -23.30
CA PRO E 165 35.46 -40.94 -22.66
C PRO E 165 35.64 -41.01 -21.15
N GLU E 166 36.89 -41.10 -20.73
CA GLU E 166 37.24 -40.95 -19.33
C GLU E 166 36.98 -39.50 -18.91
N PRO E 167 36.99 -39.20 -17.60
CA PRO E 167 37.14 -40.09 -16.46
C PRO E 167 35.86 -40.84 -16.12
N VAL E 168 35.96 -41.70 -15.11
CA VAL E 168 34.89 -42.60 -14.70
C VAL E 168 35.13 -42.90 -13.21
N THR E 169 34.29 -42.37 -12.35
CA THR E 169 34.57 -42.40 -10.92
C THR E 169 33.85 -43.56 -10.25
N VAL E 170 34.57 -44.25 -9.37
CA VAL E 170 34.03 -45.42 -8.71
C VAL E 170 34.42 -45.41 -7.23
N SER E 171 33.42 -45.18 -6.37
CA SER E 171 33.49 -45.24 -4.91
C SER E 171 33.05 -46.61 -4.42
N TRP E 172 33.32 -46.90 -3.15
CA TRP E 172 32.80 -48.14 -2.57
C TRP E 172 32.19 -47.91 -1.20
N ASN E 173 31.18 -48.74 -0.89
CA ASN E 173 30.17 -48.51 0.14
C ASN E 173 29.65 -47.07 0.12
N SER E 174 29.78 -46.41 -1.03
CA SER E 174 29.26 -45.05 -1.24
C SER E 174 29.85 -44.06 -0.24
N GLY E 175 31.15 -44.21 0.01
CA GLY E 175 31.84 -43.15 0.73
C GLY E 175 32.63 -43.45 1.99
N ALA E 176 32.11 -44.26 2.91
CA ALA E 176 32.69 -44.32 4.26
C ALA E 176 33.96 -45.17 4.35
N LEU E 177 34.47 -45.70 3.24
CA LEU E 177 35.74 -46.42 3.23
C LEU E 177 36.66 -45.75 2.22
N THR E 178 37.60 -44.95 2.73
CA THR E 178 38.61 -44.30 1.92
C THR E 178 40.03 -44.73 2.28
N SER E 179 40.22 -45.41 3.41
CA SER E 179 41.54 -45.84 3.82
C SER E 179 42.02 -46.98 2.94
N GLY E 180 43.22 -46.81 2.36
CA GLY E 180 43.84 -47.83 1.54
C GLY E 180 43.22 -48.05 0.18
N VAL E 181 42.08 -47.43 -0.12
CA VAL E 181 41.39 -47.73 -1.37
C VAL E 181 42.12 -47.06 -2.53
N HIS E 182 42.31 -47.85 -3.59
CA HIS E 182 43.26 -47.54 -4.65
C HIS E 182 42.64 -47.90 -5.99
N THR E 183 42.71 -46.95 -6.93
CA THR E 183 42.26 -47.14 -8.31
C THR E 183 43.25 -46.43 -9.21
N PHE E 184 43.31 -46.84 -10.47
CA PHE E 184 44.37 -46.25 -11.28
C PHE E 184 43.91 -45.85 -12.69
N PRO E 185 44.71 -45.09 -13.46
CA PRO E 185 44.23 -44.61 -14.75
C PRO E 185 44.07 -45.72 -15.78
N ALA E 186 43.31 -45.38 -16.83
CA ALA E 186 42.96 -46.31 -17.88
C ALA E 186 44.07 -46.41 -18.93
N VAL E 187 43.82 -47.22 -19.95
CA VAL E 187 44.76 -47.48 -21.03
C VAL E 187 44.13 -46.96 -22.32
N LEU E 188 44.75 -47.26 -23.47
CA LEU E 188 44.21 -46.85 -24.77
C LEU E 188 44.35 -48.03 -25.72
N GLN E 189 43.23 -48.69 -26.03
CA GLN E 189 43.23 -49.70 -27.07
C GLN E 189 43.46 -49.06 -28.43
N SER E 190 44.10 -49.80 -29.32
CA SER E 190 44.46 -49.26 -30.63
C SER E 190 43.25 -48.93 -31.50
N SER E 191 42.06 -49.39 -31.11
CA SER E 191 40.83 -48.98 -31.78
C SER E 191 40.12 -47.85 -31.05
N GLY E 192 40.63 -47.41 -29.89
CA GLY E 192 40.29 -46.12 -29.36
C GLY E 192 39.41 -46.00 -28.13
N LEU E 193 39.60 -46.84 -27.12
CA LEU E 193 38.95 -46.60 -25.83
C LEU E 193 39.83 -47.16 -24.72
N TYR E 194 39.36 -46.95 -23.50
CA TYR E 194 40.10 -47.23 -22.27
C TYR E 194 39.87 -48.43 -21.53
N SER E 195 40.65 -48.63 -20.46
CA SER E 195 40.55 -49.74 -19.45
C SER E 195 41.61 -49.58 -18.37
N LEU E 196 41.28 -49.84 -17.11
CA LEU E 196 42.26 -49.84 -16.02
C LEU E 196 42.02 -51.04 -15.11
N SER E 197 42.44 -50.99 -13.88
CA SER E 197 42.06 -51.95 -12.86
C SER E 197 41.77 -51.29 -11.46
N SER E 198 41.01 -52.01 -10.63
CA SER E 198 40.57 -51.54 -9.32
C SER E 198 40.85 -52.63 -8.30
N VAL E 199 41.67 -52.32 -7.30
CA VAL E 199 42.02 -53.27 -6.24
C VAL E 199 42.31 -52.50 -4.97
N VAL E 200 41.89 -53.06 -3.82
CA VAL E 200 42.17 -52.48 -2.51
C VAL E 200 42.50 -53.59 -1.52
N THR E 201 43.45 -53.32 -0.63
CA THR E 201 43.88 -54.27 0.39
C THR E 201 43.07 -54.12 1.67
N VAL E 202 42.72 -55.27 2.26
CA VAL E 202 42.05 -55.32 3.56
C VAL E 202 42.62 -56.48 4.35
N PRO E 203 42.46 -56.46 5.68
CA PRO E 203 42.83 -57.63 6.48
C PRO E 203 41.99 -58.84 6.08
N SER E 204 42.64 -60.01 6.05
CA SER E 204 41.97 -61.22 5.59
C SER E 204 40.90 -61.71 6.56
N SER E 205 40.98 -61.32 7.82
CA SER E 205 39.99 -61.75 8.81
C SER E 205 38.68 -60.97 8.74
N SER E 206 38.58 -59.97 7.86
CA SER E 206 37.39 -59.13 7.75
C SER E 206 36.54 -59.67 6.60
N LEU E 207 35.71 -60.67 6.92
CA LEU E 207 34.82 -61.28 5.93
C LEU E 207 33.36 -61.34 6.35
N GLY E 208 33.05 -61.27 7.64
CA GLY E 208 31.69 -61.47 8.09
C GLY E 208 31.10 -60.36 8.94
N THR E 209 31.79 -59.22 9.01
CA THR E 209 31.28 -58.07 9.75
C THR E 209 31.23 -56.80 8.93
N GLN E 210 31.78 -56.80 7.71
CA GLN E 210 31.80 -55.63 6.84
C GLN E 210 31.34 -56.02 5.46
N THR E 211 30.67 -55.09 4.78
CA THR E 211 30.22 -55.28 3.40
C THR E 211 31.07 -54.43 2.47
N TYR E 212 31.47 -55.02 1.35
CA TYR E 212 32.32 -54.36 0.35
C TYR E 212 31.53 -54.22 -0.94
N ILE E 213 31.30 -52.98 -1.37
CA ILE E 213 30.45 -52.71 -2.52
C ILE E 213 31.07 -51.65 -3.43
N CYS E 214 31.69 -52.07 -4.54
CA CYS E 214 32.13 -51.07 -5.50
C CYS E 214 30.92 -50.55 -6.29
N ASN E 215 31.09 -49.36 -6.85
CA ASN E 215 30.00 -48.69 -7.56
C ASN E 215 30.55 -48.01 -8.80
N VAL E 216 30.10 -48.45 -9.97
CA VAL E 216 30.61 -47.95 -11.25
C VAL E 216 29.75 -46.78 -11.70
N ASN E 217 30.35 -45.73 -12.27
CA ASN E 217 29.59 -44.53 -12.58
C ASN E 217 30.27 -43.74 -13.70
N HIS E 218 29.73 -43.85 -14.92
CA HIS E 218 30.04 -42.88 -15.98
C HIS E 218 28.80 -42.07 -16.30
N LYS E 219 28.94 -40.76 -16.18
CA LYS E 219 27.85 -39.81 -16.27
C LYS E 219 27.34 -39.52 -17.69
N PRO E 220 28.20 -39.30 -18.71
CA PRO E 220 27.66 -39.01 -20.04
C PRO E 220 26.92 -40.17 -20.67
N SER E 221 27.25 -41.41 -20.30
CA SER E 221 26.38 -42.53 -20.61
C SER E 221 25.44 -42.86 -19.45
N ASN E 222 25.29 -41.90 -18.52
CA ASN E 222 24.37 -41.92 -17.37
C ASN E 222 24.10 -43.30 -16.76
N THR E 223 25.08 -44.20 -16.80
CA THR E 223 24.91 -45.54 -16.26
C THR E 223 25.78 -45.73 -15.03
N LYS E 224 25.26 -46.50 -14.08
CA LYS E 224 25.90 -46.66 -12.78
C LYS E 224 25.32 -47.90 -12.11
N VAL E 225 26.13 -48.97 -12.00
CA VAL E 225 25.69 -50.24 -11.44
C VAL E 225 26.63 -50.62 -10.30
N ASP E 226 26.05 -51.09 -9.20
CA ASP E 226 26.79 -51.39 -7.98
C ASP E 226 26.86 -52.89 -7.73
N LYS E 227 27.97 -53.33 -7.16
CA LYS E 227 28.33 -54.74 -7.15
C LYS E 227 28.66 -55.20 -5.74
N ARG E 228 28.71 -56.53 -5.60
CA ARG E 228 29.12 -57.19 -4.37
C ARG E 228 30.33 -58.06 -4.70
N VAL E 229 31.50 -57.63 -4.26
CA VAL E 229 32.71 -58.40 -4.49
C VAL E 229 32.67 -59.65 -3.60
N GLU E 230 32.64 -60.82 -4.23
CA GLU E 230 32.56 -62.07 -3.48
C GLU E 230 33.86 -62.28 -2.71
N PRO E 231 33.82 -62.38 -1.39
CA PRO E 231 35.05 -62.46 -0.60
C PRO E 231 35.71 -63.83 -0.58
N LYS E 232 35.12 -64.84 -1.23
CA LYS E 232 35.70 -66.18 -1.25
C LYS E 232 36.82 -66.23 -2.28
N SER E 233 38.06 -66.30 -1.81
CA SER E 233 39.22 -66.29 -2.68
C SER E 233 39.54 -67.70 -3.19
N CYS E 234 40.38 -67.75 -4.21
CA CYS E 234 40.88 -69.01 -4.75
C CYS E 234 42.39 -69.13 -4.65
N ASP E 235 43.04 -68.21 -3.94
CA ASP E 235 44.49 -68.25 -3.77
C ASP E 235 44.88 -69.27 -2.71
N LYS E 236 45.77 -70.19 -3.06
CA LYS E 236 46.26 -71.17 -2.09
C LYS E 236 46.98 -70.50 -0.94
N GLY E 237 47.83 -69.51 -1.25
CA GLY E 237 48.48 -68.74 -0.20
C GLY E 237 47.46 -68.11 0.73
N LEU E 238 46.42 -67.50 0.17
CA LEU E 238 45.35 -66.94 0.99
C LEU E 238 44.51 -68.02 1.65
N GLU E 239 44.43 -69.20 1.03
CA GLU E 239 43.63 -70.28 1.61
C GLU E 239 44.22 -70.82 2.90
N VAL E 240 45.52 -70.62 3.13
CA VAL E 240 46.16 -71.09 4.36
C VAL E 240 45.73 -70.25 5.55
N SER F 2 56.57 -24.22 -28.61
CA SER F 2 56.56 -22.81 -28.21
C SER F 2 57.98 -22.29 -28.06
N VAL F 3 58.11 -20.97 -27.95
CA VAL F 3 59.40 -20.32 -28.19
C VAL F 3 60.36 -20.56 -27.02
N LEU F 4 59.88 -20.47 -25.79
CA LEU F 4 60.78 -20.62 -24.65
C LEU F 4 61.38 -22.02 -24.63
N THR F 5 62.58 -22.12 -24.08
CA THR F 5 63.31 -23.38 -24.03
C THR F 5 63.69 -23.68 -22.58
N GLN F 6 63.40 -24.90 -22.14
CA GLN F 6 63.74 -25.33 -20.80
C GLN F 6 64.77 -26.45 -20.85
N SER F 7 65.48 -26.61 -19.73
CA SER F 7 66.34 -27.77 -19.56
C SER F 7 65.52 -29.04 -19.69
N ALA F 8 66.00 -29.96 -20.52
CA ALA F 8 65.28 -31.22 -20.73
C ALA F 8 65.18 -32.01 -19.43
N SER F 9 66.25 -32.03 -18.65
CA SER F 9 66.28 -32.83 -17.43
C SER F 9 67.19 -32.16 -16.40
N VAL F 10 66.88 -32.40 -15.12
CA VAL F 10 67.67 -31.94 -13.99
C VAL F 10 67.75 -33.06 -12.97
N SER F 11 68.88 -33.12 -12.26
CA SER F 11 69.14 -34.19 -11.30
C SER F 11 69.98 -33.78 -10.09
N GLY F 12 69.92 -34.62 -9.04
CA GLY F 12 70.60 -34.40 -7.76
C GLY F 12 70.19 -35.56 -6.84
N SER F 13 70.00 -35.21 -5.55
CA SER F 13 69.52 -36.12 -4.46
C SER F 13 69.25 -35.33 -3.18
N LEU F 14 69.19 -36.04 -2.04
CA LEU F 14 68.87 -35.48 -0.73
C LEU F 14 69.81 -34.33 -0.44
N GLY F 15 69.24 -33.21 0.03
CA GLY F 15 70.02 -31.98 0.25
C GLY F 15 70.31 -31.23 -1.05
N GLN F 16 69.48 -31.49 -2.06
CA GLN F 16 69.59 -30.96 -3.41
C GLN F 16 69.56 -29.44 -3.42
N SER F 17 70.07 -28.85 -4.52
CA SER F 17 69.76 -27.46 -4.89
C SER F 17 69.94 -27.17 -6.38
N VAL F 18 69.22 -27.91 -7.25
CA VAL F 18 69.12 -27.65 -8.68
C VAL F 18 67.64 -27.44 -8.98
N THR F 19 67.34 -26.56 -9.94
CA THR F 19 65.97 -26.24 -10.30
C THR F 19 65.87 -26.17 -11.82
N ILE F 20 64.64 -26.27 -12.33
CA ILE F 20 64.41 -26.04 -13.76
C ILE F 20 64.71 -24.59 -14.10
N SER F 21 65.34 -24.37 -15.25
CA SER F 21 65.57 -23.05 -15.79
C SER F 21 65.18 -23.03 -17.26
N CYS F 22 65.10 -21.82 -17.81
CA CYS F 22 64.45 -21.64 -19.09
C CYS F 22 64.49 -20.18 -19.54
N THR F 23 64.73 -19.97 -20.83
CA THR F 23 64.92 -18.63 -21.38
C THR F 23 64.34 -18.59 -22.79
N GLY F 24 64.43 -17.41 -23.39
CA GLY F 24 64.01 -17.19 -24.75
C GLY F 24 64.57 -15.89 -25.28
N PRO F 25 64.05 -15.47 -26.42
CA PRO F 25 64.60 -14.30 -27.11
C PRO F 25 64.19 -12.98 -26.45
N ASN F 26 64.67 -11.87 -27.00
CA ASN F 26 64.42 -10.56 -26.40
C ASN F 26 62.92 -10.32 -26.21
N SER F 27 62.11 -10.80 -27.16
CA SER F 27 60.67 -10.62 -27.07
C SER F 27 60.05 -11.35 -25.89
N VAL F 28 60.76 -12.32 -25.31
CA VAL F 28 60.16 -13.23 -24.35
C VAL F 28 61.10 -13.45 -23.17
N CYS F 29 60.70 -12.98 -21.99
CA CYS F 29 61.02 -13.58 -20.69
C CYS F 29 62.43 -13.33 -20.13
N CYS F 30 63.03 -12.18 -20.38
CA CYS F 30 64.40 -12.04 -19.91
C CYS F 30 64.62 -10.85 -18.99
N SER F 31 64.10 -9.66 -19.32
CA SER F 31 64.45 -8.49 -18.53
C SER F 31 63.24 -7.78 -17.95
N HIS F 32 62.60 -6.91 -18.74
CA HIS F 32 61.55 -6.03 -18.24
C HIS F 32 60.40 -6.80 -17.60
N LYS F 33 60.23 -8.06 -17.93
CA LYS F 33 59.06 -8.80 -17.46
C LYS F 33 59.31 -9.35 -16.06
N SER F 34 58.22 -9.76 -15.41
CA SER F 34 58.25 -10.48 -14.15
C SER F 34 57.63 -11.85 -14.35
N ILE F 35 58.22 -12.87 -13.73
CA ILE F 35 58.21 -14.25 -14.24
C ILE F 35 58.11 -15.29 -13.13
N SER F 36 57.06 -16.13 -13.16
CA SER F 36 56.52 -16.74 -11.95
C SER F 36 55.89 -18.12 -12.18
N TRP F 37 56.38 -19.17 -11.48
CA TRP F 37 56.15 -20.54 -11.99
C TRP F 37 55.52 -21.49 -10.97
N TYR F 38 55.41 -22.77 -11.39
CA TYR F 38 54.32 -23.65 -10.99
C TYR F 38 54.76 -25.10 -10.84
N GLN F 39 54.44 -25.70 -9.69
CA GLN F 39 54.50 -27.14 -9.53
C GLN F 39 53.23 -27.76 -10.08
N TRP F 40 53.35 -28.59 -11.12
CA TRP F 40 52.19 -29.12 -11.83
C TRP F 40 52.28 -30.63 -11.95
N PRO F 41 51.75 -31.37 -10.97
CA PRO F 41 51.56 -32.81 -11.16
C PRO F 41 50.65 -33.10 -12.34
N PRO F 42 51.08 -33.95 -13.26
CA PRO F 42 50.22 -34.30 -14.41
C PRO F 42 49.00 -35.08 -13.94
N GLY F 43 47.83 -34.60 -14.34
CA GLY F 43 46.58 -35.16 -13.86
C GLY F 43 46.12 -34.61 -12.53
N ARG F 44 46.75 -33.54 -12.03
CA ARG F 44 46.37 -32.92 -10.78
C ARG F 44 46.52 -31.40 -10.93
N ALA F 45 45.76 -30.66 -10.14
CA ALA F 45 45.94 -29.22 -10.06
C ALA F 45 47.37 -28.89 -9.66
N PRO F 46 47.81 -27.67 -9.93
CA PRO F 46 49.16 -27.28 -9.53
C PRO F 46 49.23 -26.46 -8.25
N THR F 47 50.43 -26.38 -7.67
CA THR F 47 50.71 -25.56 -6.50
C THR F 47 51.89 -24.65 -6.79
N LEU F 48 51.84 -23.44 -6.23
CA LEU F 48 52.60 -22.31 -6.76
C LEU F 48 53.67 -21.85 -5.78
N ILE F 49 54.91 -22.03 -6.18
CA ILE F 49 56.00 -21.67 -5.30
C ILE F 49 56.16 -20.15 -5.24
N ILE F 50 56.52 -19.52 -6.35
CA ILE F 50 56.90 -18.10 -6.32
C ILE F 50 56.13 -17.29 -7.36
N TYR F 51 55.72 -16.08 -6.97
CA TYR F 51 54.80 -15.28 -7.75
C TYR F 51 55.47 -14.13 -8.51
N GLU F 52 56.58 -13.64 -7.99
CA GLU F 52 57.32 -12.58 -8.65
C GLU F 52 58.82 -12.71 -8.37
N ASP F 53 59.58 -13.36 -9.26
CA ASP F 53 61.03 -13.49 -9.06
C ASP F 53 61.39 -14.14 -7.71
N ASN F 54 62.09 -13.36 -6.89
CA ASN F 54 62.54 -13.75 -5.55
C ASN F 54 61.57 -14.03 -4.37
N GLU F 55 60.45 -13.30 -4.24
CA GLU F 55 59.62 -13.45 -3.05
C GLU F 55 58.35 -14.22 -3.40
N ARG F 56 58.02 -15.20 -2.55
CA ARG F 56 57.11 -16.28 -2.89
C ARG F 56 55.83 -16.21 -2.09
N ALA F 57 54.81 -16.88 -2.62
CA ALA F 57 53.54 -17.00 -1.93
C ALA F 57 53.73 -17.71 -0.59
N PRO F 58 52.97 -17.34 0.44
CA PRO F 58 53.07 -18.04 1.72
C PRO F 58 52.67 -19.50 1.62
N GLY F 59 52.71 -20.20 2.74
CA GLY F 59 52.42 -21.63 2.72
C GLY F 59 53.60 -22.47 2.33
N ILE F 60 54.24 -22.16 1.22
CA ILE F 60 55.48 -22.81 0.82
C ILE F 60 56.64 -22.04 1.44
N SER F 61 57.68 -22.78 1.82
CA SER F 61 58.62 -22.37 2.86
C SER F 61 60.01 -22.13 2.29
N PRO F 62 61.02 -21.75 3.08
CA PRO F 62 62.19 -21.08 2.51
C PRO F 62 63.16 -21.97 1.75
N ARG F 63 62.80 -23.24 1.52
CA ARG F 63 63.67 -24.14 0.76
C ARG F 63 63.82 -23.69 -0.69
N PHE F 64 62.96 -22.79 -1.14
CA PHE F 64 62.87 -22.40 -2.53
C PHE F 64 63.25 -20.94 -2.66
N SER F 65 64.25 -20.66 -3.48
CA SER F 65 64.76 -19.30 -3.65
C SER F 65 64.66 -18.90 -5.12
N GLY F 66 63.98 -17.79 -5.39
CA GLY F 66 63.89 -17.27 -6.73
C GLY F 66 64.99 -16.26 -7.02
N TYR F 67 65.79 -16.51 -8.05
CA TYR F 67 66.81 -15.58 -8.46
C TYR F 67 67.09 -15.80 -9.94
N LYS F 68 67.31 -14.72 -10.68
CA LYS F 68 67.91 -14.90 -11.98
C LYS F 68 68.42 -13.58 -12.54
N SER F 69 69.32 -13.71 -13.51
CA SER F 69 70.01 -12.64 -14.20
C SER F 69 69.25 -12.25 -15.47
N TYR F 70 69.98 -11.69 -16.43
CA TYR F 70 69.41 -10.89 -17.51
C TYR F 70 68.95 -11.70 -18.72
N TRP F 71 69.21 -13.01 -18.76
CA TRP F 71 68.84 -13.77 -19.95
C TRP F 71 68.03 -15.03 -19.70
N SER F 72 67.78 -15.40 -18.44
CA SER F 72 67.03 -16.62 -18.15
C SER F 72 66.14 -16.42 -16.93
N ALA F 73 65.75 -17.53 -16.32
CA ALA F 73 65.06 -17.52 -15.04
C ALA F 73 65.19 -18.88 -14.35
N TYR F 74 65.33 -18.86 -13.03
CA TYR F 74 65.72 -19.98 -12.17
C TYR F 74 64.98 -19.86 -10.84
N LEU F 75 64.97 -20.97 -10.04
CA LEU F 75 64.39 -20.91 -8.67
C LEU F 75 64.95 -22.07 -7.82
N THR F 76 66.21 -21.93 -7.37
CA THR F 76 66.91 -23.08 -6.78
C THR F 76 66.20 -23.54 -5.50
N ILE F 77 65.47 -24.64 -5.62
CA ILE F 77 64.92 -25.33 -4.47
C ILE F 77 66.06 -25.88 -3.60
N SER F 78 65.73 -26.20 -2.35
CA SER F 78 66.73 -26.70 -1.42
C SER F 78 66.08 -27.68 -0.46
N ASP F 79 66.92 -28.44 0.24
CA ASP F 79 66.50 -29.40 1.27
C ASP F 79 65.26 -30.18 0.82
N LEU F 80 65.45 -30.97 -0.23
CA LEU F 80 64.37 -31.55 -1.00
C LEU F 80 64.06 -32.99 -0.60
N ARG F 81 62.76 -33.28 -0.34
CA ARG F 81 62.20 -34.63 -0.21
C ARG F 81 61.30 -34.93 -1.42
N PRO F 82 61.25 -36.19 -1.88
CA PRO F 82 60.62 -36.50 -3.18
C PRO F 82 59.14 -36.16 -3.34
N GLU F 83 58.55 -35.38 -2.44
CA GLU F 83 57.23 -34.80 -2.70
C GLU F 83 57.29 -33.81 -3.85
N ASP F 84 58.49 -33.41 -4.24
CA ASP F 84 58.85 -32.45 -5.27
C ASP F 84 58.87 -33.08 -6.66
N GLU F 85 58.65 -34.35 -6.72
CA GLU F 85 58.86 -34.91 -7.98
C GLU F 85 58.07 -35.05 -9.08
N THR F 86 57.90 -33.91 -9.75
CA THR F 86 57.19 -33.69 -11.03
C THR F 86 57.45 -32.20 -11.48
N THR F 87 56.90 -31.79 -12.61
CA THR F 87 57.09 -30.58 -13.39
C THR F 87 56.81 -29.15 -12.94
N TYR F 88 57.79 -28.30 -13.27
CA TYR F 88 57.87 -26.82 -13.03
C TYR F 88 58.06 -26.18 -14.44
N TYR F 89 57.19 -25.24 -14.79
CA TYR F 89 57.17 -24.61 -16.11
C TYR F 89 57.27 -23.09 -15.99
N CYS F 90 57.92 -22.43 -16.95
CA CYS F 90 58.20 -21.01 -16.74
C CYS F 90 57.31 -20.06 -17.50
N CYS F 91 57.35 -18.78 -17.08
CA CYS F 91 56.15 -17.95 -17.23
C CYS F 91 56.59 -16.49 -17.25
N SER F 92 56.41 -15.82 -18.37
CA SER F 92 56.72 -14.40 -18.38
C SER F 92 55.53 -13.56 -18.83
N TYR F 93 55.36 -12.42 -18.17
CA TYR F 93 54.16 -11.62 -18.32
C TYR F 93 54.48 -10.15 -18.07
N THR F 94 53.64 -9.29 -18.65
CA THR F 94 53.70 -7.85 -18.40
C THR F 94 52.28 -7.33 -18.24
N HIS F 95 52.15 -6.28 -17.40
CA HIS F 95 50.90 -5.72 -16.89
C HIS F 95 49.69 -5.87 -17.81
N ASN F 96 49.91 -5.91 -19.13
CA ASN F 96 48.81 -5.96 -20.08
C ASN F 96 48.71 -7.29 -20.84
N SER F 97 49.56 -8.25 -20.54
CA SER F 97 49.71 -9.47 -21.34
C SER F 97 49.50 -10.72 -20.48
N GLY F 98 49.26 -11.87 -21.14
CA GLY F 98 49.13 -13.13 -20.45
C GLY F 98 50.49 -13.76 -20.24
N CYS F 99 50.51 -14.90 -19.60
CA CYS F 99 51.80 -15.51 -19.48
C CYS F 99 52.00 -16.54 -20.61
N VAL F 100 53.15 -17.20 -20.61
CA VAL F 100 53.64 -18.04 -21.71
C VAL F 100 54.22 -19.25 -21.02
N PHE F 101 53.66 -20.44 -21.25
CA PHE F 101 54.16 -21.57 -20.48
C PHE F 101 54.76 -22.64 -21.37
N GLY F 102 55.41 -23.57 -20.68
CA GLY F 102 56.66 -24.13 -21.14
C GLY F 102 56.54 -25.40 -21.93
N THR F 103 57.71 -25.98 -22.20
CA THR F 103 57.91 -27.06 -23.14
C THR F 103 58.41 -28.33 -22.46
N GLY F 104 58.04 -28.56 -21.21
CA GLY F 104 58.28 -29.86 -20.61
C GLY F 104 59.51 -30.03 -19.75
N THR F 105 59.30 -30.05 -18.44
CA THR F 105 60.33 -30.37 -17.46
C THR F 105 59.79 -31.44 -16.55
N LYS F 106 60.68 -32.27 -15.99
CA LYS F 106 60.33 -33.10 -14.82
C LYS F 106 61.58 -33.27 -13.98
N VAL F 107 61.49 -32.88 -12.71
CA VAL F 107 62.54 -33.16 -11.76
C VAL F 107 62.77 -34.67 -11.64
N SER F 108 64.00 -35.08 -11.27
CA SER F 108 64.39 -36.49 -11.03
C SER F 108 65.70 -36.46 -10.28
N VAL F 109 65.70 -36.95 -9.04
CA VAL F 109 66.90 -36.98 -8.19
C VAL F 109 67.23 -38.38 -7.64
N LEU F 110 68.53 -38.70 -7.61
CA LEU F 110 69.05 -39.99 -7.13
C LEU F 110 69.36 -40.04 -5.63
N GLY F 111 69.99 -41.13 -5.19
CA GLY F 111 70.37 -41.32 -3.80
C GLY F 111 69.26 -41.68 -2.81
N GLN F 112 68.19 -42.28 -3.32
CA GLN F 112 67.05 -42.66 -2.53
C GLN F 112 67.09 -44.15 -2.29
N SER F 113 66.38 -44.58 -1.24
CA SER F 113 66.28 -45.97 -0.90
C SER F 113 65.31 -46.62 -1.95
N LYS F 114 65.56 -47.86 -2.35
CA LYS F 114 64.74 -48.57 -3.31
C LYS F 114 63.47 -49.09 -2.66
N ALA F 115 62.49 -49.44 -3.51
CA ALA F 115 61.21 -49.96 -3.07
C ALA F 115 60.87 -51.22 -3.86
N ASN F 116 60.41 -52.25 -3.16
CA ASN F 116 60.11 -53.53 -3.80
C ASN F 116 58.82 -53.44 -4.60
N PRO F 117 58.84 -53.79 -5.88
CA PRO F 117 57.61 -53.72 -6.69
C PRO F 117 56.56 -54.70 -6.19
N SER F 118 55.30 -54.40 -6.53
CA SER F 118 54.17 -55.24 -6.15
C SER F 118 53.39 -55.61 -7.40
N VAL F 119 53.26 -56.91 -7.66
CA VAL F 119 52.62 -57.45 -8.85
C VAL F 119 51.48 -58.36 -8.41
N THR F 120 50.40 -58.39 -9.20
CA THR F 120 49.20 -59.13 -8.79
C THR F 120 48.37 -59.50 -10.02
N LEU F 121 48.33 -60.79 -10.36
CA LEU F 121 47.59 -61.26 -11.52
C LEU F 121 46.15 -61.60 -11.17
N PHE F 122 45.23 -61.12 -11.98
CA PHE F 122 43.84 -61.52 -11.86
C PHE F 122 43.45 -62.34 -13.06
N PRO F 123 43.05 -63.59 -12.84
CA PRO F 123 42.70 -64.47 -13.94
C PRO F 123 41.50 -63.92 -14.69
N PRO F 124 41.23 -64.44 -15.86
CA PRO F 124 40.07 -63.95 -16.60
C PRO F 124 38.80 -64.67 -16.15
N SER F 125 37.92 -63.95 -15.47
CA SER F 125 36.88 -64.56 -14.63
C SER F 125 35.83 -65.30 -15.47
N SER F 126 34.90 -65.95 -14.75
CA SER F 126 33.97 -66.88 -15.37
C SER F 126 32.94 -66.17 -16.24
N GLU F 127 32.48 -65.00 -15.80
CA GLU F 127 31.45 -64.24 -16.49
C GLU F 127 31.98 -63.49 -17.70
N GLU F 128 33.16 -63.87 -18.19
CA GLU F 128 33.89 -63.10 -19.19
C GLU F 128 33.78 -63.68 -20.59
N LEU F 129 34.00 -64.99 -20.74
CA LEU F 129 33.86 -65.65 -22.02
C LEU F 129 32.42 -66.05 -22.31
N GLN F 130 31.46 -65.49 -21.57
CA GLN F 130 30.07 -65.48 -21.99
C GLN F 130 29.80 -64.40 -23.03
N ALA F 131 30.81 -63.61 -23.38
CA ALA F 131 30.64 -62.43 -24.24
C ALA F 131 30.70 -62.76 -25.73
N ASN F 132 31.78 -63.38 -26.22
CA ASN F 132 32.92 -63.95 -25.48
C ASN F 132 34.22 -63.23 -25.81
N LYS F 133 34.72 -62.43 -24.88
CA LYS F 133 35.99 -61.73 -25.05
C LYS F 133 36.74 -61.72 -23.73
N ALA F 134 38.06 -61.83 -23.79
CA ALA F 134 38.87 -61.90 -22.59
C ALA F 134 40.04 -60.92 -22.65
N THR F 135 40.62 -60.70 -21.48
CA THR F 135 41.86 -59.96 -21.36
C THR F 135 42.49 -60.12 -19.97
N LEU F 136 43.69 -60.68 -19.93
CA LEU F 136 44.41 -60.87 -18.68
C LEU F 136 45.11 -59.59 -18.28
N VAL F 137 44.96 -59.19 -17.01
CA VAL F 137 45.61 -57.98 -16.48
C VAL F 137 46.18 -58.28 -15.09
N CYS F 138 47.23 -57.55 -14.71
CA CYS F 138 48.14 -57.98 -13.65
C CYS F 138 49.10 -56.83 -13.26
N LEU F 139 48.64 -55.89 -12.43
CA LEU F 139 49.17 -54.53 -12.53
C LEU F 139 50.22 -54.21 -11.47
N ILE F 140 51.17 -53.34 -11.80
CA ILE F 140 52.29 -53.08 -10.87
C ILE F 140 52.37 -51.74 -10.15
N SER F 141 52.60 -51.81 -8.85
CA SER F 141 52.68 -50.63 -8.00
C SER F 141 53.80 -50.80 -6.99
N ASP F 142 53.95 -49.79 -6.14
CA ASP F 142 54.94 -49.74 -5.05
C ASP F 142 56.40 -49.84 -5.48
N PHE F 143 56.71 -49.26 -6.63
CA PHE F 143 58.08 -49.29 -7.14
C PHE F 143 58.60 -47.97 -7.72
N TYR F 144 59.83 -47.61 -7.38
CA TYR F 144 60.44 -46.46 -8.02
C TYR F 144 61.95 -46.67 -7.99
N PRO F 145 62.68 -46.29 -9.05
CA PRO F 145 62.33 -45.79 -10.39
C PRO F 145 61.13 -46.45 -11.07
N GLY F 146 60.10 -45.63 -11.31
CA GLY F 146 58.88 -46.07 -11.94
C GLY F 146 58.98 -46.26 -13.44
N ALA F 147 59.97 -47.03 -13.88
CA ALA F 147 60.21 -47.28 -15.29
C ALA F 147 60.56 -48.75 -15.47
N VAL F 148 59.70 -49.49 -16.17
CA VAL F 148 59.79 -50.95 -16.21
C VAL F 148 59.20 -51.45 -17.53
N THR F 149 59.79 -52.52 -18.06
CA THR F 149 59.24 -53.27 -19.19
C THR F 149 58.66 -54.58 -18.68
N VAL F 150 57.55 -55.01 -19.28
CA VAL F 150 56.82 -56.21 -18.87
C VAL F 150 56.30 -56.92 -20.11
N ALA F 151 56.31 -58.24 -20.10
CA ALA F 151 56.04 -59.06 -21.28
C ALA F 151 54.78 -59.91 -21.08
N TRP F 152 54.44 -60.64 -22.10
CA TRP F 152 53.33 -61.60 -22.13
C TRP F 152 53.86 -62.96 -22.46
N LYS F 153 53.11 -64.01 -22.07
CA LYS F 153 53.33 -65.44 -22.48
C LYS F 153 52.31 -66.46 -22.07
N ALA F 154 51.73 -67.15 -23.04
CA ALA F 154 50.95 -68.35 -22.78
C ALA F 154 51.88 -69.53 -23.13
N ASP F 155 52.07 -70.42 -22.16
CA ASP F 155 52.85 -71.64 -22.33
C ASP F 155 54.31 -71.50 -22.71
N SER F 156 54.91 -70.37 -22.32
CA SER F 156 56.34 -70.16 -22.50
C SER F 156 56.77 -70.29 -23.97
N SER F 157 55.84 -70.03 -24.90
CA SER F 157 56.10 -70.20 -26.33
C SER F 157 55.59 -68.98 -27.09
N PRO F 158 56.43 -68.38 -27.96
CA PRO F 158 56.17 -67.02 -28.48
C PRO F 158 54.74 -66.71 -28.91
N VAL F 159 54.00 -66.02 -28.05
CA VAL F 159 52.76 -65.37 -28.45
C VAL F 159 53.11 -64.00 -29.03
N LYS F 160 52.37 -63.57 -30.04
CA LYS F 160 52.71 -62.32 -30.71
C LYS F 160 51.48 -61.64 -31.32
N ALA F 161 50.43 -61.47 -30.50
CA ALA F 161 49.33 -60.57 -30.85
C ALA F 161 48.50 -60.25 -29.61
N GLY F 162 48.43 -58.97 -29.23
CA GLY F 162 47.34 -58.47 -28.41
C GLY F 162 47.60 -57.95 -27.01
N VAL F 163 48.67 -57.18 -26.79
CA VAL F 163 48.95 -56.62 -25.47
C VAL F 163 49.16 -55.12 -25.57
N GLU F 164 48.57 -54.40 -24.62
CA GLU F 164 48.84 -52.99 -24.37
C GLU F 164 49.60 -52.87 -23.06
N THR F 165 50.24 -51.71 -22.84
CA THR F 165 50.54 -51.32 -21.47
C THR F 165 50.94 -49.86 -21.34
N THR F 166 50.45 -49.25 -20.29
CA THR F 166 50.17 -47.85 -20.14
C THR F 166 51.43 -47.02 -19.88
N THR F 167 51.25 -45.72 -20.06
CA THR F 167 52.06 -44.75 -19.35
C THR F 167 51.83 -44.90 -17.85
N PRO F 168 52.88 -44.82 -17.04
CA PRO F 168 52.68 -44.79 -15.59
C PRO F 168 52.16 -43.43 -15.14
N SER F 169 51.16 -43.45 -14.26
CA SER F 169 50.63 -42.25 -13.64
C SER F 169 50.70 -42.37 -12.13
N LYS F 170 51.05 -41.27 -11.46
CA LYS F 170 51.44 -41.29 -10.06
C LYS F 170 50.46 -40.49 -9.22
N GLN F 171 49.92 -41.11 -8.18
CA GLN F 171 49.12 -40.41 -7.19
C GLN F 171 49.45 -40.85 -5.77
N SER F 172 50.35 -41.81 -5.58
CA SER F 172 50.74 -42.23 -4.25
C SER F 172 51.62 -41.16 -3.59
N ASN F 173 51.92 -41.39 -2.31
CA ASN F 173 52.75 -40.44 -1.58
C ASN F 173 54.17 -40.38 -2.14
N ASN F 174 54.70 -41.53 -2.56
CA ASN F 174 56.07 -41.59 -3.03
C ASN F 174 56.22 -42.51 -4.24
N LYS F 175 55.51 -43.63 -4.24
CA LYS F 175 55.74 -44.69 -5.20
C LYS F 175 54.88 -44.49 -6.46
N TYR F 176 55.02 -45.41 -7.42
CA TYR F 176 54.55 -45.22 -8.78
C TYR F 176 53.95 -46.52 -9.31
N ALA F 177 53.06 -46.40 -10.31
CA ALA F 177 52.42 -47.53 -10.96
C ALA F 177 52.22 -47.31 -12.46
N ALA F 178 51.96 -48.41 -13.16
CA ALA F 178 51.49 -48.42 -14.53
C ALA F 178 50.64 -49.67 -14.73
N SER F 179 50.14 -49.86 -15.96
CA SER F 179 49.20 -50.95 -16.25
C SER F 179 49.57 -51.62 -17.57
N SER F 180 49.11 -52.88 -17.73
CA SER F 180 49.44 -53.77 -18.84
C SER F 180 48.40 -54.87 -18.96
N TYR F 181 48.16 -55.35 -20.20
CA TYR F 181 47.25 -56.48 -20.33
C TYR F 181 47.19 -57.03 -21.77
N LEU F 182 46.37 -58.08 -21.95
CA LEU F 182 46.48 -59.02 -23.06
C LEU F 182 45.12 -59.39 -23.65
N SER F 183 44.90 -59.06 -24.93
CA SER F 183 43.63 -59.24 -25.65
C SER F 183 43.50 -60.67 -26.22
N LEU F 184 42.32 -60.98 -26.77
CA LEU F 184 41.80 -62.34 -26.83
C LEU F 184 41.48 -62.89 -28.22
N THR F 185 41.44 -64.23 -28.28
CA THR F 185 40.76 -65.15 -29.21
C THR F 185 40.55 -66.41 -28.37
N PRO F 186 39.30 -66.97 -28.31
CA PRO F 186 38.87 -67.73 -27.11
C PRO F 186 39.69 -68.96 -26.76
N GLU F 187 39.60 -70.01 -27.55
CA GLU F 187 40.34 -71.22 -27.25
C GLU F 187 41.69 -71.26 -27.26
N GLN F 188 42.35 -70.37 -27.93
CA GLN F 188 43.79 -70.49 -28.20
C GLN F 188 44.73 -70.78 -26.91
N TRP F 189 44.17 -70.35 -25.76
CA TRP F 189 44.53 -70.22 -24.30
C TRP F 189 44.44 -71.41 -23.48
N LYS F 190 43.32 -72.08 -23.50
CA LYS F 190 43.33 -73.39 -22.90
C LYS F 190 43.95 -74.38 -23.94
N SER F 191 44.38 -73.84 -25.11
CA SER F 191 45.26 -74.51 -25.98
C SER F 191 46.61 -74.58 -25.14
N HIS F 192 46.89 -73.56 -24.31
CA HIS F 192 48.07 -73.57 -23.45
C HIS F 192 47.78 -74.33 -22.16
N ARG F 193 48.76 -74.33 -21.25
CA ARG F 193 48.65 -74.97 -19.95
C ARG F 193 48.68 -73.99 -18.78
N SER F 194 49.52 -72.96 -18.83
CA SER F 194 49.50 -71.89 -17.81
C SER F 194 50.11 -70.63 -18.41
N TYR F 195 50.32 -69.62 -17.58
CA TYR F 195 50.53 -68.25 -18.04
C TYR F 195 51.80 -67.62 -17.45
N SER F 196 51.87 -66.28 -17.53
CA SER F 196 53.02 -65.44 -17.18
C SER F 196 52.61 -63.97 -17.33
N CYS F 197 53.06 -63.07 -16.35
CA CYS F 197 53.08 -61.59 -16.45
C CYS F 197 54.45 -61.13 -15.92
N GLN F 198 55.51 -61.26 -16.77
CA GLN F 198 56.90 -61.02 -16.31
C GLN F 198 57.21 -59.54 -16.11
N VAL F 199 57.59 -59.15 -14.90
CA VAL F 199 57.94 -57.75 -14.58
C VAL F 199 59.45 -57.64 -14.42
N THR F 200 60.08 -56.80 -15.24
CA THR F 200 61.55 -56.69 -15.30
C THR F 200 61.98 -55.31 -14.84
N HIS F 201 62.82 -55.28 -13.81
CA HIS F 201 63.51 -54.07 -13.38
C HIS F 201 65.00 -54.20 -13.69
N GLU F 202 65.71 -53.07 -13.56
CA GLU F 202 67.16 -53.11 -13.67
C GLU F 202 67.81 -53.75 -12.45
N GLY F 203 67.07 -53.92 -11.36
CA GLY F 203 67.61 -54.50 -10.15
C GLY F 203 67.24 -55.96 -9.96
N SER F 204 66.01 -56.33 -10.34
CA SER F 204 65.55 -57.69 -10.17
C SER F 204 64.40 -57.95 -11.13
N THR F 205 64.14 -59.24 -11.37
CA THR F 205 63.08 -59.67 -12.28
C THR F 205 62.12 -60.58 -11.52
N VAL F 206 60.86 -60.18 -11.46
CA VAL F 206 59.80 -60.95 -10.80
C VAL F 206 58.82 -61.42 -11.86
N GLU F 207 58.30 -62.64 -11.69
CA GLU F 207 57.34 -63.19 -12.63
C GLU F 207 56.25 -63.93 -11.86
N LYS F 208 55.00 -63.69 -12.24
CA LYS F 208 53.86 -64.41 -11.70
C LYS F 208 53.25 -65.28 -12.79
N THR F 209 52.61 -66.37 -12.36
CA THR F 209 52.05 -67.35 -13.29
C THR F 209 50.69 -67.78 -12.76
N VAL F 210 49.66 -67.65 -13.60
CA VAL F 210 48.33 -68.15 -13.26
C VAL F 210 48.11 -69.46 -14.00
N ALA F 211 47.84 -70.52 -13.24
CA ALA F 211 47.38 -71.77 -13.80
C ALA F 211 45.86 -71.69 -13.91
N PRO F 212 45.31 -71.42 -15.09
CA PRO F 212 43.86 -71.17 -15.20
C PRO F 212 43.00 -72.43 -15.28
N THR F 213 43.59 -73.62 -15.28
CA THR F 213 42.80 -74.83 -15.06
C THR F 213 42.14 -74.77 -13.69
N GLU F 214 42.80 -74.14 -12.72
CA GLU F 214 42.22 -73.90 -11.41
C GLU F 214 41.64 -72.49 -11.32
#